data_3DNX
# 
_entry.id   3DNX 
# 
_audit_conform.dict_name       mmcif_pdbx.dic 
_audit_conform.dict_version    5.398 
_audit_conform.dict_location   http://mmcif.pdb.org/dictionaries/ascii/mmcif_pdbx.dic 
# 
loop_
_database_2.database_id 
_database_2.database_code 
_database_2.pdbx_database_accession 
_database_2.pdbx_DOI 
PDB   3DNX         pdb_00003dnx 10.2210/pdb3dnx/pdb 
RCSB  RCSB048271   ?            ?                   
WWPDB D_1000048271 ?            ?                   
# 
loop_
_pdbx_audit_revision_history.ordinal 
_pdbx_audit_revision_history.data_content_type 
_pdbx_audit_revision_history.major_revision 
_pdbx_audit_revision_history.minor_revision 
_pdbx_audit_revision_history.revision_date 
1 'Structure model' 1 0 2008-09-02 
2 'Structure model' 1 1 2011-07-13 
3 'Structure model' 1 2 2017-10-25 
4 'Structure model' 1 3 2024-11-13 
# 
_pdbx_audit_revision_details.ordinal             1 
_pdbx_audit_revision_details.revision_ordinal    1 
_pdbx_audit_revision_details.data_content_type   'Structure model' 
_pdbx_audit_revision_details.provider            repository 
_pdbx_audit_revision_details.type                'Initial release' 
_pdbx_audit_revision_details.description         ? 
_pdbx_audit_revision_details.details             ? 
# 
loop_
_pdbx_audit_revision_group.ordinal 
_pdbx_audit_revision_group.revision_ordinal 
_pdbx_audit_revision_group.data_content_type 
_pdbx_audit_revision_group.group 
1 2 'Structure model' Advisory                    
2 2 'Structure model' 'Version format compliance' 
3 3 'Structure model' 'Refinement description'    
4 4 'Structure model' 'Data collection'           
5 4 'Structure model' 'Database references'       
6 4 'Structure model' 'Derived calculations'      
7 4 'Structure model' 'Structure summary'         
# 
loop_
_pdbx_audit_revision_category.ordinal 
_pdbx_audit_revision_category.revision_ordinal 
_pdbx_audit_revision_category.data_content_type 
_pdbx_audit_revision_category.category 
1  3 'Structure model' software                  
2  4 'Structure model' chem_comp_atom            
3  4 'Structure model' chem_comp_bond            
4  4 'Structure model' database_2                
5  4 'Structure model' pdbx_entry_details        
6  4 'Structure model' pdbx_modification_feature 
7  4 'Structure model' pdbx_struct_conn_angle    
8  4 'Structure model' struct_conn               
9  4 'Structure model' struct_ref_seq_dif        
10 4 'Structure model' struct_site               
# 
loop_
_pdbx_audit_revision_item.ordinal 
_pdbx_audit_revision_item.revision_ordinal 
_pdbx_audit_revision_item.data_content_type 
_pdbx_audit_revision_item.item 
1  3 'Structure model' '_software.classification'                  
2  3 'Structure model' '_software.contact_author'                  
3  3 'Structure model' '_software.contact_author_email'            
4  3 'Structure model' '_software.date'                            
5  3 'Structure model' '_software.language'                        
6  3 'Structure model' '_software.location'                        
7  3 'Structure model' '_software.name'                            
8  3 'Structure model' '_software.type'                            
9  3 'Structure model' '_software.version'                         
10 4 'Structure model' '_database_2.pdbx_DOI'                      
11 4 'Structure model' '_database_2.pdbx_database_accession'       
12 4 'Structure model' '_pdbx_struct_conn_angle.ptnr1_auth_seq_id' 
13 4 'Structure model' '_pdbx_struct_conn_angle.ptnr3_auth_seq_id' 
14 4 'Structure model' '_pdbx_struct_conn_angle.value'             
15 4 'Structure model' '_struct_conn.pdbx_dist_value'              
16 4 'Structure model' '_struct_conn.pdbx_leaving_atom_flag'       
17 4 'Structure model' '_struct_conn.ptnr2_auth_seq_id'            
18 4 'Structure model' '_struct_ref_seq_dif.details'               
19 4 'Structure model' '_struct_site.pdbx_auth_asym_id'            
20 4 'Structure model' '_struct_site.pdbx_auth_comp_id'            
21 4 'Structure model' '_struct_site.pdbx_auth_seq_id'             
# 
_pdbx_database_status.entry_id                        3DNX 
_pdbx_database_status.deposit_site                    RCSB 
_pdbx_database_status.process_site                    RCSB 
_pdbx_database_status.recvd_initial_deposition_date   2008-07-02 
_pdbx_database_status.status_code                     REL 
_pdbx_database_status.status_code_sf                  REL 
_pdbx_database_status.status_code_mr                  ? 
_pdbx_database_status.SG_entry                        Y 
_pdbx_database_status.pdb_format_compatible           Y 
_pdbx_database_status.status_code_cs                  ? 
_pdbx_database_status.methods_development_category    ? 
_pdbx_database_status.status_code_nmr_data            ? 
# 
_pdbx_database_related.db_name        TargetDB 
_pdbx_database_related.db_id          APC88088 
_pdbx_database_related.details        . 
_pdbx_database_related.content_type   unspecified 
# 
loop_
_audit_author.name 
_audit_author.pdbx_ordinal 
'Osipiuk, J.'                                   1 
'Mulligan, R.'                                  2 
'Clancy, S.'                                    3 
'Joachimiak, A.'                                4 
'Midwest Center for Structural Genomics (MCSG)' 5 
# 
_citation.id                        primary 
_citation.title                     'X-ray crystal structure of SPO1766 protein of unknown function from Silicibacter pomeroyi.' 
_citation.journal_abbrev            'To be Published' 
_citation.journal_volume            ? 
_citation.page_first                ? 
_citation.page_last                 ? 
_citation.year                      ? 
_citation.journal_id_ASTM           ? 
_citation.country                   ? 
_citation.journal_id_ISSN           ? 
_citation.journal_id_CSD            0353 
_citation.book_publisher            ? 
_citation.pdbx_database_id_PubMed   ? 
_citation.pdbx_database_id_DOI      ? 
# 
loop_
_citation_author.citation_id 
_citation_author.name 
_citation_author.ordinal 
_citation_author.identifier_ORCID 
primary 'Osipiuk, J.'    1 ? 
primary 'Mulligan, R.'   2 ? 
primary 'Clancy, S.'     3 ? 
primary 'Joachimiak, A.' 4 ? 
# 
loop_
_entity.id 
_entity.type 
_entity.src_method 
_entity.pdbx_description 
_entity.formula_weight 
_entity.pdbx_number_of_molecules 
_entity.pdbx_ec 
_entity.pdbx_mutation 
_entity.pdbx_fragment 
_entity.details 
1 polymer     man 'uncharacterized protein SPO1766' 17503.332 1   ? ? ? ? 
2 non-polymer syn 'SODIUM ION'                      22.990    2   ? ? ? ? 
3 water       nat water                             18.015    121 ? ? ? ? 
# 
_entity_poly.entity_id                      1 
_entity_poly.type                           'polypeptide(L)' 
_entity_poly.nstd_linkage                   no 
_entity_poly.nstd_monomer                   yes 
_entity_poly.pdbx_seq_one_letter_code       
;SNA(MSE)P(MSE)TLDLQPGQRLARGVARHLRAHGFVSVEEFVPARGLRVDV(MSE)GLGPKGEIWVIECKSSRADFQA
DAKWQGYLEWCDRYFWAVD(MSE)EFPAELLPAESGLLIADAYDAEIVR(MSE)APEQKLAPARRKVLIQKFATHAARRL
QALRDPEGHGIFE
;
_entity_poly.pdbx_seq_one_letter_code_can   
;SNAMPMTLDLQPGQRLARGVARHLRAHGFVSVEEFVPARGLRVDVMGLGPKGEIWVIECKSSRADFQADAKWQGYLEWCD
RYFWAVDMEFPAELLPAESGLLIADAYDAEIVRMAPEQKLAPARRKVLIQKFATHAARRLQALRDPEGHGIFE
;
_entity_poly.pdbx_strand_id                 A 
_entity_poly.pdbx_target_identifier         APC88088 
# 
loop_
_pdbx_entity_nonpoly.entity_id 
_pdbx_entity_nonpoly.name 
_pdbx_entity_nonpoly.comp_id 
2 'SODIUM ION' NA  
3 water        HOH 
# 
loop_
_entity_poly_seq.entity_id 
_entity_poly_seq.num 
_entity_poly_seq.mon_id 
_entity_poly_seq.hetero 
1 1   SER n 
1 2   ASN n 
1 3   ALA n 
1 4   MSE n 
1 5   PRO n 
1 6   MSE n 
1 7   THR n 
1 8   LEU n 
1 9   ASP n 
1 10  LEU n 
1 11  GLN n 
1 12  PRO n 
1 13  GLY n 
1 14  GLN n 
1 15  ARG n 
1 16  LEU n 
1 17  ALA n 
1 18  ARG n 
1 19  GLY n 
1 20  VAL n 
1 21  ALA n 
1 22  ARG n 
1 23  HIS n 
1 24  LEU n 
1 25  ARG n 
1 26  ALA n 
1 27  HIS n 
1 28  GLY n 
1 29  PHE n 
1 30  VAL n 
1 31  SER n 
1 32  VAL n 
1 33  GLU n 
1 34  GLU n 
1 35  PHE n 
1 36  VAL n 
1 37  PRO n 
1 38  ALA n 
1 39  ARG n 
1 40  GLY n 
1 41  LEU n 
1 42  ARG n 
1 43  VAL n 
1 44  ASP n 
1 45  VAL n 
1 46  MSE n 
1 47  GLY n 
1 48  LEU n 
1 49  GLY n 
1 50  PRO n 
1 51  LYS n 
1 52  GLY n 
1 53  GLU n 
1 54  ILE n 
1 55  TRP n 
1 56  VAL n 
1 57  ILE n 
1 58  GLU n 
1 59  CYS n 
1 60  LYS n 
1 61  SER n 
1 62  SER n 
1 63  ARG n 
1 64  ALA n 
1 65  ASP n 
1 66  PHE n 
1 67  GLN n 
1 68  ALA n 
1 69  ASP n 
1 70  ALA n 
1 71  LYS n 
1 72  TRP n 
1 73  GLN n 
1 74  GLY n 
1 75  TYR n 
1 76  LEU n 
1 77  GLU n 
1 78  TRP n 
1 79  CYS n 
1 80  ASP n 
1 81  ARG n 
1 82  TYR n 
1 83  PHE n 
1 84  TRP n 
1 85  ALA n 
1 86  VAL n 
1 87  ASP n 
1 88  MSE n 
1 89  GLU n 
1 90  PHE n 
1 91  PRO n 
1 92  ALA n 
1 93  GLU n 
1 94  LEU n 
1 95  LEU n 
1 96  PRO n 
1 97  ALA n 
1 98  GLU n 
1 99  SER n 
1 100 GLY n 
1 101 LEU n 
1 102 LEU n 
1 103 ILE n 
1 104 ALA n 
1 105 ASP n 
1 106 ALA n 
1 107 TYR n 
1 108 ASP n 
1 109 ALA n 
1 110 GLU n 
1 111 ILE n 
1 112 VAL n 
1 113 ARG n 
1 114 MSE n 
1 115 ALA n 
1 116 PRO n 
1 117 GLU n 
1 118 GLN n 
1 119 LYS n 
1 120 LEU n 
1 121 ALA n 
1 122 PRO n 
1 123 ALA n 
1 124 ARG n 
1 125 ARG n 
1 126 LYS n 
1 127 VAL n 
1 128 LEU n 
1 129 ILE n 
1 130 GLN n 
1 131 LYS n 
1 132 PHE n 
1 133 ALA n 
1 134 THR n 
1 135 HIS n 
1 136 ALA n 
1 137 ALA n 
1 138 ARG n 
1 139 ARG n 
1 140 LEU n 
1 141 GLN n 
1 142 ALA n 
1 143 LEU n 
1 144 ARG n 
1 145 ASP n 
1 146 PRO n 
1 147 GLU n 
1 148 GLY n 
1 149 HIS n 
1 150 GLY n 
1 151 ILE n 
1 152 PHE n 
1 153 GLU n 
# 
_entity_src_gen.entity_id                          1 
_entity_src_gen.pdbx_src_id                        1 
_entity_src_gen.pdbx_alt_source_flag               sample 
_entity_src_gen.pdbx_seq_type                      ? 
_entity_src_gen.pdbx_beg_seq_num                   ? 
_entity_src_gen.pdbx_end_seq_num                   ? 
_entity_src_gen.gene_src_common_name               ? 
_entity_src_gen.gene_src_genus                     ? 
_entity_src_gen.pdbx_gene_src_gene                 SPO1766 
_entity_src_gen.gene_src_species                   ? 
_entity_src_gen.gene_src_strain                    DSS-3 
_entity_src_gen.gene_src_tissue                    ? 
_entity_src_gen.gene_src_tissue_fraction           ? 
_entity_src_gen.gene_src_details                   ? 
_entity_src_gen.pdbx_gene_src_fragment             ? 
_entity_src_gen.pdbx_gene_src_scientific_name      'Silicibacter pomeroyi' 
_entity_src_gen.pdbx_gene_src_ncbi_taxonomy_id     89184 
_entity_src_gen.pdbx_gene_src_variant              ? 
_entity_src_gen.pdbx_gene_src_cell_line            ? 
_entity_src_gen.pdbx_gene_src_atcc                 ? 
_entity_src_gen.pdbx_gene_src_organ                ? 
_entity_src_gen.pdbx_gene_src_organelle            ? 
_entity_src_gen.pdbx_gene_src_cell                 ? 
_entity_src_gen.pdbx_gene_src_cellular_location    ? 
_entity_src_gen.host_org_common_name               ? 
_entity_src_gen.pdbx_host_org_scientific_name      'Escherichia coli' 
_entity_src_gen.pdbx_host_org_ncbi_taxonomy_id     562 
_entity_src_gen.host_org_genus                     ? 
_entity_src_gen.pdbx_host_org_gene                 ? 
_entity_src_gen.pdbx_host_org_organ                ? 
_entity_src_gen.host_org_species                   ? 
_entity_src_gen.pdbx_host_org_tissue               ? 
_entity_src_gen.pdbx_host_org_tissue_fraction      ? 
_entity_src_gen.pdbx_host_org_strain               'BL21(DE3)' 
_entity_src_gen.pdbx_host_org_variant              ? 
_entity_src_gen.pdbx_host_org_cell_line            ? 
_entity_src_gen.pdbx_host_org_atcc                 ? 
_entity_src_gen.pdbx_host_org_culture_collection   ? 
_entity_src_gen.pdbx_host_org_cell                 ? 
_entity_src_gen.pdbx_host_org_organelle            ? 
_entity_src_gen.pdbx_host_org_cellular_location    ? 
_entity_src_gen.pdbx_host_org_vector_type          plasmid 
_entity_src_gen.pdbx_host_org_vector               ? 
_entity_src_gen.host_org_details                   ? 
_entity_src_gen.expression_system_id               ? 
_entity_src_gen.plasmid_name                       pMCSG19b 
_entity_src_gen.plasmid_details                    ? 
_entity_src_gen.pdbx_description                   ? 
# 
loop_
_chem_comp.id 
_chem_comp.type 
_chem_comp.mon_nstd_flag 
_chem_comp.name 
_chem_comp.pdbx_synonyms 
_chem_comp.formula 
_chem_comp.formula_weight 
ALA 'L-peptide linking' y ALANINE          ? 'C3 H7 N O2'     89.093  
ARG 'L-peptide linking' y ARGININE         ? 'C6 H15 N4 O2 1' 175.209 
ASN 'L-peptide linking' y ASPARAGINE       ? 'C4 H8 N2 O3'    132.118 
ASP 'L-peptide linking' y 'ASPARTIC ACID'  ? 'C4 H7 N O4'     133.103 
CYS 'L-peptide linking' y CYSTEINE         ? 'C3 H7 N O2 S'   121.158 
GLN 'L-peptide linking' y GLUTAMINE        ? 'C5 H10 N2 O3'   146.144 
GLU 'L-peptide linking' y 'GLUTAMIC ACID'  ? 'C5 H9 N O4'     147.129 
GLY 'peptide linking'   y GLYCINE          ? 'C2 H5 N O2'     75.067  
HIS 'L-peptide linking' y HISTIDINE        ? 'C6 H10 N3 O2 1' 156.162 
HOH non-polymer         . WATER            ? 'H2 O'           18.015  
ILE 'L-peptide linking' y ISOLEUCINE       ? 'C6 H13 N O2'    131.173 
LEU 'L-peptide linking' y LEUCINE          ? 'C6 H13 N O2'    131.173 
LYS 'L-peptide linking' y LYSINE           ? 'C6 H15 N2 O2 1' 147.195 
MSE 'L-peptide linking' n SELENOMETHIONINE ? 'C5 H11 N O2 Se' 196.106 
NA  non-polymer         . 'SODIUM ION'     ? 'Na 1'           22.990  
PHE 'L-peptide linking' y PHENYLALANINE    ? 'C9 H11 N O2'    165.189 
PRO 'L-peptide linking' y PROLINE          ? 'C5 H9 N O2'     115.130 
SER 'L-peptide linking' y SERINE           ? 'C3 H7 N O3'     105.093 
THR 'L-peptide linking' y THREONINE        ? 'C4 H9 N O3'     119.119 
TRP 'L-peptide linking' y TRYPTOPHAN       ? 'C11 H12 N2 O2'  204.225 
TYR 'L-peptide linking' y TYROSINE         ? 'C9 H11 N O3'    181.189 
VAL 'L-peptide linking' y VALINE           ? 'C5 H11 N O2'    117.146 
# 
loop_
_pdbx_poly_seq_scheme.asym_id 
_pdbx_poly_seq_scheme.entity_id 
_pdbx_poly_seq_scheme.seq_id 
_pdbx_poly_seq_scheme.mon_id 
_pdbx_poly_seq_scheme.ndb_seq_num 
_pdbx_poly_seq_scheme.pdb_seq_num 
_pdbx_poly_seq_scheme.auth_seq_num 
_pdbx_poly_seq_scheme.pdb_mon_id 
_pdbx_poly_seq_scheme.auth_mon_id 
_pdbx_poly_seq_scheme.pdb_strand_id 
_pdbx_poly_seq_scheme.pdb_ins_code 
_pdbx_poly_seq_scheme.hetero 
A 1 1   SER 1   -2  ?   ?   ?   A . n 
A 1 2   ASN 2   -1  ?   ?   ?   A . n 
A 1 3   ALA 3   0   ?   ?   ?   A . n 
A 1 4   MSE 4   1   ?   ?   ?   A . n 
A 1 5   PRO 5   2   ?   ?   ?   A . n 
A 1 6   MSE 6   3   ?   ?   ?   A . n 
A 1 7   THR 7   4   ?   ?   ?   A . n 
A 1 8   LEU 8   5   5   LEU LEU A . n 
A 1 9   ASP 9   6   6   ASP ASP A . n 
A 1 10  LEU 10  7   7   LEU LEU A . n 
A 1 11  GLN 11  8   8   GLN GLN A . n 
A 1 12  PRO 12  9   9   PRO PRO A . n 
A 1 13  GLY 13  10  10  GLY GLY A . n 
A 1 14  GLN 14  11  11  GLN GLN A . n 
A 1 15  ARG 15  12  12  ARG ARG A . n 
A 1 16  LEU 16  13  13  LEU LEU A . n 
A 1 17  ALA 17  14  14  ALA ALA A . n 
A 1 18  ARG 18  15  15  ARG ARG A . n 
A 1 19  GLY 19  16  16  GLY GLY A . n 
A 1 20  VAL 20  17  17  VAL VAL A . n 
A 1 21  ALA 21  18  18  ALA ALA A . n 
A 1 22  ARG 22  19  19  ARG ARG A . n 
A 1 23  HIS 23  20  20  HIS HIS A . n 
A 1 24  LEU 24  21  21  LEU LEU A . n 
A 1 25  ARG 25  22  22  ARG ARG A . n 
A 1 26  ALA 26  23  23  ALA ALA A . n 
A 1 27  HIS 27  24  24  HIS HIS A . n 
A 1 28  GLY 28  25  25  GLY GLY A . n 
A 1 29  PHE 29  26  26  PHE PHE A . n 
A 1 30  VAL 30  27  27  VAL VAL A . n 
A 1 31  SER 31  28  28  SER SER A . n 
A 1 32  VAL 32  29  29  VAL VAL A . n 
A 1 33  GLU 33  30  30  GLU GLU A . n 
A 1 34  GLU 34  31  31  GLU GLU A . n 
A 1 35  PHE 35  32  32  PHE PHE A . n 
A 1 36  VAL 36  33  33  VAL VAL A . n 
A 1 37  PRO 37  34  34  PRO PRO A . n 
A 1 38  ALA 38  35  35  ALA ALA A . n 
A 1 39  ARG 39  36  36  ARG ARG A . n 
A 1 40  GLY 40  37  37  GLY GLY A . n 
A 1 41  LEU 41  38  38  LEU LEU A . n 
A 1 42  ARG 42  39  39  ARG ARG A . n 
A 1 43  VAL 43  40  40  VAL VAL A . n 
A 1 44  ASP 44  41  41  ASP ASP A . n 
A 1 45  VAL 45  42  42  VAL VAL A . n 
A 1 46  MSE 46  43  43  MSE MSE A . n 
A 1 47  GLY 47  44  44  GLY GLY A . n 
A 1 48  LEU 48  45  45  LEU LEU A . n 
A 1 49  GLY 49  46  46  GLY GLY A . n 
A 1 50  PRO 50  47  47  PRO PRO A . n 
A 1 51  LYS 51  48  48  LYS LYS A . n 
A 1 52  GLY 52  49  49  GLY GLY A . n 
A 1 53  GLU 53  50  50  GLU GLU A . n 
A 1 54  ILE 54  51  51  ILE ILE A . n 
A 1 55  TRP 55  52  52  TRP TRP A . n 
A 1 56  VAL 56  53  53  VAL VAL A . n 
A 1 57  ILE 57  54  54  ILE ILE A . n 
A 1 58  GLU 58  55  55  GLU GLU A . n 
A 1 59  CYS 59  56  56  CYS CYS A . n 
A 1 60  LYS 60  57  57  LYS LYS A . n 
A 1 61  SER 61  58  58  SER SER A . n 
A 1 62  SER 62  59  59  SER SER A . n 
A 1 63  ARG 63  60  60  ARG ARG A . n 
A 1 64  ALA 64  61  61  ALA ALA A . n 
A 1 65  ASP 65  62  62  ASP ASP A . n 
A 1 66  PHE 66  63  63  PHE PHE A . n 
A 1 67  GLN 67  64  64  GLN GLN A . n 
A 1 68  ALA 68  65  65  ALA ALA A . n 
A 1 69  ASP 69  66  66  ASP ASP A . n 
A 1 70  ALA 70  67  67  ALA ALA A . n 
A 1 71  LYS 71  68  68  LYS LYS A . n 
A 1 72  TRP 72  69  69  TRP TRP A . n 
A 1 73  GLN 73  70  70  GLN GLN A . n 
A 1 74  GLY 74  71  71  GLY GLY A . n 
A 1 75  TYR 75  72  72  TYR TYR A . n 
A 1 76  LEU 76  73  73  LEU LEU A . n 
A 1 77  GLU 77  74  74  GLU GLU A . n 
A 1 78  TRP 78  75  75  TRP TRP A . n 
A 1 79  CYS 79  76  76  CYS CYS A . n 
A 1 80  ASP 80  77  77  ASP ASP A . n 
A 1 81  ARG 81  78  78  ARG ARG A . n 
A 1 82  TYR 82  79  79  TYR TYR A . n 
A 1 83  PHE 83  80  80  PHE PHE A . n 
A 1 84  TRP 84  81  81  TRP TRP A . n 
A 1 85  ALA 85  82  82  ALA ALA A . n 
A 1 86  VAL 86  83  83  VAL VAL A . n 
A 1 87  ASP 87  84  84  ASP ASP A . n 
A 1 88  MSE 88  85  85  MSE MSE A . n 
A 1 89  GLU 89  86  86  GLU GLU A . n 
A 1 90  PHE 90  87  87  PHE PHE A . n 
A 1 91  PRO 91  88  88  PRO PRO A . n 
A 1 92  ALA 92  89  89  ALA ALA A . n 
A 1 93  GLU 93  90  90  GLU GLU A . n 
A 1 94  LEU 94  91  91  LEU LEU A . n 
A 1 95  LEU 95  92  92  LEU LEU A . n 
A 1 96  PRO 96  93  93  PRO PRO A . n 
A 1 97  ALA 97  94  94  ALA ALA A . n 
A 1 98  GLU 98  95  95  GLU GLU A . n 
A 1 99  SER 99  96  96  SER SER A . n 
A 1 100 GLY 100 97  97  GLY GLY A . n 
A 1 101 LEU 101 98  98  LEU LEU A . n 
A 1 102 LEU 102 99  99  LEU LEU A . n 
A 1 103 ILE 103 100 100 ILE ILE A . n 
A 1 104 ALA 104 101 101 ALA ALA A . n 
A 1 105 ASP 105 102 102 ASP ASP A . n 
A 1 106 ALA 106 103 103 ALA ALA A . n 
A 1 107 TYR 107 104 104 TYR TYR A . n 
A 1 108 ASP 108 105 105 ASP ASP A . n 
A 1 109 ALA 109 106 106 ALA ALA A . n 
A 1 110 GLU 110 107 107 GLU GLU A . n 
A 1 111 ILE 111 108 108 ILE ILE A . n 
A 1 112 VAL 112 109 109 VAL VAL A . n 
A 1 113 ARG 113 110 110 ARG ARG A . n 
A 1 114 MSE 114 111 111 MSE MSE A . n 
A 1 115 ALA 115 112 112 ALA ALA A . n 
A 1 116 PRO 116 113 113 PRO PRO A . n 
A 1 117 GLU 117 114 114 GLU GLU A . n 
A 1 118 GLN 118 115 115 GLN GLN A . n 
A 1 119 LYS 119 116 116 LYS LYS A . n 
A 1 120 LEU 120 117 117 LEU LEU A . n 
A 1 121 ALA 121 118 118 ALA ALA A . n 
A 1 122 PRO 122 119 119 PRO PRO A . n 
A 1 123 ALA 123 120 120 ALA ALA A . n 
A 1 124 ARG 124 121 121 ARG ARG A . n 
A 1 125 ARG 125 122 122 ARG ARG A . n 
A 1 126 LYS 126 123 123 LYS LYS A . n 
A 1 127 VAL 127 124 124 VAL VAL A . n 
A 1 128 LEU 128 125 125 LEU LEU A . n 
A 1 129 ILE 129 126 126 ILE ILE A . n 
A 1 130 GLN 130 127 127 GLN GLN A . n 
A 1 131 LYS 131 128 128 LYS LYS A . n 
A 1 132 PHE 132 129 129 PHE PHE A . n 
A 1 133 ALA 133 130 130 ALA ALA A . n 
A 1 134 THR 134 131 131 THR THR A . n 
A 1 135 HIS 135 132 132 HIS HIS A . n 
A 1 136 ALA 136 133 133 ALA ALA A . n 
A 1 137 ALA 137 134 134 ALA ALA A . n 
A 1 138 ARG 138 135 135 ARG ARG A . n 
A 1 139 ARG 139 136 136 ARG ARG A . n 
A 1 140 LEU 140 137 137 LEU LEU A . n 
A 1 141 GLN 141 138 138 GLN GLN A . n 
A 1 142 ALA 142 139 139 ALA ALA A . n 
A 1 143 LEU 143 140 140 LEU LEU A . n 
A 1 144 ARG 144 141 141 ARG ARG A . n 
A 1 145 ASP 145 142 142 ASP ASP A . n 
A 1 146 PRO 146 143 143 PRO PRO A . n 
A 1 147 GLU 147 144 144 GLU GLU A . n 
A 1 148 GLY 148 145 145 GLY GLY A . n 
A 1 149 HIS 149 146 146 HIS HIS A . n 
A 1 150 GLY 150 147 147 GLY GLY A . n 
A 1 151 ILE 151 148 148 ILE ILE A . n 
A 1 152 PHE 152 149 149 PHE PHE A . n 
A 1 153 GLU 153 150 150 GLU GLU A . n 
# 
loop_
_pdbx_nonpoly_scheme.asym_id 
_pdbx_nonpoly_scheme.entity_id 
_pdbx_nonpoly_scheme.mon_id 
_pdbx_nonpoly_scheme.ndb_seq_num 
_pdbx_nonpoly_scheme.pdb_seq_num 
_pdbx_nonpoly_scheme.auth_seq_num 
_pdbx_nonpoly_scheme.pdb_mon_id 
_pdbx_nonpoly_scheme.auth_mon_id 
_pdbx_nonpoly_scheme.pdb_strand_id 
_pdbx_nonpoly_scheme.pdb_ins_code 
B 2 NA  1   201 201 NA  NA  A . 
C 2 NA  1   202 202 NA  NA  A . 
D 3 HOH 1   203 1   HOH HOH A . 
D 3 HOH 2   204 2   HOH HOH A . 
D 3 HOH 3   205 3   HOH HOH A . 
D 3 HOH 4   206 4   HOH HOH A . 
D 3 HOH 5   207 5   HOH HOH A . 
D 3 HOH 6   208 6   HOH HOH A . 
D 3 HOH 7   209 7   HOH HOH A . 
D 3 HOH 8   210 8   HOH HOH A . 
D 3 HOH 9   211 9   HOH HOH A . 
D 3 HOH 10  212 10  HOH HOH A . 
D 3 HOH 11  213 11  HOH HOH A . 
D 3 HOH 12  214 12  HOH HOH A . 
D 3 HOH 13  215 13  HOH HOH A . 
D 3 HOH 14  216 14  HOH HOH A . 
D 3 HOH 15  217 15  HOH HOH A . 
D 3 HOH 16  218 16  HOH HOH A . 
D 3 HOH 17  219 17  HOH HOH A . 
D 3 HOH 18  220 18  HOH HOH A . 
D 3 HOH 19  221 19  HOH HOH A . 
D 3 HOH 20  222 20  HOH HOH A . 
D 3 HOH 21  223 21  HOH HOH A . 
D 3 HOH 22  224 22  HOH HOH A . 
D 3 HOH 23  225 23  HOH HOH A . 
D 3 HOH 24  226 24  HOH HOH A . 
D 3 HOH 25  227 25  HOH HOH A . 
D 3 HOH 26  228 26  HOH HOH A . 
D 3 HOH 27  229 27  HOH HOH A . 
D 3 HOH 28  230 28  HOH HOH A . 
D 3 HOH 29  231 29  HOH HOH A . 
D 3 HOH 30  232 30  HOH HOH A . 
D 3 HOH 31  233 31  HOH HOH A . 
D 3 HOH 32  234 32  HOH HOH A . 
D 3 HOH 33  235 33  HOH HOH A . 
D 3 HOH 34  236 34  HOH HOH A . 
D 3 HOH 35  237 35  HOH HOH A . 
D 3 HOH 36  238 36  HOH HOH A . 
D 3 HOH 37  239 37  HOH HOH A . 
D 3 HOH 38  240 38  HOH HOH A . 
D 3 HOH 39  241 39  HOH HOH A . 
D 3 HOH 40  242 40  HOH HOH A . 
D 3 HOH 41  243 41  HOH HOH A . 
D 3 HOH 42  244 42  HOH HOH A . 
D 3 HOH 43  245 43  HOH HOH A . 
D 3 HOH 44  246 44  HOH HOH A . 
D 3 HOH 45  247 45  HOH HOH A . 
D 3 HOH 46  248 46  HOH HOH A . 
D 3 HOH 47  249 47  HOH HOH A . 
D 3 HOH 48  250 48  HOH HOH A . 
D 3 HOH 49  251 49  HOH HOH A . 
D 3 HOH 50  252 50  HOH HOH A . 
D 3 HOH 51  253 51  HOH HOH A . 
D 3 HOH 52  254 52  HOH HOH A . 
D 3 HOH 53  255 53  HOH HOH A . 
D 3 HOH 54  256 54  HOH HOH A . 
D 3 HOH 55  257 55  HOH HOH A . 
D 3 HOH 56  258 56  HOH HOH A . 
D 3 HOH 57  259 57  HOH HOH A . 
D 3 HOH 58  260 58  HOH HOH A . 
D 3 HOH 59  261 59  HOH HOH A . 
D 3 HOH 60  262 60  HOH HOH A . 
D 3 HOH 61  263 61  HOH HOH A . 
D 3 HOH 62  264 62  HOH HOH A . 
D 3 HOH 63  265 63  HOH HOH A . 
D 3 HOH 64  266 64  HOH HOH A . 
D 3 HOH 65  267 65  HOH HOH A . 
D 3 HOH 66  268 66  HOH HOH A . 
D 3 HOH 67  269 67  HOH HOH A . 
D 3 HOH 68  270 68  HOH HOH A . 
D 3 HOH 69  271 69  HOH HOH A . 
D 3 HOH 70  272 70  HOH HOH A . 
D 3 HOH 71  273 71  HOH HOH A . 
D 3 HOH 72  274 72  HOH HOH A . 
D 3 HOH 73  275 73  HOH HOH A . 
D 3 HOH 74  276 74  HOH HOH A . 
D 3 HOH 75  277 75  HOH HOH A . 
D 3 HOH 76  278 76  HOH HOH A . 
D 3 HOH 77  279 77  HOH HOH A . 
D 3 HOH 78  280 78  HOH HOH A . 
D 3 HOH 79  281 79  HOH HOH A . 
D 3 HOH 80  282 80  HOH HOH A . 
D 3 HOH 81  283 81  HOH HOH A . 
D 3 HOH 82  284 82  HOH HOH A . 
D 3 HOH 83  285 83  HOH HOH A . 
D 3 HOH 84  286 84  HOH HOH A . 
D 3 HOH 85  287 85  HOH HOH A . 
D 3 HOH 86  288 86  HOH HOH A . 
D 3 HOH 87  289 87  HOH HOH A . 
D 3 HOH 88  290 88  HOH HOH A . 
D 3 HOH 89  291 89  HOH HOH A . 
D 3 HOH 90  292 90  HOH HOH A . 
D 3 HOH 91  293 91  HOH HOH A . 
D 3 HOH 92  294 92  HOH HOH A . 
D 3 HOH 93  295 93  HOH HOH A . 
D 3 HOH 94  296 94  HOH HOH A . 
D 3 HOH 95  297 95  HOH HOH A . 
D 3 HOH 96  298 96  HOH HOH A . 
D 3 HOH 97  299 97  HOH HOH A . 
D 3 HOH 98  300 98  HOH HOH A . 
D 3 HOH 99  301 99  HOH HOH A . 
D 3 HOH 100 302 100 HOH HOH A . 
D 3 HOH 101 303 101 HOH HOH A . 
D 3 HOH 102 304 102 HOH HOH A . 
D 3 HOH 103 305 103 HOH HOH A . 
D 3 HOH 104 306 104 HOH HOH A . 
D 3 HOH 105 307 105 HOH HOH A . 
D 3 HOH 106 308 106 HOH HOH A . 
D 3 HOH 107 309 107 HOH HOH A . 
D 3 HOH 108 310 108 HOH HOH A . 
D 3 HOH 109 311 109 HOH HOH A . 
D 3 HOH 110 312 110 HOH HOH A . 
D 3 HOH 111 313 111 HOH HOH A . 
D 3 HOH 112 314 112 HOH HOH A . 
D 3 HOH 113 315 113 HOH HOH A . 
D 3 HOH 114 316 114 HOH HOH A . 
D 3 HOH 115 317 115 HOH HOH A . 
D 3 HOH 116 318 116 HOH HOH A . 
D 3 HOH 117 319 117 HOH HOH A . 
D 3 HOH 118 320 118 HOH HOH A . 
D 3 HOH 119 321 119 HOH HOH A . 
D 3 HOH 120 322 120 HOH HOH A . 
D 3 HOH 121 323 121 HOH HOH A . 
# 
loop_
_software.name 
_software.version 
_software.date 
_software.type 
_software.contact_author 
_software.contact_author_email 
_software.classification 
_software.location 
_software.language 
_software.citation_id 
_software.pdbx_ordinal 
DENZO       .     ?               package 'Zbyszek Otwinowski' hkl@hkl-xray.com      'data reduction'  http://www.hkl-xray.com/ ? 
? 1  
SCALEPACK   .     ?               package 'Zbyszek Otwinowski' hkl@hkl-xray.com      'data scaling'    http://www.hkl-xray.com/ ? 
? 2  
REFMAC      .     ?               program 'Garib N. Murshudov' garib@ysbl.york.ac.uk refinement        
http://www.ccp4.ac.uk/dist/html/refmac5.html Fortran_77 ? 3  
PDB_EXTRACT 3.006 'June 11, 2008' package PDB                  help@deposit.rcsb.org 'data extraction' 
http://sw-tools.pdb.org/apps/PDB_EXTRACT/    C++        ? 4  
SBC-Collect .     ?               ?       ?                    ?                     'data collection' ? ?          ? 5  
HKL-3000    .     ?               ?       ?                    ?                     'data reduction'  ? ?          ? 6  
SHELXD      .     ?               ?       ?                    ?                     phasing           ? ?          ? 7  
MLPHARE     .     ?               ?       ?                    ?                     phasing           ? ?          ? 8  
DM          .     ?               ?       ?                    ?                     phasing           ? ?          ? 9  
SOLVE       .     ?               ?       ?                    ?                     phasing           ? ?          ? 10 
RESOLVE     .     ?               ?       ?                    ?                     phasing           ? ?          ? 11 
HKL-3000    .     ?               ?       ?                    ?                     phasing           ? ?          ? 12 
# 
_cell.entry_id           3DNX 
_cell.length_a           59.892 
_cell.length_b           59.892 
_cell.length_c           99.868 
_cell.angle_alpha        90.000 
_cell.angle_beta         90.000 
_cell.angle_gamma        90.000 
_cell.pdbx_unique_axis   ? 
_cell.Z_PDB              8 
_cell.length_a_esd       ? 
_cell.length_b_esd       ? 
_cell.length_c_esd       ? 
_cell.angle_alpha_esd    ? 
_cell.angle_beta_esd     ? 
_cell.angle_gamma_esd    ? 
# 
_symmetry.entry_id                         3DNX 
_symmetry.Int_Tables_number                91 
_symmetry.space_group_name_H-M             'P 41 2 2' 
_symmetry.pdbx_full_space_group_name_H-M   ? 
_symmetry.cell_setting                     ? 
_symmetry.space_group_name_Hall            ? 
# 
_exptl.crystals_number   1 
_exptl.entry_id          3DNX 
_exptl.method            'X-RAY DIFFRACTION' 
# 
_exptl_crystal.id                    1 
_exptl_crystal.density_Matthews      2.56 
_exptl_crystal.density_meas          ? 
_exptl_crystal.density_percent_sol   51.92 
_exptl_crystal.description           ? 
_exptl_crystal.F_000                 ? 
_exptl_crystal.preparation           ? 
# 
_exptl_crystal_grow.crystal_id      1 
_exptl_crystal_grow.method          'VAPOR DIFFUSION, SITTING DROP' 
_exptl_crystal_grow.pH              6.2 
_exptl_crystal_grow.temp            277 
_exptl_crystal_grow.pdbx_details    
'2.5 M sodium chloride, 0.1 M sodium/potassium phosphate buffer, pH 6.2, VAPOR DIFFUSION, SITTING DROP, temperature 277K' 
_exptl_crystal_grow.temp_details    ? 
_exptl_crystal_grow.pdbx_pH_range   . 
# 
_diffrn.id                     1 
_diffrn.ambient_temp           100 
_diffrn.ambient_temp_details   ? 
_diffrn.crystal_id             1 
# 
_diffrn_detector.diffrn_id              1 
_diffrn_detector.detector               CCD 
_diffrn_detector.type                   'ADSC QUANTUM 315' 
_diffrn_detector.pdbx_collection_date   2008-06-15 
_diffrn_detector.details                ? 
# 
_diffrn_radiation.diffrn_id                        1 
_diffrn_radiation.pdbx_diffrn_protocol             'SINGLE WAVELENGTH' 
_diffrn_radiation.monochromator                    'double crystal monochromator' 
_diffrn_radiation.wavelength_id                    1 
_diffrn_radiation.pdbx_monochromatic_or_laue_m_l   M 
_diffrn_radiation.pdbx_scattering_type             x-ray 
# 
_diffrn_radiation_wavelength.id           1 
_diffrn_radiation_wavelength.wavelength   0.9792 
_diffrn_radiation_wavelength.wt           1.0 
# 
_diffrn_source.diffrn_id                   1 
_diffrn_source.source                      SYNCHROTRON 
_diffrn_source.type                        'APS BEAMLINE 19-ID' 
_diffrn_source.pdbx_wavelength_list        0.9792 
_diffrn_source.pdbx_wavelength             ? 
_diffrn_source.pdbx_synchrotron_site       APS 
_diffrn_source.pdbx_synchrotron_beamline   19-ID 
# 
_reflns.entry_id                     3DNX 
_reflns.d_resolution_high            1.940 
_reflns.d_resolution_low             39.0 
_reflns.number_obs                   14100 
_reflns.pdbx_Rmerge_I_obs            0.106 
_reflns.pdbx_netI_over_sigmaI        10.200 
_reflns.pdbx_chi_squared             1.585 
_reflns.pdbx_redundancy              10.800 
_reflns.percent_possible_obs         100.000 
_reflns.observed_criterion_sigma_F   0 
_reflns.observed_criterion_sigma_I   0 
_reflns.number_all                   14100 
_reflns.pdbx_Rsym_value              ? 
_reflns.B_iso_Wilson_estimate        39.1 
_reflns.R_free_details               ? 
_reflns.limit_h_max                  ? 
_reflns.limit_h_min                  ? 
_reflns.limit_k_max                  ? 
_reflns.limit_k_min                  ? 
_reflns.limit_l_max                  ? 
_reflns.limit_l_min                  ? 
_reflns.observed_criterion_F_max     ? 
_reflns.observed_criterion_F_min     ? 
_reflns.pdbx_scaling_rejects         ? 
_reflns.pdbx_ordinal                 1 
_reflns.pdbx_diffrn_id               1 
# 
_reflns_shell.d_res_high             1.94 
_reflns_shell.d_res_low              1.97 
_reflns_shell.number_measured_obs    ? 
_reflns_shell.number_measured_all    ? 
_reflns_shell.number_unique_obs      ? 
_reflns_shell.Rmerge_I_obs           0.820 
_reflns_shell.meanI_over_sigI_obs    3.01 
_reflns_shell.pdbx_Rsym_value        ? 
_reflns_shell.pdbx_chi_squared       0.950 
_reflns_shell.pdbx_redundancy        11.10 
_reflns_shell.percent_possible_obs   ? 
_reflns_shell.number_unique_all      680 
_reflns_shell.percent_possible_all   100.00 
_reflns_shell.pdbx_ordinal           1 
_reflns_shell.pdbx_diffrn_id         1 
# 
_refine.entry_id                                 3DNX 
_refine.ls_d_res_high                            1.940 
_refine.ls_d_res_low                             39.000 
_refine.pdbx_ls_sigma_F                          0.00 
_refine.ls_percent_reflns_obs                    99.910 
_refine.ls_number_reflns_obs                     14043 
_refine.pdbx_ls_cross_valid_method               THROUGHOUT 
_refine.pdbx_R_Free_selection_details            RANDOM 
_refine.details                                  'HYDROGENS HAVE BEEN ADDED IN THE RIDING POSITIONS' 
_refine.ls_R_factor_obs                          0.174 
_refine.ls_R_factor_R_work                       0.172 
_refine.ls_R_factor_R_free                       0.213 
_refine.ls_percent_reflns_R_free                 5.000 
_refine.ls_number_reflns_R_free                  698 
_refine.B_iso_mean                               34.766 
_refine.aniso_B[1][1]                            -0.730 
_refine.aniso_B[2][2]                            -0.730 
_refine.aniso_B[3][3]                            1.460 
_refine.aniso_B[1][2]                            0.000 
_refine.aniso_B[1][3]                            0.000 
_refine.aniso_B[2][3]                            0.000 
_refine.correlation_coeff_Fo_to_Fc               0.963 
_refine.correlation_coeff_Fo_to_Fc_free          0.941 
_refine.pdbx_overall_ESU_R                       0.138 
_refine.pdbx_overall_ESU_R_Free                  0.133 
_refine.overall_SU_ML                            0.093 
_refine.overall_SU_B                             6.068 
_refine.solvent_model_details                    MASK 
_refine.pdbx_solvent_vdw_probe_radii             1.200 
_refine.pdbx_solvent_ion_probe_radii             0.800 
_refine.pdbx_solvent_shrinkage_radii             0.800 
_refine.pdbx_method_to_determine_struct          SAD 
_refine.pdbx_stereochemistry_target_values       'MAXIMUM LIKELIHOOD' 
_refine.overall_FOM_work_R_set                   0.888 
_refine.B_iso_max                                60.85 
_refine.B_iso_min                                13.98 
_refine.occupancy_max                            1.00 
_refine.occupancy_min                            0.27 
_refine.pdbx_ls_sigma_I                          0 
_refine.ls_number_reflns_all                     14043 
_refine.ls_R_factor_all                          0.174 
_refine.ls_redundancy_reflns_obs                 ? 
_refine.pdbx_data_cutoff_high_absF               ? 
_refine.pdbx_data_cutoff_low_absF                ? 
_refine.ls_number_parameters                     ? 
_refine.ls_number_restraints                     ? 
_refine.ls_R_factor_R_free_error                 ? 
_refine.ls_R_factor_R_free_error_details         ? 
_refine.pdbx_starting_model                      ? 
_refine.pdbx_stereochem_target_val_spec_case     ? 
_refine.solvent_model_param_bsol                 ? 
_refine.solvent_model_param_ksol                 ? 
_refine.pdbx_isotropic_thermal_model             ? 
_refine.overall_SU_R_Cruickshank_DPI             ? 
_refine.overall_SU_R_free                        ? 
_refine.pdbx_data_cutoff_high_rms_absF           ? 
_refine.ls_wR_factor_R_free                      ? 
_refine.ls_wR_factor_R_work                      ? 
_refine.overall_FOM_free_R_set                   ? 
_refine.pdbx_overall_phase_error                 ? 
_refine.pdbx_refine_id                           'X-RAY DIFFRACTION' 
_refine.pdbx_TLS_residual_ADP_flag               'LIKELY RESIDUAL' 
_refine.pdbx_diffrn_id                           1 
_refine.pdbx_overall_SU_R_free_Cruickshank_DPI   ? 
_refine.pdbx_overall_SU_R_Blow_DPI               ? 
_refine.pdbx_overall_SU_R_free_Blow_DPI          ? 
# 
_refine_hist.pdbx_refine_id                   'X-RAY DIFFRACTION' 
_refine_hist.cycle_id                         LAST 
_refine_hist.pdbx_number_atoms_protein        1166 
_refine_hist.pdbx_number_atoms_nucleic_acid   0 
_refine_hist.pdbx_number_atoms_ligand         2 
_refine_hist.number_atoms_solvent             121 
_refine_hist.number_atoms_total               1289 
_refine_hist.d_res_high                       1.940 
_refine_hist.d_res_low                        39.000 
# 
loop_
_refine_ls_restr.type 
_refine_ls_restr.number 
_refine_ls_restr.dev_ideal 
_refine_ls_restr.dev_ideal_target 
_refine_ls_restr.weight 
_refine_ls_restr.pdbx_refine_id 
_refine_ls_restr.pdbx_restraint_function 
r_bond_refined_d         1240 0.017  0.022  ? 'X-RAY DIFFRACTION' ? 
r_bond_other_d           884  0.002  0.020  ? 'X-RAY DIFFRACTION' ? 
r_angle_refined_deg      1687 1.523  1.955  ? 'X-RAY DIFFRACTION' ? 
r_angle_other_deg        2133 0.960  3.000  ? 'X-RAY DIFFRACTION' ? 
r_dihedral_angle_1_deg   158  6.134  5.000  ? 'X-RAY DIFFRACTION' ? 
r_dihedral_angle_2_deg   65   32.359 22.923 ? 'X-RAY DIFFRACTION' ? 
r_dihedral_angle_3_deg   213  18.655 15.000 ? 'X-RAY DIFFRACTION' ? 
r_dihedral_angle_4_deg   14   24.457 15.000 ? 'X-RAY DIFFRACTION' ? 
r_chiral_restr           174  0.088  0.200  ? 'X-RAY DIFFRACTION' ? 
r_gen_planes_refined     1415 0.006  0.020  ? 'X-RAY DIFFRACTION' ? 
r_gen_planes_other       275  0.001  0.020  ? 'X-RAY DIFFRACTION' ? 
r_nbd_refined            241  0.209  0.200  ? 'X-RAY DIFFRACTION' ? 
r_nbd_other              920  0.209  0.200  ? 'X-RAY DIFFRACTION' ? 
r_nbtor_refined          569  0.177  0.200  ? 'X-RAY DIFFRACTION' ? 
r_nbtor_other            686  0.094  0.200  ? 'X-RAY DIFFRACTION' ? 
r_xyhbond_nbd_refined    83   0.230  0.200  ? 'X-RAY DIFFRACTION' ? 
r_metal_ion_refined      3    0.122  0.200  ? 'X-RAY DIFFRACTION' ? 
r_symmetry_vdw_refined   10   0.115  0.200  ? 'X-RAY DIFFRACTION' ? 
r_symmetry_vdw_other     53   0.317  0.200  ? 'X-RAY DIFFRACTION' ? 
r_symmetry_hbond_refined 13   0.110  0.200  ? 'X-RAY DIFFRACTION' ? 
r_mcbond_it              748  0.892  1.500  ? 'X-RAY DIFFRACTION' ? 
r_mcbond_other           301  0.237  1.500  ? 'X-RAY DIFFRACTION' ? 
r_mcangle_it             1197 1.572  2.000  ? 'X-RAY DIFFRACTION' ? 
r_scbond_it              514  2.317  3.000  ? 'X-RAY DIFFRACTION' ? 
r_scangle_it             483  3.770  4.500  ? 'X-RAY DIFFRACTION' ? 
# 
_refine_ls_shell.d_res_high                       1.941 
_refine_ls_shell.d_res_low                        1.991 
_refine_ls_shell.pdbx_total_number_of_bins_used   20 
_refine_ls_shell.percent_reflns_obs               99.900 
_refine_ls_shell.number_reflns_R_work             943 
_refine_ls_shell.R_factor_all                     ? 
_refine_ls_shell.R_factor_R_work                  0.221 
_refine_ls_shell.R_factor_R_free                  0.254 
_refine_ls_shell.percent_reflns_R_free            ? 
_refine_ls_shell.number_reflns_R_free             49 
_refine_ls_shell.R_factor_R_free_error            ? 
_refine_ls_shell.number_reflns_all                992 
_refine_ls_shell.number_reflns_obs                992 
_refine_ls_shell.redundancy_reflns_obs            ? 
_refine_ls_shell.pdbx_refine_id                   'X-RAY DIFFRACTION' 
# 
_struct.entry_id                  3DNX 
_struct.title                     'SPO1766 protein of unknown function from Silicibacter pomeroyi.' 
_struct.pdbx_model_details        ? 
_struct.pdbx_CASP_flag            Y 
_struct.pdbx_model_type_details   ? 
# 
_struct_keywords.entry_id        3DNX 
_struct_keywords.text            
;structural genomics, APC88088, protein of unknown function, PSI-2, Protein Structure Initiative, Midwest Center for Structural Genomics, MCSG, unknown function
;
_struct_keywords.pdbx_keywords   'structural genomics, unknown function' 
# 
loop_
_struct_asym.id 
_struct_asym.pdbx_blank_PDB_chainid_flag 
_struct_asym.pdbx_modified 
_struct_asym.entity_id 
_struct_asym.details 
A N N 1 ? 
B N N 2 ? 
C N N 2 ? 
D N N 3 ? 
# 
_struct_ref.id                         1 
_struct_ref.db_name                    UNP 
_struct_ref.db_code                    Q5LSK1_SILPO 
_struct_ref.pdbx_db_accession          Q5LSK1 
_struct_ref.entity_id                  1 
_struct_ref.pdbx_seq_one_letter_code   
;MPMTLDLQPGQRLARGVARHLRAHGFVSVEEFVPARGLRVDVMGLGPKGEIWVIECKSSRADFQADAKWQGYLEWCDRYF
WAVDMEFPAELLPAESGLLIADAYDAEIVRMAPEQKLAPARRKVLIQKFATHAARRLQALRDPEGHGIFE
;
_struct_ref.pdbx_align_begin           1 
_struct_ref.pdbx_db_isoform            ? 
# 
_struct_ref_seq.align_id                      1 
_struct_ref_seq.ref_id                        1 
_struct_ref_seq.pdbx_PDB_id_code              3DNX 
_struct_ref_seq.pdbx_strand_id                A 
_struct_ref_seq.seq_align_beg                 4 
_struct_ref_seq.pdbx_seq_align_beg_ins_code   ? 
_struct_ref_seq.seq_align_end                 153 
_struct_ref_seq.pdbx_seq_align_end_ins_code   ? 
_struct_ref_seq.pdbx_db_accession             Q5LSK1 
_struct_ref_seq.db_align_beg                  1 
_struct_ref_seq.pdbx_db_align_beg_ins_code    ? 
_struct_ref_seq.db_align_end                  150 
_struct_ref_seq.pdbx_db_align_end_ins_code    ? 
_struct_ref_seq.pdbx_auth_seq_align_beg       1 
_struct_ref_seq.pdbx_auth_seq_align_end       150 
# 
loop_
_struct_ref_seq_dif.align_id 
_struct_ref_seq_dif.pdbx_pdb_id_code 
_struct_ref_seq_dif.mon_id 
_struct_ref_seq_dif.pdbx_pdb_strand_id 
_struct_ref_seq_dif.seq_num 
_struct_ref_seq_dif.pdbx_pdb_ins_code 
_struct_ref_seq_dif.pdbx_seq_db_name 
_struct_ref_seq_dif.pdbx_seq_db_accession_code 
_struct_ref_seq_dif.db_mon_id 
_struct_ref_seq_dif.pdbx_seq_db_seq_num 
_struct_ref_seq_dif.details 
_struct_ref_seq_dif.pdbx_auth_seq_num 
_struct_ref_seq_dif.pdbx_ordinal 
1 3DNX SER A 1 ? UNP Q5LSK1 ? ? 'expression tag' -2 1 
1 3DNX ASN A 2 ? UNP Q5LSK1 ? ? 'expression tag' -1 2 
1 3DNX ALA A 3 ? UNP Q5LSK1 ? ? 'expression tag' 0  3 
# 
_pdbx_struct_assembly.id                   1 
_pdbx_struct_assembly.details              author_and_software_defined_assembly 
_pdbx_struct_assembly.method_details       PISA 
_pdbx_struct_assembly.oligomeric_details   dimeric 
_pdbx_struct_assembly.oligomeric_count     2 
# 
loop_
_pdbx_struct_assembly_prop.biol_id 
_pdbx_struct_assembly_prop.type 
_pdbx_struct_assembly_prop.value 
_pdbx_struct_assembly_prop.details 
1 'ABSA (A^2)' 3420  ? 
1 MORE         -53   ? 
1 'SSA (A^2)'  15350 ? 
# 
_pdbx_struct_assembly_gen.assembly_id       1 
_pdbx_struct_assembly_gen.oper_expression   1,2 
_pdbx_struct_assembly_gen.asym_id_list      A,B,C,D 
# 
loop_
_pdbx_struct_oper_list.id 
_pdbx_struct_oper_list.type 
_pdbx_struct_oper_list.name 
_pdbx_struct_oper_list.symmetry_operation 
_pdbx_struct_oper_list.matrix[1][1] 
_pdbx_struct_oper_list.matrix[1][2] 
_pdbx_struct_oper_list.matrix[1][3] 
_pdbx_struct_oper_list.vector[1] 
_pdbx_struct_oper_list.matrix[2][1] 
_pdbx_struct_oper_list.matrix[2][2] 
_pdbx_struct_oper_list.matrix[2][3] 
_pdbx_struct_oper_list.vector[2] 
_pdbx_struct_oper_list.matrix[3][1] 
_pdbx_struct_oper_list.matrix[3][2] 
_pdbx_struct_oper_list.matrix[3][3] 
_pdbx_struct_oper_list.vector[3] 
1 'identity operation'         1_555 x,y,z     1.0000000000  0.0000000000  0.0000000000 0.0000000000  0.0000000000  1.0000000000  0.0000000000  0.0000000000  0.0000000000 0.0000000000  1.0000000000 0.0000000000 
2 'crystal symmetry operation' 5_755 -x+2,y,-z -0.8902542300 -0.1884582322 0.4146455120 19.4257788976 -0.1884582322 -0.6763747222 -0.7120398373 21.4469353020 0.4146455120 -0.7120398373 0.5666289522 4.6062344735 
# 
_struct_biol.id        1 
_struct_biol.details   'putative biological unit is a dimer' 
# 
loop_
_struct_conf.conf_type_id 
_struct_conf.id 
_struct_conf.pdbx_PDB_helix_id 
_struct_conf.beg_label_comp_id 
_struct_conf.beg_label_asym_id 
_struct_conf.beg_label_seq_id 
_struct_conf.pdbx_beg_PDB_ins_code 
_struct_conf.end_label_comp_id 
_struct_conf.end_label_asym_id 
_struct_conf.end_label_seq_id 
_struct_conf.pdbx_end_PDB_ins_code 
_struct_conf.beg_auth_comp_id 
_struct_conf.beg_auth_asym_id 
_struct_conf.beg_auth_seq_id 
_struct_conf.end_auth_comp_id 
_struct_conf.end_auth_asym_id 
_struct_conf.end_auth_seq_id 
_struct_conf.pdbx_PDB_helix_class 
_struct_conf.details 
_struct_conf.pdbx_PDB_helix_length 
HELX_P HELX_P1 1 GLN A 11  ? HIS A 27  ? GLN A 8   HIS A 24  1 ? 17 
HELX_P HELX_P2 2 SER A 62  ? ASP A 69  ? SER A 59  ASP A 66  1 ? 8  
HELX_P HELX_P3 3 ALA A 70  ? CYS A 79  ? ALA A 67  CYS A 76  5 ? 10 
HELX_P HELX_P4 4 PRO A 91  ? LEU A 95  ? PRO A 88  LEU A 92  5 ? 5  
HELX_P HELX_P5 5 ALA A 121 ? ASP A 145 ? ALA A 118 ASP A 142 1 ? 25 
# 
_struct_conf_type.id          HELX_P 
_struct_conf_type.criteria    ? 
_struct_conf_type.reference   ? 
# 
loop_
_struct_conn.id 
_struct_conn.conn_type_id 
_struct_conn.pdbx_leaving_atom_flag 
_struct_conn.pdbx_PDB_id 
_struct_conn.ptnr1_label_asym_id 
_struct_conn.ptnr1_label_comp_id 
_struct_conn.ptnr1_label_seq_id 
_struct_conn.ptnr1_label_atom_id 
_struct_conn.pdbx_ptnr1_label_alt_id 
_struct_conn.pdbx_ptnr1_PDB_ins_code 
_struct_conn.pdbx_ptnr1_standard_comp_id 
_struct_conn.ptnr1_symmetry 
_struct_conn.ptnr2_label_asym_id 
_struct_conn.ptnr2_label_comp_id 
_struct_conn.ptnr2_label_seq_id 
_struct_conn.ptnr2_label_atom_id 
_struct_conn.pdbx_ptnr2_label_alt_id 
_struct_conn.pdbx_ptnr2_PDB_ins_code 
_struct_conn.ptnr1_auth_asym_id 
_struct_conn.ptnr1_auth_comp_id 
_struct_conn.ptnr1_auth_seq_id 
_struct_conn.ptnr2_auth_asym_id 
_struct_conn.ptnr2_auth_comp_id 
_struct_conn.ptnr2_auth_seq_id 
_struct_conn.ptnr2_symmetry 
_struct_conn.pdbx_ptnr3_label_atom_id 
_struct_conn.pdbx_ptnr3_label_seq_id 
_struct_conn.pdbx_ptnr3_label_comp_id 
_struct_conn.pdbx_ptnr3_label_asym_id 
_struct_conn.pdbx_ptnr3_label_alt_id 
_struct_conn.pdbx_ptnr3_PDB_ins_code 
_struct_conn.details 
_struct_conn.pdbx_dist_value 
_struct_conn.pdbx_value_order 
_struct_conn.pdbx_role 
covale1 covale both ? A VAL 45  C   ? ? ? 1_555 A MSE 46  N  ? ? A VAL 42  A MSE 43  1_555 ? ? ? ? ? ? ? 1.338 ? ? 
covale2 covale both ? A MSE 46  C   ? ? ? 1_555 A GLY 47  N  ? ? A MSE 43  A GLY 44  1_555 ? ? ? ? ? ? ? 1.342 ? ? 
covale3 covale both ? A ASP 87  C   ? ? ? 1_555 A MSE 88  N  ? ? A ASP 84  A MSE 85  1_555 ? ? ? ? ? ? ? 1.317 ? ? 
covale4 covale both ? A MSE 88  C   ? ? ? 1_555 A GLU 89  N  ? ? A MSE 85  A GLU 86  1_555 ? ? ? ? ? ? ? 1.343 ? ? 
covale5 covale both ? A ARG 113 C   ? ? ? 1_555 A MSE 114 N  ? ? A ARG 110 A MSE 111 1_555 ? ? ? ? ? ? ? 1.333 ? ? 
covale6 covale both ? A MSE 114 C   ? ? ? 1_555 A ALA 115 N  ? ? A MSE 111 A ALA 112 1_555 ? ? ? ? ? ? ? 1.332 ? ? 
metalc1 metalc ?    ? A CYS 59  O   ? ? ? 1_555 C NA  .   NA ? ? A CYS 56  A NA  202 1_555 ? ? ? ? ? ? ? 2.518 ? ? 
metalc2 metalc ?    ? A ASP 65  OD2 ? ? ? 1_555 C NA  .   NA ? ? A ASP 62  A NA  202 1_555 ? ? ? ? ? ? ? 2.415 ? ? 
metalc3 metalc ?    ? C NA  .   NA  ? ? ? 1_555 D HOH .   O  ? ? A NA  202 A HOH 244 1_555 ? ? ? ? ? ? ? 2.333 ? ? 
metalc4 metalc ?    ? C NA  .   NA  ? ? ? 1_555 D HOH .   O  ? ? A NA  202 A HOH 299 1_555 ? ? ? ? ? ? ? 2.234 ? ? 
metalc5 metalc ?    ? C NA  .   NA  ? ? ? 1_555 D HOH .   O  ? ? A NA  202 A HOH 306 1_555 ? ? ? ? ? ? ? 2.325 ? ? 
# 
loop_
_struct_conn_type.id 
_struct_conn_type.criteria 
_struct_conn_type.reference 
covale ? ? 
metalc ? ? 
# 
loop_
_pdbx_struct_conn_angle.id 
_pdbx_struct_conn_angle.ptnr1_label_atom_id 
_pdbx_struct_conn_angle.ptnr1_label_alt_id 
_pdbx_struct_conn_angle.ptnr1_label_asym_id 
_pdbx_struct_conn_angle.ptnr1_label_comp_id 
_pdbx_struct_conn_angle.ptnr1_label_seq_id 
_pdbx_struct_conn_angle.ptnr1_auth_atom_id 
_pdbx_struct_conn_angle.ptnr1_auth_asym_id 
_pdbx_struct_conn_angle.ptnr1_auth_comp_id 
_pdbx_struct_conn_angle.ptnr1_auth_seq_id 
_pdbx_struct_conn_angle.ptnr1_PDB_ins_code 
_pdbx_struct_conn_angle.ptnr1_symmetry 
_pdbx_struct_conn_angle.ptnr2_label_atom_id 
_pdbx_struct_conn_angle.ptnr2_label_alt_id 
_pdbx_struct_conn_angle.ptnr2_label_asym_id 
_pdbx_struct_conn_angle.ptnr2_label_comp_id 
_pdbx_struct_conn_angle.ptnr2_label_seq_id 
_pdbx_struct_conn_angle.ptnr2_auth_atom_id 
_pdbx_struct_conn_angle.ptnr2_auth_asym_id 
_pdbx_struct_conn_angle.ptnr2_auth_comp_id 
_pdbx_struct_conn_angle.ptnr2_auth_seq_id 
_pdbx_struct_conn_angle.ptnr2_PDB_ins_code 
_pdbx_struct_conn_angle.ptnr2_symmetry 
_pdbx_struct_conn_angle.ptnr3_label_atom_id 
_pdbx_struct_conn_angle.ptnr3_label_alt_id 
_pdbx_struct_conn_angle.ptnr3_label_asym_id 
_pdbx_struct_conn_angle.ptnr3_label_comp_id 
_pdbx_struct_conn_angle.ptnr3_label_seq_id 
_pdbx_struct_conn_angle.ptnr3_auth_atom_id 
_pdbx_struct_conn_angle.ptnr3_auth_asym_id 
_pdbx_struct_conn_angle.ptnr3_auth_comp_id 
_pdbx_struct_conn_angle.ptnr3_auth_seq_id 
_pdbx_struct_conn_angle.ptnr3_PDB_ins_code 
_pdbx_struct_conn_angle.ptnr3_symmetry 
_pdbx_struct_conn_angle.value 
_pdbx_struct_conn_angle.value_esd 
1  O   ? A CYS 59 ? A CYS 56  ? 1_555 NA ? C NA . ? A NA 202 ? 1_555 OD2 ? A ASP 65 ? A ASP 62  ? 1_555 82.1  ? 
2  O   ? A CYS 59 ? A CYS 56  ? 1_555 NA ? C NA . ? A NA 202 ? 1_555 O   ? D HOH .  ? A HOH 244 ? 1_555 87.2  ? 
3  OD2 ? A ASP 65 ? A ASP 62  ? 1_555 NA ? C NA . ? A NA 202 ? 1_555 O   ? D HOH .  ? A HOH 244 ? 1_555 103.1 ? 
4  O   ? A CYS 59 ? A CYS 56  ? 1_555 NA ? C NA . ? A NA 202 ? 1_555 O   ? D HOH .  ? A HOH 299 ? 1_555 88.9  ? 
5  OD2 ? A ASP 65 ? A ASP 62  ? 1_555 NA ? C NA . ? A NA 202 ? 1_555 O   ? D HOH .  ? A HOH 299 ? 1_555 153.8 ? 
6  O   ? D HOH .  ? A HOH 244 ? 1_555 NA ? C NA . ? A NA 202 ? 1_555 O   ? D HOH .  ? A HOH 299 ? 1_555 100.9 ? 
7  O   ? A CYS 59 ? A CYS 56  ? 1_555 NA ? C NA . ? A NA 202 ? 1_555 O   ? D HOH .  ? A HOH 306 ? 1_555 165.4 ? 
8  OD2 ? A ASP 65 ? A ASP 62  ? 1_555 NA ? C NA . ? A NA 202 ? 1_555 O   ? D HOH .  ? A HOH 306 ? 1_555 85.5  ? 
9  O   ? D HOH .  ? A HOH 244 ? 1_555 NA ? C NA . ? A NA 202 ? 1_555 O   ? D HOH .  ? A HOH 306 ? 1_555 88.3  ? 
10 O   ? D HOH .  ? A HOH 299 ? 1_555 NA ? C NA . ? A NA 202 ? 1_555 O   ? D HOH .  ? A HOH 306 ? 1_555 105.6 ? 
# 
loop_
_pdbx_modification_feature.ordinal 
_pdbx_modification_feature.label_comp_id 
_pdbx_modification_feature.label_asym_id 
_pdbx_modification_feature.label_seq_id 
_pdbx_modification_feature.label_alt_id 
_pdbx_modification_feature.modified_residue_label_comp_id 
_pdbx_modification_feature.modified_residue_label_asym_id 
_pdbx_modification_feature.modified_residue_label_seq_id 
_pdbx_modification_feature.modified_residue_label_alt_id 
_pdbx_modification_feature.auth_comp_id 
_pdbx_modification_feature.auth_asym_id 
_pdbx_modification_feature.auth_seq_id 
_pdbx_modification_feature.PDB_ins_code 
_pdbx_modification_feature.symmetry 
_pdbx_modification_feature.modified_residue_auth_comp_id 
_pdbx_modification_feature.modified_residue_auth_asym_id 
_pdbx_modification_feature.modified_residue_auth_seq_id 
_pdbx_modification_feature.modified_residue_PDB_ins_code 
_pdbx_modification_feature.modified_residue_symmetry 
_pdbx_modification_feature.comp_id_linking_atom 
_pdbx_modification_feature.modified_residue_id_linking_atom 
_pdbx_modification_feature.modified_residue_id 
_pdbx_modification_feature.ref_pcm_id 
_pdbx_modification_feature.ref_comp_id 
_pdbx_modification_feature.type 
_pdbx_modification_feature.category 
1 MSE A 46  ? . . . . MSE A 43  ? 1_555 . . . . . . . MET 1 MSE Selenomethionine 'Named protein modification' 
2 MSE A 88  ? . . . . MSE A 85  ? 1_555 . . . . . . . MET 1 MSE Selenomethionine 'Named protein modification' 
3 MSE A 114 ? . . . . MSE A 111 ? 1_555 . . . . . . . MET 1 MSE Selenomethionine 'Named protein modification' 
# 
_struct_sheet.id               A 
_struct_sheet.type             ? 
_struct_sheet.number_strands   6 
_struct_sheet.details          ? 
# 
loop_
_struct_sheet_order.sheet_id 
_struct_sheet_order.range_id_1 
_struct_sheet_order.range_id_2 
_struct_sheet_order.offset 
_struct_sheet_order.sense 
A 1 2 ? anti-parallel 
A 2 3 ? anti-parallel 
A 3 4 ? parallel      
A 4 5 ? parallel      
A 5 6 ? anti-parallel 
# 
loop_
_struct_sheet_range.sheet_id 
_struct_sheet_range.id 
_struct_sheet_range.beg_label_comp_id 
_struct_sheet_range.beg_label_asym_id 
_struct_sheet_range.beg_label_seq_id 
_struct_sheet_range.pdbx_beg_PDB_ins_code 
_struct_sheet_range.end_label_comp_id 
_struct_sheet_range.end_label_asym_id 
_struct_sheet_range.end_label_seq_id 
_struct_sheet_range.pdbx_end_PDB_ins_code 
_struct_sheet_range.beg_auth_comp_id 
_struct_sheet_range.beg_auth_asym_id 
_struct_sheet_range.beg_auth_seq_id 
_struct_sheet_range.end_auth_comp_id 
_struct_sheet_range.end_auth_asym_id 
_struct_sheet_range.end_auth_seq_id 
A 1 VAL A 30  ? PHE A 35  ? VAL A 27  PHE A 32  
A 2 VAL A 43  ? LEU A 48  ? VAL A 40  LEU A 45  
A 3 ILE A 54  ? CYS A 59  ? ILE A 51  CYS A 56  
A 4 ARG A 81  ? VAL A 86  ? ARG A 78  VAL A 83  
A 5 GLY A 100 ? ALA A 104 ? GLY A 97  ALA A 101 
A 6 ALA A 109 ? ARG A 113 ? ALA A 106 ARG A 110 
# 
loop_
_pdbx_struct_sheet_hbond.sheet_id 
_pdbx_struct_sheet_hbond.range_id_1 
_pdbx_struct_sheet_hbond.range_id_2 
_pdbx_struct_sheet_hbond.range_1_label_atom_id 
_pdbx_struct_sheet_hbond.range_1_label_comp_id 
_pdbx_struct_sheet_hbond.range_1_label_asym_id 
_pdbx_struct_sheet_hbond.range_1_label_seq_id 
_pdbx_struct_sheet_hbond.range_1_PDB_ins_code 
_pdbx_struct_sheet_hbond.range_1_auth_atom_id 
_pdbx_struct_sheet_hbond.range_1_auth_comp_id 
_pdbx_struct_sheet_hbond.range_1_auth_asym_id 
_pdbx_struct_sheet_hbond.range_1_auth_seq_id 
_pdbx_struct_sheet_hbond.range_2_label_atom_id 
_pdbx_struct_sheet_hbond.range_2_label_comp_id 
_pdbx_struct_sheet_hbond.range_2_label_asym_id 
_pdbx_struct_sheet_hbond.range_2_label_seq_id 
_pdbx_struct_sheet_hbond.range_2_PDB_ins_code 
_pdbx_struct_sheet_hbond.range_2_auth_atom_id 
_pdbx_struct_sheet_hbond.range_2_auth_comp_id 
_pdbx_struct_sheet_hbond.range_2_auth_asym_id 
_pdbx_struct_sheet_hbond.range_2_auth_seq_id 
A 1 2 N PHE A 35  ? N PHE A 32 O VAL A 43  ? O VAL A 40  
A 2 3 N GLY A 47  ? N GLY A 44 O TRP A 55  ? O TRP A 52  
A 3 4 N VAL A 56  ? N VAL A 53 O PHE A 83  ? O PHE A 80  
A 4 5 N VAL A 86  ? N VAL A 83 O ALA A 104 ? O ALA A 101 
A 5 6 N LEU A 101 ? N LEU A 98 O ARG A 113 ? O ARG A 110 
# 
loop_
_struct_site.id 
_struct_site.pdbx_evidence_code 
_struct_site.pdbx_auth_asym_id 
_struct_site.pdbx_auth_comp_id 
_struct_site.pdbx_auth_seq_id 
_struct_site.pdbx_auth_ins_code 
_struct_site.pdbx_num_residues 
_struct_site.details 
AC1 Software A NA 201 ? 2 'BINDING SITE FOR RESIDUE NA A 201' 
AC2 Software A NA 202 ? 6 'BINDING SITE FOR RESIDUE NA A 202' 
# 
loop_
_struct_site_gen.id 
_struct_site_gen.site_id 
_struct_site_gen.pdbx_num_res 
_struct_site_gen.label_comp_id 
_struct_site_gen.label_asym_id 
_struct_site_gen.label_seq_id 
_struct_site_gen.pdbx_auth_ins_code 
_struct_site_gen.auth_comp_id 
_struct_site_gen.auth_asym_id 
_struct_site_gen.auth_seq_id 
_struct_site_gen.label_atom_id 
_struct_site_gen.label_alt_id 
_struct_site_gen.symmetry 
_struct_site_gen.details 
1 AC1 2 GLU A 33  ? GLU A 30  . ? 1_555 ? 
2 AC1 2 HIS A 135 ? HIS A 132 . ? 1_555 ? 
3 AC2 6 ASP A 44  ? ASP A 41  . ? 1_555 ? 
4 AC2 6 CYS A 59  ? CYS A 56  . ? 1_555 ? 
5 AC2 6 ASP A 65  ? ASP A 62  . ? 1_555 ? 
6 AC2 6 HOH D .   ? HOH A 244 . ? 1_555 ? 
7 AC2 6 HOH D .   ? HOH A 299 . ? 1_555 ? 
8 AC2 6 HOH D .   ? HOH A 306 . ? 1_555 ? 
# 
_pdbx_entry_details.entry_id                   3DNX 
_pdbx_entry_details.compound_details           ? 
_pdbx_entry_details.source_details             ? 
_pdbx_entry_details.nonpolymer_details         ? 
_pdbx_entry_details.sequence_details           ? 
_pdbx_entry_details.has_ligand_of_interest     ? 
_pdbx_entry_details.has_protein_modification   Y 
# 
loop_
_pdbx_validate_close_contact.id 
_pdbx_validate_close_contact.PDB_model_num 
_pdbx_validate_close_contact.auth_atom_id_1 
_pdbx_validate_close_contact.auth_asym_id_1 
_pdbx_validate_close_contact.auth_comp_id_1 
_pdbx_validate_close_contact.auth_seq_id_1 
_pdbx_validate_close_contact.PDB_ins_code_1 
_pdbx_validate_close_contact.label_alt_id_1 
_pdbx_validate_close_contact.auth_atom_id_2 
_pdbx_validate_close_contact.auth_asym_id_2 
_pdbx_validate_close_contact.auth_comp_id_2 
_pdbx_validate_close_contact.auth_seq_id_2 
_pdbx_validate_close_contact.PDB_ins_code_2 
_pdbx_validate_close_contact.label_alt_id_2 
_pdbx_validate_close_contact.dist 
1 1 O  A HOH 214 ? ? O A HOH 287 ? ? 1.90 
2 1 OH A TYR 72  ? ? O A HOH 307 ? ? 2.19 
3 1 O  A HOH 312 ? ? O A HOH 313 ? ? 2.19 
# 
_pdbx_validate_rmsd_angle.id                         1 
_pdbx_validate_rmsd_angle.PDB_model_num              1 
_pdbx_validate_rmsd_angle.auth_atom_id_1             CB 
_pdbx_validate_rmsd_angle.auth_asym_id_1             A 
_pdbx_validate_rmsd_angle.auth_comp_id_1             ASP 
_pdbx_validate_rmsd_angle.auth_seq_id_1              84 
_pdbx_validate_rmsd_angle.PDB_ins_code_1             ? 
_pdbx_validate_rmsd_angle.label_alt_id_1             ? 
_pdbx_validate_rmsd_angle.auth_atom_id_2             CG 
_pdbx_validate_rmsd_angle.auth_asym_id_2             A 
_pdbx_validate_rmsd_angle.auth_comp_id_2             ASP 
_pdbx_validate_rmsd_angle.auth_seq_id_2              84 
_pdbx_validate_rmsd_angle.PDB_ins_code_2             ? 
_pdbx_validate_rmsd_angle.label_alt_id_2             ? 
_pdbx_validate_rmsd_angle.auth_atom_id_3             OD1 
_pdbx_validate_rmsd_angle.auth_asym_id_3             A 
_pdbx_validate_rmsd_angle.auth_comp_id_3             ASP 
_pdbx_validate_rmsd_angle.auth_seq_id_3              84 
_pdbx_validate_rmsd_angle.PDB_ins_code_3             ? 
_pdbx_validate_rmsd_angle.label_alt_id_3             ? 
_pdbx_validate_rmsd_angle.angle_value                123.70 
_pdbx_validate_rmsd_angle.angle_target_value         118.30 
_pdbx_validate_rmsd_angle.angle_deviation            5.40 
_pdbx_validate_rmsd_angle.angle_standard_deviation   0.90 
_pdbx_validate_rmsd_angle.linker_flag                N 
# 
loop_
_pdbx_validate_torsion.id 
_pdbx_validate_torsion.PDB_model_num 
_pdbx_validate_torsion.auth_comp_id 
_pdbx_validate_torsion.auth_asym_id 
_pdbx_validate_torsion.auth_seq_id 
_pdbx_validate_torsion.PDB_ins_code 
_pdbx_validate_torsion.label_alt_id 
_pdbx_validate_torsion.phi 
_pdbx_validate_torsion.psi 
1 1 ASP A 6  ? ? -102.17 71.65 
2 1 ASP A 66 ? ? -93.50  41.29 
# 
_pdbx_SG_project.id                    1 
_pdbx_SG_project.project_name          'PSI, Protein Structure Initiative' 
_pdbx_SG_project.full_name_of_center   'Midwest Center for Structural Genomics' 
_pdbx_SG_project.initial_of_center     MCSG 
# 
loop_
_pdbx_struct_mod_residue.id 
_pdbx_struct_mod_residue.label_asym_id 
_pdbx_struct_mod_residue.label_comp_id 
_pdbx_struct_mod_residue.label_seq_id 
_pdbx_struct_mod_residue.auth_asym_id 
_pdbx_struct_mod_residue.auth_comp_id 
_pdbx_struct_mod_residue.auth_seq_id 
_pdbx_struct_mod_residue.PDB_ins_code 
_pdbx_struct_mod_residue.parent_comp_id 
_pdbx_struct_mod_residue.details 
1 A MSE 46  A MSE 43  ? MET SELENOMETHIONINE 
2 A MSE 88  A MSE 85  ? MET SELENOMETHIONINE 
3 A MSE 114 A MSE 111 ? MET SELENOMETHIONINE 
# 
loop_
_pdbx_struct_special_symmetry.id 
_pdbx_struct_special_symmetry.PDB_model_num 
_pdbx_struct_special_symmetry.auth_asym_id 
_pdbx_struct_special_symmetry.auth_comp_id 
_pdbx_struct_special_symmetry.auth_seq_id 
_pdbx_struct_special_symmetry.PDB_ins_code 
_pdbx_struct_special_symmetry.label_asym_id 
_pdbx_struct_special_symmetry.label_comp_id 
_pdbx_struct_special_symmetry.label_seq_id 
1 1 A HOH 246 ? D HOH . 
2 1 A HOH 273 ? D HOH . 
3 1 A HOH 292 ? D HOH . 
# 
loop_
_pdbx_refine_tls.id 
_pdbx_refine_tls.details 
_pdbx_refine_tls.method 
_pdbx_refine_tls.origin_x 
_pdbx_refine_tls.origin_y 
_pdbx_refine_tls.origin_z 
_pdbx_refine_tls.T[1][1] 
_pdbx_refine_tls.T[2][2] 
_pdbx_refine_tls.T[3][3] 
_pdbx_refine_tls.T[1][2] 
_pdbx_refine_tls.T[1][3] 
_pdbx_refine_tls.T[2][3] 
_pdbx_refine_tls.L[1][1] 
_pdbx_refine_tls.L[2][2] 
_pdbx_refine_tls.L[3][3] 
_pdbx_refine_tls.L[1][2] 
_pdbx_refine_tls.L[1][3] 
_pdbx_refine_tls.L[2][3] 
_pdbx_refine_tls.S[1][1] 
_pdbx_refine_tls.S[2][2] 
_pdbx_refine_tls.S[3][3] 
_pdbx_refine_tls.S[1][2] 
_pdbx_refine_tls.S[1][3] 
_pdbx_refine_tls.S[2][3] 
_pdbx_refine_tls.S[2][1] 
_pdbx_refine_tls.S[3][1] 
_pdbx_refine_tls.S[3][2] 
_pdbx_refine_tls.pdbx_refine_id 
1 ? refined 1.2562  -7.0132 13.2349 0.2168  0.0928  0.0813 -0.0889 0.0478  -0.0200 28.0381 27.7263 40.3769 4.1782   -22.7562 8.1413  0.0560  -0.3738 0.3178  -2.9758 0.2752  -0.8803 3.9657  0.9827  2.2727  'X-RAY DIFFRACTION' 
2 ? refined -1.4789 -0.0338 -0.9360 -0.0717 -0.0926 0.1052 -0.0297 -0.0270 -0.0385 0.8854  3.4984  3.1203  1.7531   -0.0494  -0.3886 -0.1734 0.0842  0.0891  -0.0575 0.5123  0.8565  -0.0994 -0.2495 -0.3793 'X-RAY DIFFRACTION' 
3 ? refined -2.0050 -8.4493 -5.5616 -0.1747 -0.1527 0.0163 -0.0303 -0.0109 -0.0453 3.4143  2.9364  2.1689  0.6586   1.4842   2.3553  -0.1282 -0.1264 0.2546  0.1637  0.1551  0.2671  -0.3280 0.0436  0.2063  'X-RAY DIFFRACTION' 
4 ? refined 3.5011  12.8389 -1.3092 -0.1051 -0.2109 0.0773 -0.0394 -0.0546 -0.0265 2.0606  3.2288  9.2420  0.6584   3.6587   -1.7097 -0.2689 0.1045  0.1645  -0.1900 0.4309  0.6833  -0.2602 -0.0842 0.1684  'X-RAY DIFFRACTION' 
5 ? refined 7.2970  16.0740 16.5967 0.0294  0.0783  0.0196 -0.0142 0.0767  -0.0098 8.1037  14.0263 0.2658  -10.6613 -1.4678  1.9311  0.2202  -0.1513 -0.0689 0.7967  -0.1982 1.0532  -0.2596 -0.1448 -0.6534 'X-RAY DIFFRACTION' 
# 
loop_
_pdbx_refine_tls_group.id 
_pdbx_refine_tls_group.refine_tls_id 
_pdbx_refine_tls_group.beg_auth_asym_id 
_pdbx_refine_tls_group.end_auth_asym_id 
_pdbx_refine_tls_group.end_auth_seq_id 
_pdbx_refine_tls_group.selection 
_pdbx_refine_tls_group.beg_auth_seq_id 
_pdbx_refine_tls_group.beg_label_asym_id 
_pdbx_refine_tls_group.beg_label_seq_id 
_pdbx_refine_tls_group.end_label_asym_id 
_pdbx_refine_tls_group.end_label_seq_id 
_pdbx_refine_tls_group.pdbx_refine_id 
_pdbx_refine_tls_group.selection_details 
1 1 A A 12  ? 5   A 8   A 15  'X-RAY DIFFRACTION' ? 
2 2 A A 75  ? 13  A 16  A 78  'X-RAY DIFFRACTION' ? 
3 3 A A 117 ? 76  A 79  A 120 'X-RAY DIFFRACTION' ? 
4 4 A A 139 ? 118 A 121 A 142 'X-RAY DIFFRACTION' ? 
5 5 A A 150 ? 140 A 143 A 153 'X-RAY DIFFRACTION' ? 
# 
loop_
_pdbx_unobs_or_zero_occ_residues.id 
_pdbx_unobs_or_zero_occ_residues.PDB_model_num 
_pdbx_unobs_or_zero_occ_residues.polymer_flag 
_pdbx_unobs_or_zero_occ_residues.occupancy_flag 
_pdbx_unobs_or_zero_occ_residues.auth_asym_id 
_pdbx_unobs_or_zero_occ_residues.auth_comp_id 
_pdbx_unobs_or_zero_occ_residues.auth_seq_id 
_pdbx_unobs_or_zero_occ_residues.PDB_ins_code 
_pdbx_unobs_or_zero_occ_residues.label_asym_id 
_pdbx_unobs_or_zero_occ_residues.label_comp_id 
_pdbx_unobs_or_zero_occ_residues.label_seq_id 
1 1 Y 1 A SER -2 ? A SER 1 
2 1 Y 1 A ASN -1 ? A ASN 2 
3 1 Y 1 A ALA 0  ? A ALA 3 
4 1 Y 1 A MSE 1  ? A MSE 4 
5 1 Y 1 A PRO 2  ? A PRO 5 
6 1 Y 1 A MSE 3  ? A MSE 6 
7 1 Y 1 A THR 4  ? A THR 7 
# 
loop_
_chem_comp_atom.comp_id 
_chem_comp_atom.atom_id 
_chem_comp_atom.type_symbol 
_chem_comp_atom.pdbx_aromatic_flag 
_chem_comp_atom.pdbx_stereo_config 
_chem_comp_atom.pdbx_ordinal 
ALA N    N  N N 1   
ALA CA   C  N S 2   
ALA C    C  N N 3   
ALA O    O  N N 4   
ALA CB   C  N N 5   
ALA OXT  O  N N 6   
ALA H    H  N N 7   
ALA H2   H  N N 8   
ALA HA   H  N N 9   
ALA HB1  H  N N 10  
ALA HB2  H  N N 11  
ALA HB3  H  N N 12  
ALA HXT  H  N N 13  
ARG N    N  N N 14  
ARG CA   C  N S 15  
ARG C    C  N N 16  
ARG O    O  N N 17  
ARG CB   C  N N 18  
ARG CG   C  N N 19  
ARG CD   C  N N 20  
ARG NE   N  N N 21  
ARG CZ   C  N N 22  
ARG NH1  N  N N 23  
ARG NH2  N  N N 24  
ARG OXT  O  N N 25  
ARG H    H  N N 26  
ARG H2   H  N N 27  
ARG HA   H  N N 28  
ARG HB2  H  N N 29  
ARG HB3  H  N N 30  
ARG HG2  H  N N 31  
ARG HG3  H  N N 32  
ARG HD2  H  N N 33  
ARG HD3  H  N N 34  
ARG HE   H  N N 35  
ARG HH11 H  N N 36  
ARG HH12 H  N N 37  
ARG HH21 H  N N 38  
ARG HH22 H  N N 39  
ARG HXT  H  N N 40  
ASN N    N  N N 41  
ASN CA   C  N S 42  
ASN C    C  N N 43  
ASN O    O  N N 44  
ASN CB   C  N N 45  
ASN CG   C  N N 46  
ASN OD1  O  N N 47  
ASN ND2  N  N N 48  
ASN OXT  O  N N 49  
ASN H    H  N N 50  
ASN H2   H  N N 51  
ASN HA   H  N N 52  
ASN HB2  H  N N 53  
ASN HB3  H  N N 54  
ASN HD21 H  N N 55  
ASN HD22 H  N N 56  
ASN HXT  H  N N 57  
ASP N    N  N N 58  
ASP CA   C  N S 59  
ASP C    C  N N 60  
ASP O    O  N N 61  
ASP CB   C  N N 62  
ASP CG   C  N N 63  
ASP OD1  O  N N 64  
ASP OD2  O  N N 65  
ASP OXT  O  N N 66  
ASP H    H  N N 67  
ASP H2   H  N N 68  
ASP HA   H  N N 69  
ASP HB2  H  N N 70  
ASP HB3  H  N N 71  
ASP HD2  H  N N 72  
ASP HXT  H  N N 73  
CYS N    N  N N 74  
CYS CA   C  N R 75  
CYS C    C  N N 76  
CYS O    O  N N 77  
CYS CB   C  N N 78  
CYS SG   S  N N 79  
CYS OXT  O  N N 80  
CYS H    H  N N 81  
CYS H2   H  N N 82  
CYS HA   H  N N 83  
CYS HB2  H  N N 84  
CYS HB3  H  N N 85  
CYS HG   H  N N 86  
CYS HXT  H  N N 87  
GLN N    N  N N 88  
GLN CA   C  N S 89  
GLN C    C  N N 90  
GLN O    O  N N 91  
GLN CB   C  N N 92  
GLN CG   C  N N 93  
GLN CD   C  N N 94  
GLN OE1  O  N N 95  
GLN NE2  N  N N 96  
GLN OXT  O  N N 97  
GLN H    H  N N 98  
GLN H2   H  N N 99  
GLN HA   H  N N 100 
GLN HB2  H  N N 101 
GLN HB3  H  N N 102 
GLN HG2  H  N N 103 
GLN HG3  H  N N 104 
GLN HE21 H  N N 105 
GLN HE22 H  N N 106 
GLN HXT  H  N N 107 
GLU N    N  N N 108 
GLU CA   C  N S 109 
GLU C    C  N N 110 
GLU O    O  N N 111 
GLU CB   C  N N 112 
GLU CG   C  N N 113 
GLU CD   C  N N 114 
GLU OE1  O  N N 115 
GLU OE2  O  N N 116 
GLU OXT  O  N N 117 
GLU H    H  N N 118 
GLU H2   H  N N 119 
GLU HA   H  N N 120 
GLU HB2  H  N N 121 
GLU HB3  H  N N 122 
GLU HG2  H  N N 123 
GLU HG3  H  N N 124 
GLU HE2  H  N N 125 
GLU HXT  H  N N 126 
GLY N    N  N N 127 
GLY CA   C  N N 128 
GLY C    C  N N 129 
GLY O    O  N N 130 
GLY OXT  O  N N 131 
GLY H    H  N N 132 
GLY H2   H  N N 133 
GLY HA2  H  N N 134 
GLY HA3  H  N N 135 
GLY HXT  H  N N 136 
HIS N    N  N N 137 
HIS CA   C  N S 138 
HIS C    C  N N 139 
HIS O    O  N N 140 
HIS CB   C  N N 141 
HIS CG   C  Y N 142 
HIS ND1  N  Y N 143 
HIS CD2  C  Y N 144 
HIS CE1  C  Y N 145 
HIS NE2  N  Y N 146 
HIS OXT  O  N N 147 
HIS H    H  N N 148 
HIS H2   H  N N 149 
HIS HA   H  N N 150 
HIS HB2  H  N N 151 
HIS HB3  H  N N 152 
HIS HD1  H  N N 153 
HIS HD2  H  N N 154 
HIS HE1  H  N N 155 
HIS HE2  H  N N 156 
HIS HXT  H  N N 157 
HOH O    O  N N 158 
HOH H1   H  N N 159 
HOH H2   H  N N 160 
ILE N    N  N N 161 
ILE CA   C  N S 162 
ILE C    C  N N 163 
ILE O    O  N N 164 
ILE CB   C  N S 165 
ILE CG1  C  N N 166 
ILE CG2  C  N N 167 
ILE CD1  C  N N 168 
ILE OXT  O  N N 169 
ILE H    H  N N 170 
ILE H2   H  N N 171 
ILE HA   H  N N 172 
ILE HB   H  N N 173 
ILE HG12 H  N N 174 
ILE HG13 H  N N 175 
ILE HG21 H  N N 176 
ILE HG22 H  N N 177 
ILE HG23 H  N N 178 
ILE HD11 H  N N 179 
ILE HD12 H  N N 180 
ILE HD13 H  N N 181 
ILE HXT  H  N N 182 
LEU N    N  N N 183 
LEU CA   C  N S 184 
LEU C    C  N N 185 
LEU O    O  N N 186 
LEU CB   C  N N 187 
LEU CG   C  N N 188 
LEU CD1  C  N N 189 
LEU CD2  C  N N 190 
LEU OXT  O  N N 191 
LEU H    H  N N 192 
LEU H2   H  N N 193 
LEU HA   H  N N 194 
LEU HB2  H  N N 195 
LEU HB3  H  N N 196 
LEU HG   H  N N 197 
LEU HD11 H  N N 198 
LEU HD12 H  N N 199 
LEU HD13 H  N N 200 
LEU HD21 H  N N 201 
LEU HD22 H  N N 202 
LEU HD23 H  N N 203 
LEU HXT  H  N N 204 
LYS N    N  N N 205 
LYS CA   C  N S 206 
LYS C    C  N N 207 
LYS O    O  N N 208 
LYS CB   C  N N 209 
LYS CG   C  N N 210 
LYS CD   C  N N 211 
LYS CE   C  N N 212 
LYS NZ   N  N N 213 
LYS OXT  O  N N 214 
LYS H    H  N N 215 
LYS H2   H  N N 216 
LYS HA   H  N N 217 
LYS HB2  H  N N 218 
LYS HB3  H  N N 219 
LYS HG2  H  N N 220 
LYS HG3  H  N N 221 
LYS HD2  H  N N 222 
LYS HD3  H  N N 223 
LYS HE2  H  N N 224 
LYS HE3  H  N N 225 
LYS HZ1  H  N N 226 
LYS HZ2  H  N N 227 
LYS HZ3  H  N N 228 
LYS HXT  H  N N 229 
MSE N    N  N N 230 
MSE CA   C  N S 231 
MSE C    C  N N 232 
MSE O    O  N N 233 
MSE OXT  O  N N 234 
MSE CB   C  N N 235 
MSE CG   C  N N 236 
MSE SE   SE N N 237 
MSE CE   C  N N 238 
MSE H    H  N N 239 
MSE H2   H  N N 240 
MSE HA   H  N N 241 
MSE HXT  H  N N 242 
MSE HB2  H  N N 243 
MSE HB3  H  N N 244 
MSE HG2  H  N N 245 
MSE HG3  H  N N 246 
MSE HE1  H  N N 247 
MSE HE2  H  N N 248 
MSE HE3  H  N N 249 
NA  NA   NA N N 250 
PHE N    N  N N 251 
PHE CA   C  N S 252 
PHE C    C  N N 253 
PHE O    O  N N 254 
PHE CB   C  N N 255 
PHE CG   C  Y N 256 
PHE CD1  C  Y N 257 
PHE CD2  C  Y N 258 
PHE CE1  C  Y N 259 
PHE CE2  C  Y N 260 
PHE CZ   C  Y N 261 
PHE OXT  O  N N 262 
PHE H    H  N N 263 
PHE H2   H  N N 264 
PHE HA   H  N N 265 
PHE HB2  H  N N 266 
PHE HB3  H  N N 267 
PHE HD1  H  N N 268 
PHE HD2  H  N N 269 
PHE HE1  H  N N 270 
PHE HE2  H  N N 271 
PHE HZ   H  N N 272 
PHE HXT  H  N N 273 
PRO N    N  N N 274 
PRO CA   C  N S 275 
PRO C    C  N N 276 
PRO O    O  N N 277 
PRO CB   C  N N 278 
PRO CG   C  N N 279 
PRO CD   C  N N 280 
PRO OXT  O  N N 281 
PRO H    H  N N 282 
PRO HA   H  N N 283 
PRO HB2  H  N N 284 
PRO HB3  H  N N 285 
PRO HG2  H  N N 286 
PRO HG3  H  N N 287 
PRO HD2  H  N N 288 
PRO HD3  H  N N 289 
PRO HXT  H  N N 290 
SER N    N  N N 291 
SER CA   C  N S 292 
SER C    C  N N 293 
SER O    O  N N 294 
SER CB   C  N N 295 
SER OG   O  N N 296 
SER OXT  O  N N 297 
SER H    H  N N 298 
SER H2   H  N N 299 
SER HA   H  N N 300 
SER HB2  H  N N 301 
SER HB3  H  N N 302 
SER HG   H  N N 303 
SER HXT  H  N N 304 
THR N    N  N N 305 
THR CA   C  N S 306 
THR C    C  N N 307 
THR O    O  N N 308 
THR CB   C  N R 309 
THR OG1  O  N N 310 
THR CG2  C  N N 311 
THR OXT  O  N N 312 
THR H    H  N N 313 
THR H2   H  N N 314 
THR HA   H  N N 315 
THR HB   H  N N 316 
THR HG1  H  N N 317 
THR HG21 H  N N 318 
THR HG22 H  N N 319 
THR HG23 H  N N 320 
THR HXT  H  N N 321 
TRP N    N  N N 322 
TRP CA   C  N S 323 
TRP C    C  N N 324 
TRP O    O  N N 325 
TRP CB   C  N N 326 
TRP CG   C  Y N 327 
TRP CD1  C  Y N 328 
TRP CD2  C  Y N 329 
TRP NE1  N  Y N 330 
TRP CE2  C  Y N 331 
TRP CE3  C  Y N 332 
TRP CZ2  C  Y N 333 
TRP CZ3  C  Y N 334 
TRP CH2  C  Y N 335 
TRP OXT  O  N N 336 
TRP H    H  N N 337 
TRP H2   H  N N 338 
TRP HA   H  N N 339 
TRP HB2  H  N N 340 
TRP HB3  H  N N 341 
TRP HD1  H  N N 342 
TRP HE1  H  N N 343 
TRP HE3  H  N N 344 
TRP HZ2  H  N N 345 
TRP HZ3  H  N N 346 
TRP HH2  H  N N 347 
TRP HXT  H  N N 348 
TYR N    N  N N 349 
TYR CA   C  N S 350 
TYR C    C  N N 351 
TYR O    O  N N 352 
TYR CB   C  N N 353 
TYR CG   C  Y N 354 
TYR CD1  C  Y N 355 
TYR CD2  C  Y N 356 
TYR CE1  C  Y N 357 
TYR CE2  C  Y N 358 
TYR CZ   C  Y N 359 
TYR OH   O  N N 360 
TYR OXT  O  N N 361 
TYR H    H  N N 362 
TYR H2   H  N N 363 
TYR HA   H  N N 364 
TYR HB2  H  N N 365 
TYR HB3  H  N N 366 
TYR HD1  H  N N 367 
TYR HD2  H  N N 368 
TYR HE1  H  N N 369 
TYR HE2  H  N N 370 
TYR HH   H  N N 371 
TYR HXT  H  N N 372 
VAL N    N  N N 373 
VAL CA   C  N S 374 
VAL C    C  N N 375 
VAL O    O  N N 376 
VAL CB   C  N N 377 
VAL CG1  C  N N 378 
VAL CG2  C  N N 379 
VAL OXT  O  N N 380 
VAL H    H  N N 381 
VAL H2   H  N N 382 
VAL HA   H  N N 383 
VAL HB   H  N N 384 
VAL HG11 H  N N 385 
VAL HG12 H  N N 386 
VAL HG13 H  N N 387 
VAL HG21 H  N N 388 
VAL HG22 H  N N 389 
VAL HG23 H  N N 390 
VAL HXT  H  N N 391 
# 
loop_
_chem_comp_bond.comp_id 
_chem_comp_bond.atom_id_1 
_chem_comp_bond.atom_id_2 
_chem_comp_bond.value_order 
_chem_comp_bond.pdbx_aromatic_flag 
_chem_comp_bond.pdbx_stereo_config 
_chem_comp_bond.pdbx_ordinal 
ALA N   CA   sing N N 1   
ALA N   H    sing N N 2   
ALA N   H2   sing N N 3   
ALA CA  C    sing N N 4   
ALA CA  CB   sing N N 5   
ALA CA  HA   sing N N 6   
ALA C   O    doub N N 7   
ALA C   OXT  sing N N 8   
ALA CB  HB1  sing N N 9   
ALA CB  HB2  sing N N 10  
ALA CB  HB3  sing N N 11  
ALA OXT HXT  sing N N 12  
ARG N   CA   sing N N 13  
ARG N   H    sing N N 14  
ARG N   H2   sing N N 15  
ARG CA  C    sing N N 16  
ARG CA  CB   sing N N 17  
ARG CA  HA   sing N N 18  
ARG C   O    doub N N 19  
ARG C   OXT  sing N N 20  
ARG CB  CG   sing N N 21  
ARG CB  HB2  sing N N 22  
ARG CB  HB3  sing N N 23  
ARG CG  CD   sing N N 24  
ARG CG  HG2  sing N N 25  
ARG CG  HG3  sing N N 26  
ARG CD  NE   sing N N 27  
ARG CD  HD2  sing N N 28  
ARG CD  HD3  sing N N 29  
ARG NE  CZ   sing N N 30  
ARG NE  HE   sing N N 31  
ARG CZ  NH1  sing N N 32  
ARG CZ  NH2  doub N N 33  
ARG NH1 HH11 sing N N 34  
ARG NH1 HH12 sing N N 35  
ARG NH2 HH21 sing N N 36  
ARG NH2 HH22 sing N N 37  
ARG OXT HXT  sing N N 38  
ASN N   CA   sing N N 39  
ASN N   H    sing N N 40  
ASN N   H2   sing N N 41  
ASN CA  C    sing N N 42  
ASN CA  CB   sing N N 43  
ASN CA  HA   sing N N 44  
ASN C   O    doub N N 45  
ASN C   OXT  sing N N 46  
ASN CB  CG   sing N N 47  
ASN CB  HB2  sing N N 48  
ASN CB  HB3  sing N N 49  
ASN CG  OD1  doub N N 50  
ASN CG  ND2  sing N N 51  
ASN ND2 HD21 sing N N 52  
ASN ND2 HD22 sing N N 53  
ASN OXT HXT  sing N N 54  
ASP N   CA   sing N N 55  
ASP N   H    sing N N 56  
ASP N   H2   sing N N 57  
ASP CA  C    sing N N 58  
ASP CA  CB   sing N N 59  
ASP CA  HA   sing N N 60  
ASP C   O    doub N N 61  
ASP C   OXT  sing N N 62  
ASP CB  CG   sing N N 63  
ASP CB  HB2  sing N N 64  
ASP CB  HB3  sing N N 65  
ASP CG  OD1  doub N N 66  
ASP CG  OD2  sing N N 67  
ASP OD2 HD2  sing N N 68  
ASP OXT HXT  sing N N 69  
CYS N   CA   sing N N 70  
CYS N   H    sing N N 71  
CYS N   H2   sing N N 72  
CYS CA  C    sing N N 73  
CYS CA  CB   sing N N 74  
CYS CA  HA   sing N N 75  
CYS C   O    doub N N 76  
CYS C   OXT  sing N N 77  
CYS CB  SG   sing N N 78  
CYS CB  HB2  sing N N 79  
CYS CB  HB3  sing N N 80  
CYS SG  HG   sing N N 81  
CYS OXT HXT  sing N N 82  
GLN N   CA   sing N N 83  
GLN N   H    sing N N 84  
GLN N   H2   sing N N 85  
GLN CA  C    sing N N 86  
GLN CA  CB   sing N N 87  
GLN CA  HA   sing N N 88  
GLN C   O    doub N N 89  
GLN C   OXT  sing N N 90  
GLN CB  CG   sing N N 91  
GLN CB  HB2  sing N N 92  
GLN CB  HB3  sing N N 93  
GLN CG  CD   sing N N 94  
GLN CG  HG2  sing N N 95  
GLN CG  HG3  sing N N 96  
GLN CD  OE1  doub N N 97  
GLN CD  NE2  sing N N 98  
GLN NE2 HE21 sing N N 99  
GLN NE2 HE22 sing N N 100 
GLN OXT HXT  sing N N 101 
GLU N   CA   sing N N 102 
GLU N   H    sing N N 103 
GLU N   H2   sing N N 104 
GLU CA  C    sing N N 105 
GLU CA  CB   sing N N 106 
GLU CA  HA   sing N N 107 
GLU C   O    doub N N 108 
GLU C   OXT  sing N N 109 
GLU CB  CG   sing N N 110 
GLU CB  HB2  sing N N 111 
GLU CB  HB3  sing N N 112 
GLU CG  CD   sing N N 113 
GLU CG  HG2  sing N N 114 
GLU CG  HG3  sing N N 115 
GLU CD  OE1  doub N N 116 
GLU CD  OE2  sing N N 117 
GLU OE2 HE2  sing N N 118 
GLU OXT HXT  sing N N 119 
GLY N   CA   sing N N 120 
GLY N   H    sing N N 121 
GLY N   H2   sing N N 122 
GLY CA  C    sing N N 123 
GLY CA  HA2  sing N N 124 
GLY CA  HA3  sing N N 125 
GLY C   O    doub N N 126 
GLY C   OXT  sing N N 127 
GLY OXT HXT  sing N N 128 
HIS N   CA   sing N N 129 
HIS N   H    sing N N 130 
HIS N   H2   sing N N 131 
HIS CA  C    sing N N 132 
HIS CA  CB   sing N N 133 
HIS CA  HA   sing N N 134 
HIS C   O    doub N N 135 
HIS C   OXT  sing N N 136 
HIS CB  CG   sing N N 137 
HIS CB  HB2  sing N N 138 
HIS CB  HB3  sing N N 139 
HIS CG  ND1  sing Y N 140 
HIS CG  CD2  doub Y N 141 
HIS ND1 CE1  doub Y N 142 
HIS ND1 HD1  sing N N 143 
HIS CD2 NE2  sing Y N 144 
HIS CD2 HD2  sing N N 145 
HIS CE1 NE2  sing Y N 146 
HIS CE1 HE1  sing N N 147 
HIS NE2 HE2  sing N N 148 
HIS OXT HXT  sing N N 149 
HOH O   H1   sing N N 150 
HOH O   H2   sing N N 151 
ILE N   CA   sing N N 152 
ILE N   H    sing N N 153 
ILE N   H2   sing N N 154 
ILE CA  C    sing N N 155 
ILE CA  CB   sing N N 156 
ILE CA  HA   sing N N 157 
ILE C   O    doub N N 158 
ILE C   OXT  sing N N 159 
ILE CB  CG1  sing N N 160 
ILE CB  CG2  sing N N 161 
ILE CB  HB   sing N N 162 
ILE CG1 CD1  sing N N 163 
ILE CG1 HG12 sing N N 164 
ILE CG1 HG13 sing N N 165 
ILE CG2 HG21 sing N N 166 
ILE CG2 HG22 sing N N 167 
ILE CG2 HG23 sing N N 168 
ILE CD1 HD11 sing N N 169 
ILE CD1 HD12 sing N N 170 
ILE CD1 HD13 sing N N 171 
ILE OXT HXT  sing N N 172 
LEU N   CA   sing N N 173 
LEU N   H    sing N N 174 
LEU N   H2   sing N N 175 
LEU CA  C    sing N N 176 
LEU CA  CB   sing N N 177 
LEU CA  HA   sing N N 178 
LEU C   O    doub N N 179 
LEU C   OXT  sing N N 180 
LEU CB  CG   sing N N 181 
LEU CB  HB2  sing N N 182 
LEU CB  HB3  sing N N 183 
LEU CG  CD1  sing N N 184 
LEU CG  CD2  sing N N 185 
LEU CG  HG   sing N N 186 
LEU CD1 HD11 sing N N 187 
LEU CD1 HD12 sing N N 188 
LEU CD1 HD13 sing N N 189 
LEU CD2 HD21 sing N N 190 
LEU CD2 HD22 sing N N 191 
LEU CD2 HD23 sing N N 192 
LEU OXT HXT  sing N N 193 
LYS N   CA   sing N N 194 
LYS N   H    sing N N 195 
LYS N   H2   sing N N 196 
LYS CA  C    sing N N 197 
LYS CA  CB   sing N N 198 
LYS CA  HA   sing N N 199 
LYS C   O    doub N N 200 
LYS C   OXT  sing N N 201 
LYS CB  CG   sing N N 202 
LYS CB  HB2  sing N N 203 
LYS CB  HB3  sing N N 204 
LYS CG  CD   sing N N 205 
LYS CG  HG2  sing N N 206 
LYS CG  HG3  sing N N 207 
LYS CD  CE   sing N N 208 
LYS CD  HD2  sing N N 209 
LYS CD  HD3  sing N N 210 
LYS CE  NZ   sing N N 211 
LYS CE  HE2  sing N N 212 
LYS CE  HE3  sing N N 213 
LYS NZ  HZ1  sing N N 214 
LYS NZ  HZ2  sing N N 215 
LYS NZ  HZ3  sing N N 216 
LYS OXT HXT  sing N N 217 
MSE N   CA   sing N N 218 
MSE N   H    sing N N 219 
MSE N   H2   sing N N 220 
MSE CA  C    sing N N 221 
MSE CA  CB   sing N N 222 
MSE CA  HA   sing N N 223 
MSE C   O    doub N N 224 
MSE C   OXT  sing N N 225 
MSE OXT HXT  sing N N 226 
MSE CB  CG   sing N N 227 
MSE CB  HB2  sing N N 228 
MSE CB  HB3  sing N N 229 
MSE CG  SE   sing N N 230 
MSE CG  HG2  sing N N 231 
MSE CG  HG3  sing N N 232 
MSE SE  CE   sing N N 233 
MSE CE  HE1  sing N N 234 
MSE CE  HE2  sing N N 235 
MSE CE  HE3  sing N N 236 
PHE N   CA   sing N N 237 
PHE N   H    sing N N 238 
PHE N   H2   sing N N 239 
PHE CA  C    sing N N 240 
PHE CA  CB   sing N N 241 
PHE CA  HA   sing N N 242 
PHE C   O    doub N N 243 
PHE C   OXT  sing N N 244 
PHE CB  CG   sing N N 245 
PHE CB  HB2  sing N N 246 
PHE CB  HB3  sing N N 247 
PHE CG  CD1  doub Y N 248 
PHE CG  CD2  sing Y N 249 
PHE CD1 CE1  sing Y N 250 
PHE CD1 HD1  sing N N 251 
PHE CD2 CE2  doub Y N 252 
PHE CD2 HD2  sing N N 253 
PHE CE1 CZ   doub Y N 254 
PHE CE1 HE1  sing N N 255 
PHE CE2 CZ   sing Y N 256 
PHE CE2 HE2  sing N N 257 
PHE CZ  HZ   sing N N 258 
PHE OXT HXT  sing N N 259 
PRO N   CA   sing N N 260 
PRO N   CD   sing N N 261 
PRO N   H    sing N N 262 
PRO CA  C    sing N N 263 
PRO CA  CB   sing N N 264 
PRO CA  HA   sing N N 265 
PRO C   O    doub N N 266 
PRO C   OXT  sing N N 267 
PRO CB  CG   sing N N 268 
PRO CB  HB2  sing N N 269 
PRO CB  HB3  sing N N 270 
PRO CG  CD   sing N N 271 
PRO CG  HG2  sing N N 272 
PRO CG  HG3  sing N N 273 
PRO CD  HD2  sing N N 274 
PRO CD  HD3  sing N N 275 
PRO OXT HXT  sing N N 276 
SER N   CA   sing N N 277 
SER N   H    sing N N 278 
SER N   H2   sing N N 279 
SER CA  C    sing N N 280 
SER CA  CB   sing N N 281 
SER CA  HA   sing N N 282 
SER C   O    doub N N 283 
SER C   OXT  sing N N 284 
SER CB  OG   sing N N 285 
SER CB  HB2  sing N N 286 
SER CB  HB3  sing N N 287 
SER OG  HG   sing N N 288 
SER OXT HXT  sing N N 289 
THR N   CA   sing N N 290 
THR N   H    sing N N 291 
THR N   H2   sing N N 292 
THR CA  C    sing N N 293 
THR CA  CB   sing N N 294 
THR CA  HA   sing N N 295 
THR C   O    doub N N 296 
THR C   OXT  sing N N 297 
THR CB  OG1  sing N N 298 
THR CB  CG2  sing N N 299 
THR CB  HB   sing N N 300 
THR OG1 HG1  sing N N 301 
THR CG2 HG21 sing N N 302 
THR CG2 HG22 sing N N 303 
THR CG2 HG23 sing N N 304 
THR OXT HXT  sing N N 305 
TRP N   CA   sing N N 306 
TRP N   H    sing N N 307 
TRP N   H2   sing N N 308 
TRP CA  C    sing N N 309 
TRP CA  CB   sing N N 310 
TRP CA  HA   sing N N 311 
TRP C   O    doub N N 312 
TRP C   OXT  sing N N 313 
TRP CB  CG   sing N N 314 
TRP CB  HB2  sing N N 315 
TRP CB  HB3  sing N N 316 
TRP CG  CD1  doub Y N 317 
TRP CG  CD2  sing Y N 318 
TRP CD1 NE1  sing Y N 319 
TRP CD1 HD1  sing N N 320 
TRP CD2 CE2  doub Y N 321 
TRP CD2 CE3  sing Y N 322 
TRP NE1 CE2  sing Y N 323 
TRP NE1 HE1  sing N N 324 
TRP CE2 CZ2  sing Y N 325 
TRP CE3 CZ3  doub Y N 326 
TRP CE3 HE3  sing N N 327 
TRP CZ2 CH2  doub Y N 328 
TRP CZ2 HZ2  sing N N 329 
TRP CZ3 CH2  sing Y N 330 
TRP CZ3 HZ3  sing N N 331 
TRP CH2 HH2  sing N N 332 
TRP OXT HXT  sing N N 333 
TYR N   CA   sing N N 334 
TYR N   H    sing N N 335 
TYR N   H2   sing N N 336 
TYR CA  C    sing N N 337 
TYR CA  CB   sing N N 338 
TYR CA  HA   sing N N 339 
TYR C   O    doub N N 340 
TYR C   OXT  sing N N 341 
TYR CB  CG   sing N N 342 
TYR CB  HB2  sing N N 343 
TYR CB  HB3  sing N N 344 
TYR CG  CD1  doub Y N 345 
TYR CG  CD2  sing Y N 346 
TYR CD1 CE1  sing Y N 347 
TYR CD1 HD1  sing N N 348 
TYR CD2 CE2  doub Y N 349 
TYR CD2 HD2  sing N N 350 
TYR CE1 CZ   doub Y N 351 
TYR CE1 HE1  sing N N 352 
TYR CE2 CZ   sing Y N 353 
TYR CE2 HE2  sing N N 354 
TYR CZ  OH   sing N N 355 
TYR OH  HH   sing N N 356 
TYR OXT HXT  sing N N 357 
VAL N   CA   sing N N 358 
VAL N   H    sing N N 359 
VAL N   H2   sing N N 360 
VAL CA  C    sing N N 361 
VAL CA  CB   sing N N 362 
VAL CA  HA   sing N N 363 
VAL C   O    doub N N 364 
VAL C   OXT  sing N N 365 
VAL CB  CG1  sing N N 366 
VAL CB  CG2  sing N N 367 
VAL CB  HB   sing N N 368 
VAL CG1 HG11 sing N N 369 
VAL CG1 HG12 sing N N 370 
VAL CG1 HG13 sing N N 371 
VAL CG2 HG21 sing N N 372 
VAL CG2 HG22 sing N N 373 
VAL CG2 HG23 sing N N 374 
VAL OXT HXT  sing N N 375 
# 
_atom_sites.entry_id                    3DNX 
_atom_sites.fract_transf_matrix[1][1]   0.00548275 
_atom_sites.fract_transf_matrix[1][2]   0.01485392 
_atom_sites.fract_transf_matrix[1][3]   0.00530003 
_atom_sites.fract_transf_matrix[2][1]   -0.00391127 
_atom_sites.fract_transf_matrix[2][2]   0.00671653 
_atom_sites.fract_transf_matrix[2][3]   -0.01477769 
_atom_sites.fract_transf_matrix[3][1]   -0.00916232 
_atom_sites.fract_transf_matrix[3][2]   0.00216546 
_atom_sites.fract_transf_matrix[3][3]   0.00340924 
_atom_sites.fract_transf_vector[1]      0.775271 
_atom_sites.fract_transf_vector[2]      0.746926 
_atom_sites.fract_transf_vector[3]      0.057919 
# 
loop_
_atom_type.symbol 
C  
N  
NA 
O  
S  
SE 
# 
loop_
_atom_site.group_PDB 
_atom_site.id 
_atom_site.type_symbol 
_atom_site.label_atom_id 
_atom_site.label_alt_id 
_atom_site.label_comp_id 
_atom_site.label_asym_id 
_atom_site.label_entity_id 
_atom_site.label_seq_id 
_atom_site.pdbx_PDB_ins_code 
_atom_site.Cartn_x 
_atom_site.Cartn_y 
_atom_site.Cartn_z 
_atom_site.occupancy 
_atom_site.B_iso_or_equiv 
_atom_site.pdbx_formal_charge 
_atom_site.auth_seq_id 
_atom_site.auth_comp_id 
_atom_site.auth_asym_id 
_atom_site.auth_atom_id 
_atom_site.pdbx_PDB_model_num 
ATOM   1    N  N   . LEU A 1 8   ? 7.145   -9.510  17.804  1.00 38.14 ? 5   LEU A N   1 
ATOM   2    C  CA  . LEU A 1 8   ? 6.415   -8.406  17.106  1.00 38.30 ? 5   LEU A CA  1 
ATOM   3    C  C   . LEU A 1 8   ? 5.015   -8.238  17.680  1.00 38.70 ? 5   LEU A C   1 
ATOM   4    O  O   . LEU A 1 8   ? 4.237   -9.192  17.704  1.00 38.88 ? 5   LEU A O   1 
ATOM   5    C  CB  . LEU A 1 8   ? 6.290   -8.685  15.603  1.00 37.92 ? 5   LEU A CB  1 
ATOM   6    C  CG  . LEU A 1 8   ? 7.547   -8.896  14.749  1.00 37.39 ? 5   LEU A CG  1 
ATOM   7    C  CD1 . LEU A 1 8   ? 7.176   -8.814  13.254  1.00 35.18 ? 5   LEU A CD1 1 
ATOM   8    C  CD2 . LEU A 1 8   ? 8.654   -7.891  15.104  1.00 36.39 ? 5   LEU A CD2 1 
ATOM   9    N  N   . ASP A 1 9   ? 4.702   -7.033  18.158  1.00 39.19 ? 6   ASP A N   1 
ATOM   10   C  CA  . ASP A 1 9   ? 3.307   -6.639  18.381  1.00 39.51 ? 6   ASP A CA  1 
ATOM   11   C  C   . ASP A 1 9   ? 2.901   -5.731  17.218  1.00 39.87 ? 6   ASP A C   1 
ATOM   12   O  O   . ASP A 1 9   ? 2.781   -4.510  17.349  1.00 39.97 ? 6   ASP A O   1 
ATOM   13   C  CB  . ASP A 1 9   ? 3.019   -6.026  19.776  1.00 39.40 ? 6   ASP A CB  1 
ATOM   14   C  CG  . ASP A 1 9   ? 4.190   -5.250  20.361  1.00 39.37 ? 6   ASP A CG  1 
ATOM   15   O  OD1 . ASP A 1 9   ? 3.945   -4.220  21.025  1.00 38.77 ? 6   ASP A OD1 1 
ATOM   16   O  OD2 . ASP A 1 9   ? 5.348   -5.680  20.191  1.00 39.57 ? 6   ASP A OD2 1 
ATOM   17   N  N   . LEU A 1 10  ? 2.751   -6.368  16.061  1.00 40.08 ? 7   LEU A N   1 
ATOM   18   C  CA  . LEU A 1 10  ? 2.113   -5.771  14.903  1.00 40.61 ? 7   LEU A CA  1 
ATOM   19   C  C   . LEU A 1 10  ? 0.772   -6.469  14.710  1.00 41.15 ? 7   LEU A C   1 
ATOM   20   O  O   . LEU A 1 10  ? 0.662   -7.682  14.905  1.00 40.41 ? 7   LEU A O   1 
ATOM   21   C  CB  . LEU A 1 10  ? 2.945   -5.989  13.633  1.00 40.38 ? 7   LEU A CB  1 
ATOM   22   C  CG  . LEU A 1 10  ? 4.336   -5.365  13.499  1.00 40.99 ? 7   LEU A CG  1 
ATOM   23   C  CD1 . LEU A 1 10  ? 4.945   -5.778  12.163  1.00 40.42 ? 7   LEU A CD1 1 
ATOM   24   C  CD2 . LEU A 1 10  ? 4.311   -3.845  13.635  1.00 40.43 ? 7   LEU A CD2 1 
ATOM   25   N  N   . GLN A 1 11  ? -0.241  -5.703  14.313  1.00 42.24 ? 8   GLN A N   1 
ATOM   26   C  CA  A GLN A 1 11  ? -1.546  -6.268  13.952  0.50 42.53 ? 8   GLN A CA  1 
ATOM   27   C  CA  B GLN A 1 11  ? -1.540  -6.279  13.964  0.50 42.57 ? 8   GLN A CA  1 
ATOM   28   C  C   . GLN A 1 11  ? -1.406  -7.008  12.625  1.00 42.85 ? 8   GLN A C   1 
ATOM   29   O  O   . GLN A 1 11  ? -0.442  -6.790  11.895  1.00 42.28 ? 8   GLN A O   1 
ATOM   30   C  CB  A GLN A 1 11  ? -2.598  -5.157  13.829  0.50 42.65 ? 8   GLN A CB  1 
ATOM   31   C  CB  B GLN A 1 11  ? -2.618  -5.184  13.895  0.50 42.74 ? 8   GLN A CB  1 
ATOM   32   C  CG  A GLN A 1 11  ? -3.211  -4.708  15.157  0.50 42.48 ? 8   GLN A CG  1 
ATOM   33   C  CG  B GLN A 1 11  ? -2.883  -4.460  15.215  0.50 42.76 ? 8   GLN A CG  1 
ATOM   34   C  CD  A GLN A 1 11  ? -3.853  -3.337  15.061  0.50 41.89 ? 8   GLN A CD  1 
ATOM   35   C  CD  B GLN A 1 11  ? -3.301  -5.394  16.351  0.50 42.66 ? 8   GLN A CD  1 
ATOM   36   O  OE1 A GLN A 1 11  ? -3.666  -2.621  14.075  0.50 41.95 ? 8   GLN A OE1 1 
ATOM   37   O  OE1 B GLN A 1 11  ? -3.866  -6.468  16.126  0.50 41.65 ? 8   GLN A OE1 1 
ATOM   38   N  NE2 A GLN A 1 11  ? -4.618  -2.964  16.081  0.50 42.22 ? 8   GLN A NE2 1 
ATOM   39   N  NE2 B GLN A 1 11  ? -3.026  -4.977  17.582  0.50 42.26 ? 8   GLN A NE2 1 
ATOM   40   N  N   . PRO A 1 12  ? -2.365  -7.897  12.303  1.00 43.65 ? 9   PRO A N   1 
ATOM   41   C  CA  . PRO A 1 12  ? -2.237  -8.668  11.039  1.00 44.43 ? 9   PRO A CA  1 
ATOM   42   C  C   . PRO A 1 12  ? -1.995  -7.837  9.754   1.00 44.22 ? 9   PRO A C   1 
ATOM   43   O  O   . PRO A 1 12  ? -1.132  -8.182  8.928   1.00 43.49 ? 9   PRO A O   1 
ATOM   44   C  CB  . PRO A 1 12  ? -3.562  -9.440  10.979  1.00 44.78 ? 9   PRO A CB  1 
ATOM   45   C  CG  . PRO A 1 12  ? -3.965  -9.605  12.407  1.00 44.24 ? 9   PRO A CG  1 
ATOM   46   C  CD  . PRO A 1 12  ? -3.565  -8.307  13.069  1.00 43.75 ? 9   PRO A CD  1 
ATOM   47   N  N   . GLY A 1 13  ? -2.732  -6.745  9.576   1.00 44.09 ? 10  GLY A N   1 
ATOM   48   C  CA  . GLY A 1 13  ? -2.502  -5.909  8.377   1.00 43.34 ? 10  GLY A CA  1 
ATOM   49   C  C   . GLY A 1 13  ? -1.123  -5.270  8.370   1.00 42.61 ? 10  GLY A C   1 
ATOM   50   O  O   . GLY A 1 13  ? -0.472  -5.093  7.310   1.00 41.75 ? 10  GLY A O   1 
ATOM   51   N  N   . GLN A 1 14  ? -0.645  -4.909  9.561   1.00 41.40 ? 11  GLN A N   1 
ATOM   52   C  CA  . GLN A 1 14  ? 0.659   -4.304  9.656   1.00 40.04 ? 11  GLN A CA  1 
ATOM   53   C  C   . GLN A 1 14  ? 1.743   -5.300  9.302   1.00 38.83 ? 11  GLN A C   1 
ATOM   54   O  O   . GLN A 1 14  ? 2.797   -4.906  8.825   1.00 39.89 ? 11  GLN A O   1 
ATOM   55   C  CB  . GLN A 1 14  ? 0.908   -3.728  11.056  1.00 40.06 ? 11  GLN A CB  1 
ATOM   56   C  CG  . GLN A 1 14  ? 0.094   -2.472  11.370  1.00 40.33 ? 11  GLN A CG  1 
ATOM   57   C  CD  . GLN A 1 14  ? 0.297   -1.993  12.778  1.00 39.18 ? 11  GLN A CD  1 
ATOM   58   O  OE1 . GLN A 1 14  ? 0.186   -2.763  13.730  1.00 35.18 ? 11  GLN A OE1 1 
ATOM   59   N  NE2 . GLN A 1 14  ? 0.577   -0.697  12.926  1.00 42.19 ? 11  GLN A NE2 1 
ATOM   60   N  N   . ARG A 1 15  ? 1.506   -6.562  9.623   1.00 38.76 ? 12  ARG A N   1 
ATOM   61   C  CA  . ARG A 1 15  ? 2.439   -7.636  9.309   1.00 37.01 ? 12  ARG A CA  1 
ATOM   62   C  C   . ARG A 1 15  ? 2.615   -7.765  7.812   1.00 34.65 ? 12  ARG A C   1 
ATOM   63   O  O   . ARG A 1 15  ? 3.731   -7.765  7.313   1.00 34.81 ? 12  ARG A O   1 
ATOM   64   C  CB  . ARG A 1 15  ? 1.931   -8.946  9.928   1.00 37.53 ? 12  ARG A CB  1 
ATOM   65   C  CG  . ARG A 1 15  ? 2.219   -9.092  11.435  1.00 38.59 ? 12  ARG A CG  1 
ATOM   66   C  CD  . ARG A 1 15  ? 1.743   -10.438 11.946  1.00 40.97 ? 12  ARG A CD  1 
ATOM   67   N  NE  . ARG A 1 15  ? 2.311   -10.788 13.248  1.00 43.25 ? 12  ARG A NE  1 
ATOM   68   C  CZ  . ARG A 1 15  ? 3.381   -11.567 13.461  1.00 44.47 ? 12  ARG A CZ  1 
ATOM   69   N  NH1 . ARG A 1 15  ? 3.766   -11.810 14.709  1.00 45.36 ? 12  ARG A NH1 1 
ATOM   70   N  NH2 . ARG A 1 15  ? 4.075   -12.114 12.460  1.00 44.66 ? 12  ARG A NH2 1 
ATOM   71   N  N   . LEU A 1 16  ? 1.499   -7.890  7.097   1.00 32.91 ? 13  LEU A N   1 
ATOM   72   C  CA  . LEU A 1 16  ? 1.536   -7.971  5.642   1.00 32.29 ? 13  LEU A CA  1 
ATOM   73   C  C   . LEU A 1 16  ? 2.252   -6.745  5.073   1.00 31.74 ? 13  LEU A C   1 
ATOM   74   O  O   . LEU A 1 16  ? 3.102   -6.896  4.210   1.00 32.08 ? 13  LEU A O   1 
ATOM   75   C  CB  . LEU A 1 16  ? 0.123   -8.091  5.036   1.00 32.92 ? 13  LEU A CB  1 
ATOM   76   C  CG  . LEU A 1 16  ? -0.718  -9.318  5.410   1.00 32.94 ? 13  LEU A CG  1 
ATOM   77   C  CD1 . LEU A 1 16  ? -2.184  -9.154  4.946   1.00 32.58 ? 13  LEU A CD1 1 
ATOM   78   C  CD2 . LEU A 1 16  ? -0.099  -10.546 4.796   1.00 33.66 ? 13  LEU A CD2 1 
ATOM   79   N  N   . ALA A 1 17  ? 1.947   -5.550  5.600   1.00 30.28 ? 14  ALA A N   1 
ATOM   80   C  CA  . ALA A 1 17  ? 2.533   -4.349  5.063   1.00 30.35 ? 14  ALA A CA  1 
ATOM   81   C  C   . ALA A 1 17  ? 4.073   -4.334  5.259   1.00 29.01 ? 14  ALA A C   1 
ATOM   82   O  O   . ALA A 1 17  ? 4.802   -3.729  4.471   1.00 29.67 ? 14  ALA A O   1 
ATOM   83   C  CB  . ALA A 1 17  ? 1.916   -3.109  5.687   1.00 28.79 ? 14  ALA A CB  1 
ATOM   84   N  N   . ARG A 1 18  ? 4.529   -4.916  6.360   1.00 29.40 ? 15  ARG A N   1 
ATOM   85   C  CA  . ARG A 1 18  ? 5.994   -5.045  6.594   1.00 29.83 ? 15  ARG A CA  1 
ATOM   86   C  C   . ARG A 1 18  ? 6.664   -5.845  5.543   1.00 29.24 ? 15  ARG A C   1 
ATOM   87   O  O   . ARG A 1 18  ? 7.667   -5.410  4.982   1.00 29.13 ? 15  ARG A O   1 
ATOM   88   C  CB  . ARG A 1 18  ? 6.268   -5.638  7.979   1.00 30.37 ? 15  ARG A CB  1 
ATOM   89   C  CG  . ARG A 1 18  ? 7.735   -5.567  8.464   1.00 33.54 ? 15  ARG A CG  1 
ATOM   90   C  CD  . ARG A 1 18  ? 7.673   -6.237  9.834   1.00 39.34 ? 15  ARG A CD  1 
ATOM   91   N  NE  . ARG A 1 18  ? 8.851   -6.155  10.640  1.00 41.73 ? 15  ARG A NE  1 
ATOM   92   C  CZ  . ARG A 1 18  ? 9.677   -7.166  10.885  1.00 45.31 ? 15  ARG A CZ  1 
ATOM   93   N  NH1 . ARG A 1 18  ? 10.706  -6.953  11.699  1.00 45.52 ? 15  ARG A NH1 1 
ATOM   94   N  NH2 . ARG A 1 18  ? 9.506   -8.369  10.326  1.00 44.25 ? 15  ARG A NH2 1 
ATOM   95   N  N   . GLY A 1 19  ? 6.071   -6.989  5.208   1.00 30.12 ? 16  GLY A N   1 
ATOM   96   C  CA  . GLY A 1 19  ? 6.615   -7.855  4.160   1.00 29.24 ? 16  GLY A CA  1 
ATOM   97   C  C   . GLY A 1 19  ? 6.538   -7.244  2.811   1.00 29.52 ? 16  GLY A C   1 
ATOM   98   O  O   . GLY A 1 19  ? 7.509   -7.285  2.037   1.00 28.36 ? 16  GLY A O   1 
ATOM   99   N  N   . VAL A 1 20  ? 5.427   -6.547  2.535   1.00 28.25 ? 17  VAL A N   1 
ATOM   100  C  CA  . VAL A 1 20  ? 5.306   -5.837  1.276   1.00 27.59 ? 17  VAL A CA  1 
ATOM   101  C  C   . VAL A 1 20  ? 6.403   -4.766  1.107   1.00 28.51 ? 17  VAL A C   1 
ATOM   102  O  O   . VAL A 1 20  ? 7.040   -4.668  0.017   1.00 28.26 ? 17  VAL A O   1 
ATOM   103  C  CB  . VAL A 1 20  ? 3.866   -5.199  1.105   1.00 26.92 ? 17  VAL A CB  1 
ATOM   104  C  CG1 . VAL A 1 20  ? 3.836   -4.317  -0.128  1.00 28.67 ? 17  VAL A CG1 1 
ATOM   105  C  CG2 . VAL A 1 20  ? 2.785   -6.301  1.015   1.00 28.70 ? 17  VAL A CG2 1 
ATOM   106  N  N   . ALA A 1 21  ? 6.592   -3.956  2.161   1.00 28.55 ? 18  ALA A N   1 
ATOM   107  C  CA  . ALA A 1 21  ? 7.596   -2.889  2.169   1.00 27.98 ? 18  ALA A CA  1 
ATOM   108  C  C   . ALA A 1 21  ? 9.034   -3.437  1.949   1.00 28.27 ? 18  ALA A C   1 
ATOM   109  O  O   . ALA A 1 21  ? 9.822   -2.824  1.207   1.00 27.57 ? 18  ALA A O   1 
ATOM   110  C  CB  . ALA A 1 21  ? 7.512   -2.089  3.434   1.00 27.73 ? 18  ALA A CB  1 
ATOM   111  N  N   . ARG A 1 22  ? 9.351   -4.547  2.602   1.00 30.15 ? 19  ARG A N   1 
ATOM   112  C  CA  . ARG A 1 22  ? 10.682  -5.219  2.409   1.00 30.28 ? 19  ARG A CA  1 
ATOM   113  C  C   . ARG A 1 22  ? 10.849  -5.557  0.972   1.00 30.51 ? 19  ARG A C   1 
ATOM   114  O  O   . ARG A 1 22  ? 11.899  -5.287  0.384   1.00 31.11 ? 19  ARG A O   1 
ATOM   115  C  CB  . ARG A 1 22  ? 10.809  -6.469  3.257   1.00 30.44 ? 19  ARG A CB  1 
ATOM   116  C  CG  . ARG A 1 22  ? 10.956  -6.208  4.696   1.00 32.15 ? 19  ARG A CG  1 
ATOM   117  C  CD  . ARG A 1 22  ? 10.920  -7.483  5.525   1.00 30.90 ? 19  ARG A CD  1 
ATOM   118  N  NE  . ARG A 1 22  ? 11.391  -7.226  6.878   1.00 30.71 ? 19  ARG A NE  1 
ATOM   119  C  CZ  . ARG A 1 22  ? 12.059  -8.101  7.627   1.00 34.06 ? 19  ARG A CZ  1 
ATOM   120  N  NH1 . ARG A 1 22  ? 12.290  -9.349  7.224   1.00 34.11 ? 19  ARG A NH1 1 
ATOM   121  N  NH2 . ARG A 1 22  ? 12.458  -7.747  8.825   1.00 36.45 ? 19  ARG A NH2 1 
ATOM   122  N  N   . HIS A 1 23  ? 9.804   -6.163  0.362   1.00 31.84 ? 20  HIS A N   1 
ATOM   123  C  CA  . HIS A 1 23  ? 9.915   -6.655  -1.004  1.00 30.13 ? 20  HIS A CA  1 
ATOM   124  C  C   . HIS A 1 23  ? 9.989   -5.533  -2.027  1.00 29.99 ? 20  HIS A C   1 
ATOM   125  O  O   . HIS A 1 23  ? 10.803  -5.587  -2.968  1.00 29.25 ? 20  HIS A O   1 
ATOM   126  C  CB  . HIS A 1 23  ? 8.735   -7.618  -1.335  1.00 32.18 ? 20  HIS A CB  1 
ATOM   127  C  CG  . HIS A 1 23  ? 8.881   -8.302  -2.660  1.00 32.57 ? 20  HIS A CG  1 
ATOM   128  N  ND1 . HIS A 1 23  ? 9.946   -9.125  -2.953  1.00 33.23 ? 20  HIS A ND1 1 
ATOM   129  C  CD2 . HIS A 1 23  ? 8.150   -8.210  -3.803  1.00 33.95 ? 20  HIS A CD2 1 
ATOM   130  C  CE1 . HIS A 1 23  ? 9.829   -9.563  -4.185  1.00 33.99 ? 20  HIS A CE1 1 
ATOM   131  N  NE2 . HIS A 1 23  ? 8.756   -9.019  -4.726  1.00 34.24 ? 20  HIS A NE2 1 
ATOM   132  N  N   . LEU A 1 24  ? 9.176   -4.486  -1.846  1.00 28.80 ? 21  LEU A N   1 
ATOM   133  C  CA  . LEU A 1 24  ? 9.256   -3.294  -2.694  1.00 30.87 ? 21  LEU A CA  1 
ATOM   134  C  C   . LEU A 1 24  ? 10.683  -2.714  -2.656  1.00 29.17 ? 21  LEU A C   1 
ATOM   135  O  O   . LEU A 1 24  ? 11.271  -2.428  -3.682  1.00 29.80 ? 21  LEU A O   1 
ATOM   136  C  CB  . LEU A 1 24  ? 8.282   -2.200  -2.243  1.00 30.12 ? 21  LEU A CB  1 
ATOM   137  C  CG  . LEU A 1 24  ? 6.818   -2.483  -2.579  1.00 34.58 ? 21  LEU A CG  1 
ATOM   138  C  CD1 . LEU A 1 24  ? 5.940   -1.408  -1.905  1.00 34.39 ? 21  LEU A CD1 1 
ATOM   139  C  CD2 . LEU A 1 24  ? 6.600   -2.488  -4.069  1.00 36.07 ? 21  LEU A CD2 1 
ATOM   140  N  N   . ARG A 1 25  ? 11.240  -2.624  -1.475  1.00 30.71 ? 22  ARG A N   1 
ATOM   141  C  CA  . ARG A 1 25  ? 12.559  -1.989  -1.307  1.00 30.39 ? 22  ARG A CA  1 
ATOM   142  C  C   . ARG A 1 25  ? 13.667  -2.828  -1.997  1.00 30.86 ? 22  ARG A C   1 
ATOM   143  O  O   . ARG A 1 25  ? 14.593  -2.277  -2.633  1.00 30.07 ? 22  ARG A O   1 
ATOM   144  C  CB  . ARG A 1 25  ? 12.840  -1.709  0.166   1.00 30.93 ? 22  ARG A CB  1 
ATOM   145  C  CG  . ARG A 1 25  ? 14.202  -1.056  0.456   1.00 33.89 ? 22  ARG A CG  1 
ATOM   146  C  CD  . ARG A 1 25  ? 14.509  -0.977  1.927   1.00 35.51 ? 22  ARG A CD  1 
ATOM   147  N  NE  . ARG A 1 25  ? 15.819  -0.374  2.024   1.00 34.57 ? 22  ARG A NE  1 
ATOM   148  C  CZ  . ARG A 1 25  ? 16.169  0.626   2.827   1.00 35.50 ? 22  ARG A CZ  1 
ATOM   149  N  NH1 . ARG A 1 25  ? 15.321  1.138   3.720   1.00 33.15 ? 22  ARG A NH1 1 
ATOM   150  N  NH2 . ARG A 1 25  ? 17.412  1.095   2.735   1.00 34.96 ? 22  ARG A NH2 1 
ATOM   151  N  N   . ALA A 1 26  ? 13.564  -4.128  -1.872  1.00 31.76 ? 23  ALA A N   1 
ATOM   152  C  CA  . ALA A 1 26  ? 14.480  -5.084  -2.567  1.00 32.88 ? 23  ALA A CA  1 
ATOM   153  C  C   . ALA A 1 26  ? 14.491  -4.882  -4.086  1.00 34.72 ? 23  ALA A C   1 
ATOM   154  O  O   . ALA A 1 26  ? 15.496  -5.149  -4.782  1.00 34.07 ? 23  ALA A O   1 
ATOM   155  C  CB  . ALA A 1 26  ? 14.089  -6.497  -2.230  1.00 32.37 ? 23  ALA A CB  1 
ATOM   156  N  N   . HIS A 1 27  ? 13.378  -4.366  -4.621  1.00 36.04 ? 24  HIS A N   1 
ATOM   157  C  CA  . HIS A 1 27  ? 13.299  -4.078  -6.051  1.00 36.14 ? 24  HIS A CA  1 
ATOM   158  C  C   . HIS A 1 27  ? 13.264  -2.602  -6.444  1.00 36.10 ? 24  HIS A C   1 
ATOM   159  O  O   . HIS A 1 27  ? 12.738  -2.263  -7.525  1.00 36.57 ? 24  HIS A O   1 
ATOM   160  C  CB  . HIS A 1 27  ? 12.116  -4.825  -6.593  1.00 36.62 ? 24  HIS A CB  1 
ATOM   161  C  CG  . HIS A 1 27  ? 12.312  -6.305  -6.592  1.00 39.20 ? 24  HIS A CG  1 
ATOM   162  N  ND1 . HIS A 1 27  ? 13.050  -6.957  -7.565  1.00 41.39 ? 24  HIS A ND1 1 
ATOM   163  C  CD2 . HIS A 1 27  ? 11.902  -7.255  -5.729  1.00 39.99 ? 24  HIS A CD2 1 
ATOM   164  C  CE1 . HIS A 1 27  ? 13.051  -8.251  -7.307  1.00 39.92 ? 24  HIS A CE1 1 
ATOM   165  N  NE2 . HIS A 1 27  ? 12.353  -8.458  -6.211  1.00 41.57 ? 24  HIS A NE2 1 
ATOM   166  N  N   . GLY A 1 28  ? 13.883  -1.747  -5.635  1.00 34.51 ? 25  GLY A N   1 
ATOM   167  C  CA  . GLY A 1 28  ? 14.078  -0.329  -5.953  1.00 34.38 ? 25  GLY A CA  1 
ATOM   168  C  C   . GLY A 1 28  ? 12.897  0.618   -5.779  1.00 33.84 ? 25  GLY A C   1 
ATOM   169  O  O   . GLY A 1 28  ? 12.992  1.809   -6.112  1.00 34.39 ? 25  GLY A O   1 
ATOM   170  N  N   . PHE A 1 29  ? 11.795  0.095   -5.233  1.00 33.03 ? 26  PHE A N   1 
ATOM   171  C  CA  . PHE A 1 29  ? 10.668  0.893   -4.818  1.00 32.41 ? 26  PHE A CA  1 
ATOM   172  C  C   . PHE A 1 29  ? 10.864  1.367   -3.368  1.00 32.82 ? 26  PHE A C   1 
ATOM   173  O  O   . PHE A 1 29  ? 11.740  0.879   -2.631  1.00 32.25 ? 26  PHE A O   1 
ATOM   174  C  CB  . PHE A 1 29  ? 9.362   0.106   -4.963  1.00 32.87 ? 26  PHE A CB  1 
ATOM   175  C  CG  . PHE A 1 29  ? 8.764   0.158   -6.347  1.00 32.59 ? 26  PHE A CG  1 
ATOM   176  C  CD1 . PHE A 1 29  ? 9.456   -0.387  -7.440  1.00 34.19 ? 26  PHE A CD1 1 
ATOM   177  C  CD2 . PHE A 1 29  ? 7.483   0.662   -6.547  1.00 32.00 ? 26  PHE A CD2 1 
ATOM   178  C  CE1 . PHE A 1 29  ? 8.911   -0.367  -8.700  1.00 37.10 ? 26  PHE A CE1 1 
ATOM   179  C  CE2 . PHE A 1 29  ? 6.949   0.721   -7.807  1.00 33.19 ? 26  PHE A CE2 1 
ATOM   180  C  CZ  . PHE A 1 29  ? 7.642   0.186   -8.897  1.00 35.86 ? 26  PHE A CZ  1 
ATOM   181  N  N   . VAL A 1 30  ? 10.113  2.393   -2.991  1.00 30.86 ? 27  VAL A N   1 
ATOM   182  C  CA  . VAL A 1 30  ? 9.990   2.784   -1.593  1.00 29.69 ? 27  VAL A CA  1 
ATOM   183  C  C   . VAL A 1 30  ? 8.500   2.813   -1.269  1.00 29.17 ? 27  VAL A C   1 
ATOM   184  O  O   . VAL A 1 30  ? 7.666   2.758   -2.174  1.00 30.58 ? 27  VAL A O   1 
ATOM   185  C  CB  . VAL A 1 30  ? 10.615  4.170   -1.316  1.00 29.88 ? 27  VAL A CB  1 
ATOM   186  C  CG1 . VAL A 1 30  ? 12.184  4.088   -1.476  1.00 29.49 ? 27  VAL A CG1 1 
ATOM   187  C  CG2 . VAL A 1 30  ? 10.046  5.236   -2.254  1.00 28.47 ? 27  VAL A CG2 1 
ATOM   188  N  N   . SER A 1 31  ? 8.169   2.952   -0.009  1.00 28.60 ? 28  SER A N   1 
ATOM   189  C  CA  . SER A 1 31  ? 6.765   2.830   0.391   1.00 27.97 ? 28  SER A CA  1 
ATOM   190  C  C   . SER A 1 31  ? 6.489   3.627   1.647   1.00 26.85 ? 28  SER A C   1 
ATOM   191  O  O   . SER A 1 31  ? 7.402   3.974   2.405   1.00 26.63 ? 28  SER A O   1 
ATOM   192  C  CB  . SER A 1 31  ? 6.375   1.388   0.576   1.00 27.40 ? 28  SER A CB  1 
ATOM   193  O  OG  . SER A 1 31  ? 7.119   0.791   1.645   1.00 28.09 ? 28  SER A OG  1 
ATOM   194  N  N   . VAL A 1 32  ? 5.203   3.928   1.835   1.00 26.32 ? 29  VAL A N   1 
ATOM   195  C  CA  . VAL A 1 32  ? 4.690   4.398   3.098   1.00 26.09 ? 29  VAL A CA  1 
ATOM   196  C  C   . VAL A 1 32  ? 3.415   3.628   3.430   1.00 26.69 ? 29  VAL A C   1 
ATOM   197  O  O   . VAL A 1 32  ? 2.776   3.011   2.560   1.00 25.06 ? 29  VAL A O   1 
ATOM   198  C  CB  . VAL A 1 32  ? 4.392   5.933   3.161   1.00 25.96 ? 29  VAL A CB  1 
ATOM   199  C  CG1 . VAL A 1 32  ? 5.707   6.752   2.978   1.00 26.47 ? 29  VAL A CG1 1 
ATOM   200  C  CG2 . VAL A 1 32  ? 3.320   6.381   2.208   1.00 24.70 ? 29  VAL A CG2 1 
ATOM   201  N  N   . GLU A 1 33  ? 3.045   3.695   4.689   1.00 26.99 ? 30  GLU A N   1 
ATOM   202  C  CA  . GLU A 1 33  ? 1.829   3.085   5.137   1.00 28.70 ? 30  GLU A CA  1 
ATOM   203  C  C   . GLU A 1 33  ? 0.733   4.095   5.486   1.00 27.60 ? 30  GLU A C   1 
ATOM   204  O  O   . GLU A 1 33  ? 0.989   5.248   5.877   1.00 27.17 ? 30  GLU A O   1 
ATOM   205  C  CB  . GLU A 1 33  ? 2.114   2.208   6.360   1.00 29.53 ? 30  GLU A CB  1 
ATOM   206  C  CG  . GLU A 1 33  ? 2.783   0.907   6.079   1.00 35.04 ? 30  GLU A CG  1 
ATOM   207  C  CD  . GLU A 1 33  ? 2.802   -0.015  7.328   1.00 43.13 ? 30  GLU A CD  1 
ATOM   208  O  OE1 . GLU A 1 33  ? 1.722   -0.236  7.980   1.00 48.65 ? 30  GLU A OE1 1 
ATOM   209  O  OE2 . GLU A 1 33  ? 3.886   -0.547  7.645   1.00 39.81 ? 30  GLU A OE2 1 
ATOM   210  N  N   . GLU A 1 34  ? -0.511  3.641   5.339   1.00 27.51 ? 31  GLU A N   1 
ATOM   211  C  CA  A GLU A 1 34  ? -1.691  4.436   5.711   0.50 27.73 ? 31  GLU A CA  1 
ATOM   212  C  CA  B GLU A 1 34  ? -1.686  4.431   5.724   0.50 27.57 ? 31  GLU A CA  1 
ATOM   213  C  C   . GLU A 1 34  ? -1.685  5.780   5.019   1.00 26.70 ? 31  GLU A C   1 
ATOM   214  O  O   . GLU A 1 34  ? -1.792  6.812   5.636   1.00 26.95 ? 31  GLU A O   1 
ATOM   215  C  CB  A GLU A 1 34  ? -1.738  4.597   7.225   0.50 28.41 ? 31  GLU A CB  1 
ATOM   216  C  CB  B GLU A 1 34  ? -1.708  4.577   7.247   0.50 28.11 ? 31  GLU A CB  1 
ATOM   217  C  CG  A GLU A 1 34  ? -1.653  3.266   7.921   0.50 31.21 ? 31  GLU A CG  1 
ATOM   218  C  CG  B GLU A 1 34  ? -1.562  3.232   7.963   0.50 30.19 ? 31  GLU A CG  1 
ATOM   219  C  CD  A GLU A 1 34  ? -1.878  3.371   9.398   0.50 35.16 ? 31  GLU A CD  1 
ATOM   220  C  CD  B GLU A 1 34  ? -2.826  2.389   7.890   0.50 33.16 ? 31  GLU A CD  1 
ATOM   221  O  OE1 A GLU A 1 34  ? -1.273  4.261   10.025  0.50 39.43 ? 31  GLU A OE1 1 
ATOM   222  O  OE1 B GLU A 1 34  ? -3.829  2.838   8.464   0.50 36.63 ? 31  GLU A OE1 1 
ATOM   223  O  OE2 A GLU A 1 34  ? -2.648  2.539   9.934   0.50 39.69 ? 31  GLU A OE2 1 
ATOM   224  O  OE2 B GLU A 1 34  ? -2.834  1.288   7.293   0.50 34.25 ? 31  GLU A OE2 1 
ATOM   225  N  N   . PHE A 1 35  ? -1.552  5.737   3.708   1.00 26.33 ? 32  PHE A N   1 
ATOM   226  C  CA  . PHE A 1 35  ? -1.500  6.907   2.893   1.00 25.68 ? 32  PHE A CA  1 
ATOM   227  C  C   . PHE A 1 35  ? -2.875  7.440   2.452   1.00 24.65 ? 32  PHE A C   1 
ATOM   228  O  O   . PHE A 1 35  ? -3.724  6.668   1.992   1.00 24.12 ? 32  PHE A O   1 
ATOM   229  C  CB  . PHE A 1 35  ? -0.714  6.597   1.650   1.00 25.46 ? 32  PHE A CB  1 
ATOM   230  C  CG  . PHE A 1 35  ? -0.542  7.761   0.774   1.00 24.52 ? 32  PHE A CG  1 
ATOM   231  C  CD1 . PHE A 1 35  ? -1.250  7.857   -0.400  1.00 25.16 ? 32  PHE A CD1 1 
ATOM   232  C  CD2 . PHE A 1 35  ? 0.301   8.799   1.140   1.00 25.34 ? 32  PHE A CD2 1 
ATOM   233  C  CE1 . PHE A 1 35  ? -1.094  8.927   -1.232  1.00 26.20 ? 32  PHE A CE1 1 
ATOM   234  C  CE2 . PHE A 1 35  ? 0.433   9.889   0.316   1.00 25.96 ? 32  PHE A CE2 1 
ATOM   235  C  CZ  . PHE A 1 35  ? -0.253  9.949   -0.885  1.00 25.05 ? 32  PHE A CZ  1 
ATOM   236  N  N   . VAL A 1 36  ? -3.049  8.749   2.527   1.00 24.23 ? 33  VAL A N   1 
ATOM   237  C  CA  . VAL A 1 36  ? -4.329  9.421   2.195   1.00 23.50 ? 33  VAL A CA  1 
ATOM   238  C  C   . VAL A 1 36  ? -4.227  10.162  0.859   1.00 24.37 ? 33  VAL A C   1 
ATOM   239  O  O   . VAL A 1 36  ? -3.688  11.282  0.793   1.00 24.23 ? 33  VAL A O   1 
ATOM   240  C  CB  . VAL A 1 36  ? -4.774  10.393  3.279   1.00 24.23 ? 33  VAL A CB  1 
ATOM   241  C  CG1 . VAL A 1 36  ? -6.037  11.158  2.847   1.00 22.24 ? 33  VAL A CG1 1 
ATOM   242  C  CG2 . VAL A 1 36  ? -5.008  9.669   4.580   1.00 24.19 ? 33  VAL A CG2 1 
ATOM   243  N  N   . PRO A 1 37  ? -4.738  9.555   -0.222  1.00 24.54 ? 34  PRO A N   1 
ATOM   244  C  CA  . PRO A 1 37  ? -4.674  10.223  -1.528  1.00 25.71 ? 34  PRO A CA  1 
ATOM   245  C  C   . PRO A 1 37  ? -5.710  11.332  -1.742  1.00 26.84 ? 34  PRO A C   1 
ATOM   246  O  O   . PRO A 1 37  ? -5.530  12.187  -2.620  1.00 27.21 ? 34  PRO A O   1 
ATOM   247  C  CB  . PRO A 1 37  ? -4.870  9.062   -2.508  1.00 25.67 ? 34  PRO A CB  1 
ATOM   248  C  CG  . PRO A 1 37  ? -5.685  8.037   -1.745  1.00 25.17 ? 34  PRO A CG  1 
ATOM   249  C  CD  . PRO A 1 37  ? -5.351  8.210   -0.294  1.00 25.17 ? 34  PRO A CD  1 
ATOM   250  N  N   . ALA A 1 38  ? -6.779  11.311  -0.953  1.00 27.43 ? 35  ALA A N   1 
ATOM   251  C  CA  . ALA A 1 38  ? -7.874  12.260  -1.073  1.00 29.07 ? 35  ALA A CA  1 
ATOM   252  C  C   . ALA A 1 38  ? -8.726  12.068  0.166   1.00 29.37 ? 35  ALA A C   1 
ATOM   253  O  O   . ALA A 1 38  ? -8.687  11.003  0.794   1.00 27.54 ? 35  ALA A O   1 
ATOM   254  C  CB  . ALA A 1 38  ? -8.714  11.998  -2.344  1.00 29.70 ? 35  ALA A CB  1 
ATOM   255  N  N   . ARG A 1 39  ? -9.468  13.113  0.509   1.00 29.82 ? 36  ARG A N   1 
ATOM   256  C  CA  . ARG A 1 39  ? -10.385 13.090  1.642   1.00 30.96 ? 36  ARG A CA  1 
ATOM   257  C  C   . ARG A 1 39  ? -11.215 11.833  1.623   1.00 31.11 ? 36  ARG A C   1 
ATOM   258  O  O   . ARG A 1 39  ? -11.765 11.487  0.585   1.00 31.88 ? 36  ARG A O   1 
ATOM   259  C  CB  . ARG A 1 39  ? -11.353 14.269  1.571   1.00 31.37 ? 36  ARG A CB  1 
ATOM   260  C  CG  . ARG A 1 39  ? -10.891 15.505  2.269   1.00 33.43 ? 36  ARG A CG  1 
ATOM   261  C  CD  . ARG A 1 39  ? -12.085 16.372  2.589   1.00 34.81 ? 36  ARG A CD  1 
ATOM   262  N  NE  . ARG A 1 39  ? -11.738 17.553  3.372   1.00 36.64 ? 36  ARG A NE  1 
ATOM   263  C  CZ  . ARG A 1 39  ? -11.705 17.621  4.703   1.00 37.17 ? 36  ARG A CZ  1 
ATOM   264  N  NH1 . ARG A 1 39  ? -11.994 16.565  5.452   1.00 37.94 ? 36  ARG A NH1 1 
ATOM   265  N  NH2 . ARG A 1 39  ? -11.383 18.770  5.284   1.00 38.12 ? 36  ARG A NH2 1 
ATOM   266  N  N   . GLY A 1 40  ? -11.329 11.171  2.770   1.00 31.00 ? 37  GLY A N   1 
ATOM   267  C  CA  . GLY A 1 40  ? -12.181 9.997   2.896   1.00 30.64 ? 37  GLY A CA  1 
ATOM   268  C  C   . GLY A 1 40  ? -11.596 8.683   2.417   1.00 30.47 ? 37  GLY A C   1 
ATOM   269  O  O   . GLY A 1 40  ? -12.248 7.661   2.530   1.00 30.27 ? 37  GLY A O   1 
ATOM   270  N  N   . LEU A 1 41  ? -10.376 8.686   1.881   1.00 30.30 ? 38  LEU A N   1 
ATOM   271  C  CA  . LEU A 1 41  ? -9.720  7.444   1.480   1.00 30.44 ? 38  LEU A CA  1 
ATOM   272  C  C   . LEU A 1 41  ? -8.411  7.249   2.222   1.00 29.85 ? 38  LEU A C   1 
ATOM   273  O  O   . LEU A 1 41  ? -7.724  8.206   2.559   1.00 27.66 ? 38  LEU A O   1 
ATOM   274  C  CB  . LEU A 1 41  ? -9.411  7.444   -0.019  1.00 30.96 ? 38  LEU A CB  1 
ATOM   275  C  CG  . LEU A 1 41  ? -10.596 7.465   -0.981  1.00 34.65 ? 38  LEU A CG  1 
ATOM   276  C  CD1 . LEU A 1 41  ? -10.078 7.715   -2.394  1.00 37.20 ? 38  LEU A CD1 1 
ATOM   277  C  CD2 . LEU A 1 41  ? -11.382 6.130   -0.893  1.00 37.06 ? 38  LEU A CD2 1 
ATOM   278  N  N   . ARG A 1 42  ? -8.061  5.998   2.437   1.00 30.06 ? 39  ARG A N   1 
ATOM   279  C  CA  . ARG A 1 42  ? -6.757  5.659   2.984   1.00 30.98 ? 39  ARG A CA  1 
ATOM   280  C  C   . ARG A 1 42  ? -6.298  4.333   2.420   1.00 30.64 ? 39  ARG A C   1 
ATOM   281  O  O   . ARG A 1 42  ? -7.089  3.387   2.348   1.00 30.53 ? 39  ARG A O   1 
ATOM   282  C  CB  . ARG A 1 42  ? -6.806  5.596   4.494   1.00 31.70 ? 39  ARG A CB  1 
ATOM   283  C  CG  . ARG A 1 42  ? -5.429  5.700   5.117   1.00 36.13 ? 39  ARG A CG  1 
ATOM   284  C  CD  . ARG A 1 42  ? -5.507  5.706   6.619   1.00 41.67 ? 39  ARG A CD  1 
ATOM   285  N  NE  . ARG A 1 42  ? -5.970  4.410   7.085   1.00 46.35 ? 39  ARG A NE  1 
ATOM   286  C  CZ  . ARG A 1 42  ? -6.051  4.029   8.359   1.00 52.33 ? 39  ARG A CZ  1 
ATOM   287  N  NH1 . ARG A 1 42  ? -5.657  4.846   9.347   1.00 53.52 ? 39  ARG A NH1 1 
ATOM   288  N  NH2 . ARG A 1 42  ? -6.510  2.799   8.640   1.00 53.35 ? 39  ARG A NH2 1 
ATOM   289  N  N   . VAL A 1 43  ? -5.054  4.273   1.950   1.00 29.25 ? 40  VAL A N   1 
ATOM   290  C  CA  . VAL A 1 43  ? -4.548  3.045   1.376   1.00 29.29 ? 40  VAL A CA  1 
ATOM   291  C  C   . VAL A 1 43  ? -3.504  2.435   2.309   1.00 29.28 ? 40  VAL A C   1 
ATOM   292  O  O   . VAL A 1 43  ? -2.739  3.141   2.939   1.00 28.16 ? 40  VAL A O   1 
ATOM   293  C  CB  . VAL A 1 43  ? -3.975  3.231   -0.068  1.00 30.38 ? 40  VAL A CB  1 
ATOM   294  C  CG1 . VAL A 1 43  ? -4.946  3.999   -0.999  1.00 30.15 ? 40  VAL A CG1 1 
ATOM   295  C  CG2 . VAL A 1 43  ? -2.651  3.845   -0.053  1.00 31.10 ? 40  VAL A CG2 1 
ATOM   296  N  N   . ASP A 1 44  ? -3.478  1.109   2.378   1.00 28.82 ? 41  ASP A N   1 
ATOM   297  C  CA  . ASP A 1 44  ? -2.632  0.400   3.359   1.00 28.90 ? 41  ASP A CA  1 
ATOM   298  C  C   . ASP A 1 44  ? -1.129  0.580   3.095   1.00 29.20 ? 41  ASP A C   1 
ATOM   299  O  O   . ASP A 1 44  ? -0.373  0.868   4.016   1.00 28.96 ? 41  ASP A O   1 
ATOM   300  C  CB  . ASP A 1 44  ? -2.988  -1.084  3.359   1.00 29.05 ? 41  ASP A CB  1 
ATOM   301  C  CG  . ASP A 1 44  ? -4.420  -1.343  3.835   1.00 29.68 ? 41  ASP A CG  1 
ATOM   302  O  OD1 . ASP A 1 44  ? -4.959  -0.511  4.594   1.00 28.41 ? 41  ASP A OD1 1 
ATOM   303  O  OD2 . ASP A 1 44  ? -4.959  -2.399  3.438   1.00 29.44 ? 41  ASP A OD2 1 
ATOM   304  N  N   . VAL A 1 45  ? -0.733  0.419   1.834   1.00 29.53 ? 42  VAL A N   1 
ATOM   305  C  CA  . VAL A 1 45  ? 0.614   0.722   1.414   1.00 29.37 ? 42  VAL A CA  1 
ATOM   306  C  C   . VAL A 1 45  ? 0.556   1.478   0.091   1.00 29.29 ? 42  VAL A C   1 
ATOM   307  O  O   . VAL A 1 45  ? -0.142  1.067   -0.844  1.00 28.58 ? 42  VAL A O   1 
ATOM   308  C  CB  . VAL A 1 45  ? 1.487   -0.546  1.274   1.00 30.24 ? 42  VAL A CB  1 
ATOM   309  C  CG1 . VAL A 1 45  ? 2.894   -0.188  0.721   1.00 29.49 ? 42  VAL A CG1 1 
ATOM   310  C  CG2 . VAL A 1 45  ? 1.624   -1.244  2.621   1.00 29.51 ? 42  VAL A CG2 1 
HETATM 311  N  N   . MSE A 1 46  ? 1.305   2.586   0.027   1.00 28.21 ? 43  MSE A N   1 
HETATM 312  C  CA  . MSE A 1 46  ? 1.607   3.208   -1.255  1.00 28.70 ? 43  MSE A CA  1 
HETATM 313  C  C   . MSE A 1 46  ? 3.048   2.941   -1.611  1.00 29.05 ? 43  MSE A C   1 
HETATM 314  O  O   . MSE A 1 46  ? 3.926   3.175   -0.774  1.00 28.30 ? 43  MSE A O   1 
HETATM 315  C  CB  . MSE A 1 46  ? 1.318   4.709   -1.248  1.00 27.94 ? 43  MSE A CB  1 
HETATM 316  C  CG  . MSE A 1 46  ? 1.615   5.355   -2.654  1.00 31.25 ? 43  MSE A CG  1 
HETATM 317  SE SE  . MSE A 1 46  ? 1.286   7.208   -2.876  0.65 32.79 ? 43  MSE A SE  1 
HETATM 318  C  CE  . MSE A 1 46  ? 2.806   7.712   -4.063  1.00 36.03 ? 43  MSE A CE  1 
ATOM   319  N  N   . GLY A 1 47  ? 3.280   2.453   -2.839  1.00 29.66 ? 44  GLY A N   1 
ATOM   320  C  CA  . GLY A 1 47  ? 4.636   2.245   -3.351  1.00 29.92 ? 44  GLY A CA  1 
ATOM   321  C  C   . GLY A 1 47  ? 4.979   3.278   -4.392  1.00 30.19 ? 44  GLY A C   1 
ATOM   322  O  O   . GLY A 1 47  ? 4.115   3.655   -5.208  1.00 29.23 ? 44  GLY A O   1 
ATOM   323  N  N   . LEU A 1 48  ? 6.236   3.766   -4.354  1.00 30.88 ? 45  LEU A N   1 
ATOM   324  C  CA  . LEU A 1 48  ? 6.743   4.715   -5.301  1.00 31.78 ? 45  LEU A CA  1 
ATOM   325  C  C   . LEU A 1 48  ? 7.990   4.157   -5.989  1.00 32.94 ? 45  LEU A C   1 
ATOM   326  O  O   . LEU A 1 48  ? 8.998   3.807   -5.325  1.00 32.14 ? 45  LEU A O   1 
ATOM   327  C  CB  . LEU A 1 48  ? 7.061   6.044   -4.621  1.00 31.03 ? 45  LEU A CB  1 
ATOM   328  C  CG  . LEU A 1 48  ? 7.711   7.125   -5.464  1.00 32.51 ? 45  LEU A CG  1 
ATOM   329  C  CD1 . LEU A 1 48  ? 6.778   7.566   -6.611  1.00 29.99 ? 45  LEU A CD1 1 
ATOM   330  C  CD2 . LEU A 1 48  ? 8.168   8.339   -4.579  1.00 29.43 ? 45  LEU A CD2 1 
ATOM   331  N  N   . GLY A 1 49  ? 7.886   4.064   -7.304  1.00 34.05 ? 46  GLY A N   1 
ATOM   332  C  CA  . GLY A 1 49  ? 8.926   3.497   -8.174  1.00 35.87 ? 46  GLY A CA  1 
ATOM   333  C  C   . GLY A 1 49  ? 9.978   4.518   -8.532  1.00 37.83 ? 46  GLY A C   1 
ATOM   334  O  O   . GLY A 1 49  ? 9.782   5.743   -8.330  1.00 38.53 ? 46  GLY A O   1 
ATOM   335  N  N   . PRO A 1 50  ? 11.141  4.039   -9.005  1.00 39.46 ? 47  PRO A N   1 
ATOM   336  C  CA  . PRO A 1 50  ? 12.250  4.994   -9.244  1.00 40.90 ? 47  PRO A CA  1 
ATOM   337  C  C   . PRO A 1 50  ? 11.973  6.017   -10.367 1.00 42.26 ? 47  PRO A C   1 
ATOM   338  O  O   . PRO A 1 50  ? 12.668  7.046   -10.446 1.00 43.50 ? 47  PRO A O   1 
ATOM   339  C  CB  . PRO A 1 50  ? 13.450  4.088   -9.608  1.00 40.67 ? 47  PRO A CB  1 
ATOM   340  C  CG  . PRO A 1 50  ? 12.854  2.779   -9.981  1.00 40.80 ? 47  PRO A CG  1 
ATOM   341  C  CD  . PRO A 1 50  ? 11.525  2.647   -9.258  1.00 38.82 ? 47  PRO A CD  1 
ATOM   342  N  N   . LYS A 1 51  ? 10.975  5.750   -11.202 1.00 42.99 ? 48  LYS A N   1 
ATOM   343  C  CA  . LYS A 1 51  ? 10.585  6.669   -12.270 1.00 43.80 ? 48  LYS A CA  1 
ATOM   344  C  C   . LYS A 1 51  ? 9.248   7.326   -11.949 1.00 42.11 ? 48  LYS A C   1 
ATOM   345  O  O   . LYS A 1 51  ? 8.635   7.931   -12.819 1.00 41.20 ? 48  LYS A O   1 
ATOM   346  C  CB  . LYS A 1 51  ? 10.495  5.916   -13.604 1.00 45.43 ? 48  LYS A CB  1 
ATOM   347  C  CG  . LYS A 1 51  ? 11.837  5.313   -14.088 1.00 49.60 ? 48  LYS A CG  1 
ATOM   348  C  CD  . LYS A 1 51  ? 11.699  4.583   -15.450 1.00 54.59 ? 48  LYS A CD  1 
ATOM   349  C  CE  . LYS A 1 51  ? 11.810  3.053   -15.319 1.00 57.03 ? 48  LYS A CE  1 
ATOM   350  N  NZ  . LYS A 1 51  ? 13.096  2.656   -14.629 1.00 58.42 ? 48  LYS A NZ  1 
ATOM   351  N  N   . GLY A 1 52  ? 8.809   7.216   -10.695 1.00 39.55 ? 49  GLY A N   1 
ATOM   352  C  CA  . GLY A 1 52  ? 7.601   7.866   -10.249 1.00 37.96 ? 49  GLY A CA  1 
ATOM   353  C  C   . GLY A 1 52  ? 6.330   7.050   -10.429 1.00 36.76 ? 49  GLY A C   1 
ATOM   354  O  O   . GLY A 1 52  ? 5.259   7.577   -10.296 1.00 35.86 ? 49  GLY A O   1 
ATOM   355  N  N   . GLU A 1 53  ? 6.457   5.761   -10.683 1.00 35.39 ? 50  GLU A N   1 
ATOM   356  C  CA  . GLU A 1 53  ? 5.311   4.840   -10.768 1.00 36.06 ? 50  GLU A CA  1 
ATOM   357  C  C   . GLU A 1 53  ? 4.616   4.790   -9.375  1.00 34.85 ? 50  GLU A C   1 
ATOM   358  O  O   . GLU A 1 53  ? 5.283   4.808   -8.338  1.00 34.55 ? 50  GLU A O   1 
ATOM   359  C  CB  . GLU A 1 53  ? 5.796   3.445   -11.205 1.00 36.91 ? 50  GLU A CB  1 
ATOM   360  C  CG  . GLU A 1 53  ? 6.751   3.405   -12.463 1.00 42.02 ? 50  GLU A CG  1 
ATOM   361  C  CD  . GLU A 1 53  ? 8.281   3.302   -12.124 1.00 46.63 ? 50  GLU A CD  1 
ATOM   362  O  OE1 . GLU A 1 53  ? 9.004   2.450   -12.688 1.00 54.54 ? 50  GLU A OE1 1 
ATOM   363  O  OE2 . GLU A 1 53  ? 8.779   4.049   -11.304 1.00 41.20 ? 50  GLU A OE2 1 
ATOM   364  N  N   . ILE A 1 54  ? 3.288   4.820   -9.341  1.00 32.72 ? 51  ILE A N   1 
ATOM   365  C  CA  . ILE A 1 54  ? 2.548   4.784   -8.072  1.00 31.02 ? 51  ILE A CA  1 
ATOM   366  C  C   . ILE A 1 54  ? 1.733   3.480   -8.023  1.00 30.71 ? 51  ILE A C   1 
ATOM   367  O  O   . ILE A 1 54  ? 0.943   3.182   -8.926  1.00 29.10 ? 51  ILE A O   1 
ATOM   368  C  CB  . ILE A 1 54  ? 1.636   6.043   -7.885  1.00 31.37 ? 51  ILE A CB  1 
ATOM   369  C  CG1 . ILE A 1 54  ? 2.498   7.306   -7.751  1.00 33.61 ? 51  ILE A CG1 1 
ATOM   370  C  CG2 . ILE A 1 54  ? 0.758   5.938   -6.607  1.00 29.15 ? 51  ILE A CG2 1 
ATOM   371  C  CD1 . ILE A 1 54  ? 1.785   8.550   -8.198  1.00 36.59 ? 51  ILE A CD1 1 
ATOM   372  N  N   . TRP A 1 55  ? 1.969   2.705   -6.953  1.00 30.35 ? 52  TRP A N   1 
ATOM   373  C  CA  . TRP A 1 55  ? 1.275   1.465   -6.667  1.00 30.78 ? 52  TRP A CA  1 
ATOM   374  C  C   . TRP A 1 55  ? 0.506   1.589   -5.373  1.00 29.52 ? 52  TRP A C   1 
ATOM   375  O  O   . TRP A 1 55  ? 0.990   2.158   -4.404  1.00 29.52 ? 52  TRP A O   1 
ATOM   376  C  CB  . TRP A 1 55  ? 2.285   0.341   -6.494  1.00 31.80 ? 52  TRP A CB  1 
ATOM   377  C  CG  . TRP A 1 55  ? 2.967   -0.101  -7.745  1.00 32.99 ? 52  TRP A CG  1 
ATOM   378  C  CD1 . TRP A 1 55  ? 2.973   0.514   -8.959  1.00 34.79 ? 52  TRP A CD1 1 
ATOM   379  C  CD2 . TRP A 1 55  ? 3.794   -1.258  -7.878  1.00 33.33 ? 52  TRP A CD2 1 
ATOM   380  N  NE1 . TRP A 1 55  ? 3.773   -0.179  -9.842  1.00 35.95 ? 52  TRP A NE1 1 
ATOM   381  C  CE2 . TRP A 1 55  ? 4.279   -1.279  -9.200  1.00 36.05 ? 52  TRP A CE2 1 
ATOM   382  C  CE3 . TRP A 1 55  ? 4.193   -2.247  -7.005  1.00 33.32 ? 52  TRP A CE3 1 
ATOM   383  C  CZ2 . TRP A 1 55  ? 5.117   -2.280  -9.677  1.00 34.77 ? 52  TRP A CZ2 1 
ATOM   384  C  CZ3 . TRP A 1 55  ? 5.030   -3.266  -7.493  1.00 34.80 ? 52  TRP A CZ3 1 
ATOM   385  C  CH2 . TRP A 1 55  ? 5.472   -3.254  -8.814  1.00 35.32 ? 52  TRP A CH2 1 
ATOM   386  N  N   . VAL A 1 56  ? -0.715  1.098   -5.372  1.00 29.67 ? 53  VAL A N   1 
ATOM   387  C  CA  . VAL A 1 56  ? -1.500  0.978   -4.168  1.00 28.16 ? 53  VAL A CA  1 
ATOM   388  C  C   . VAL A 1 56  ? -1.594  -0.517  -3.882  1.00 28.83 ? 53  VAL A C   1 
ATOM   389  O  O   . VAL A 1 56  ? -1.937  -1.337  -4.774  1.00 26.41 ? 53  VAL A O   1 
ATOM   390  C  CB  . VAL A 1 56  ? -2.892  1.597   -4.344  1.00 29.11 ? 53  VAL A CB  1 
ATOM   391  C  CG1 . VAL A 1 56  ? -3.903  1.015   -3.312  1.00 27.78 ? 53  VAL A CG1 1 
ATOM   392  C  CG2 . VAL A 1 56  ? -2.780  3.133   -4.305  1.00 28.12 ? 53  VAL A CG2 1 
ATOM   393  N  N   . ILE A 1 57  ? -1.291  -0.869  -2.636  1.00 28.50 ? 54  ILE A N   1 
ATOM   394  C  CA  . ILE A 1 57  ? -1.407  -2.243  -2.172  1.00 29.08 ? 54  ILE A CA  1 
ATOM   395  C  C   . ILE A 1 57  ? -2.299  -2.270  -0.944  1.00 28.55 ? 54  ILE A C   1 
ATOM   396  O  O   . ILE A 1 57  ? -1.988  -1.661  0.089   1.00 28.15 ? 54  ILE A O   1 
ATOM   397  C  CB  . ILE A 1 57  ? -0.034  -2.882  -1.842  1.00 29.43 ? 54  ILE A CB  1 
ATOM   398  C  CG1 . ILE A 1 57  ? 0.864   -2.844  -3.067  1.00 31.46 ? 54  ILE A CG1 1 
ATOM   399  C  CG2 . ILE A 1 57  ? -0.169  -4.342  -1.357  1.00 30.38 ? 54  ILE A CG2 1 
ATOM   400  C  CD1 . ILE A 1 57  ? 1.981   -1.878  -2.909  1.00 34.04 ? 54  ILE A CD1 1 
ATOM   401  N  N   . GLU A 1 58  ? -3.419  -2.985  -1.074  1.00 26.85 ? 55  GLU A N   1 
ATOM   402  C  CA  . GLU A 1 58  ? -4.316  -3.212  0.016   1.00 26.66 ? 55  GLU A CA  1 
ATOM   403  C  C   . GLU A 1 58  ? -4.023  -4.567  0.644   1.00 28.23 ? 55  GLU A C   1 
ATOM   404  O  O   . GLU A 1 58  ? -4.167  -5.624  -0.029  1.00 28.33 ? 55  GLU A O   1 
ATOM   405  C  CB  . GLU A 1 58  ? -5.773  -3.152  -0.477  1.00 26.95 ? 55  GLU A CB  1 
ATOM   406  C  CG  . GLU A 1 58  ? -6.262  -1.782  -0.791  1.00 26.27 ? 55  GLU A CG  1 
ATOM   407  C  CD  . GLU A 1 58  ? -6.357  -0.915  0.442   1.00 28.92 ? 55  GLU A CD  1 
ATOM   408  O  OE1 . GLU A 1 58  ? -7.333  -1.075  1.205   1.00 30.37 ? 55  GLU A OE1 1 
ATOM   409  O  OE2 . GLU A 1 58  ? -5.462  -0.073  0.647   1.00 26.72 ? 55  GLU A OE2 1 
ATOM   410  N  N   . CYS A 1 59  ? -3.732  -4.527  1.932   1.00 29.07 ? 56  CYS A N   1 
ATOM   411  C  CA  . CYS A 1 59  ? -3.304  -5.665  2.711   1.00 30.82 ? 56  CYS A CA  1 
ATOM   412  C  C   . CYS A 1 59  ? -4.492  -6.218  3.463   1.00 30.88 ? 56  CYS A C   1 
ATOM   413  O  O   . CYS A 1 59  ? -4.915  -5.665  4.455   1.00 31.72 ? 56  CYS A O   1 
ATOM   414  C  CB  . CYS A 1 59  ? -2.172  -5.270  3.667   1.00 30.80 ? 56  CYS A CB  1 
ATOM   415  S  SG  . CYS A 1 59  ? -0.719  -4.632  2.803   1.00 33.27 ? 56  CYS A SG  1 
ATOM   416  N  N   . LYS A 1 60  ? -5.041  -7.337  2.994   1.00 31.20 ? 57  LYS A N   1 
ATOM   417  C  CA  . LYS A 1 60  ? -6.207  -7.920  3.643   1.00 32.78 ? 57  LYS A CA  1 
ATOM   418  C  C   . LYS A 1 60  ? -5.814  -9.160  4.450   1.00 33.46 ? 57  LYS A C   1 
ATOM   419  O  O   . LYS A 1 60  ? -5.333  -10.139 3.919   1.00 32.62 ? 57  LYS A O   1 
ATOM   420  C  CB  . LYS A 1 60  ? -7.271  -8.235  2.606   1.00 32.90 ? 57  LYS A CB  1 
ATOM   421  C  CG  . LYS A 1 60  ? -7.701  -7.015  1.813   1.00 35.60 ? 57  LYS A CG  1 
ATOM   422  C  CD  . LYS A 1 60  ? -8.326  -6.014  2.781   1.00 38.77 ? 57  LYS A CD  1 
ATOM   423  C  CE  . LYS A 1 60  ? -8.735  -4.763  2.118   1.00 42.21 ? 57  LYS A CE  1 
ATOM   424  N  NZ  . LYS A 1 60  ? -9.343  -3.773  3.090   1.00 43.45 ? 57  LYS A NZ  1 
ATOM   425  N  N   . SER A 1 61  ? -6.054  -9.096  5.748   1.00 34.39 ? 58  SER A N   1 
ATOM   426  C  CA  . SER A 1 61  ? -5.543  -10.082 6.669   1.00 35.27 ? 58  SER A CA  1 
ATOM   427  C  C   . SER A 1 61  ? -6.548  -11.222 6.891   1.00 35.26 ? 58  SER A C   1 
ATOM   428  O  O   . SER A 1 61  ? -6.189  -12.249 7.492   1.00 35.69 ? 58  SER A O   1 
ATOM   429  C  CB  . SER A 1 61  ? -5.204  -9.379  7.968   1.00 35.37 ? 58  SER A CB  1 
ATOM   430  O  OG  . SER A 1 61  ? -6.367  -8.707  8.480   1.00 40.50 ? 58  SER A OG  1 
ATOM   431  N  N   . SER A 1 62  ? -7.773  -11.029 6.364   1.00 34.46 ? 59  SER A N   1 
ATOM   432  C  CA  A SER A 1 62  ? -8.904  -11.956 6.526   0.50 34.53 ? 59  SER A CA  1 
ATOM   433  C  CA  B SER A 1 62  ? -8.874  -11.986 6.495   0.50 34.12 ? 59  SER A CA  1 
ATOM   434  C  C   . SER A 1 62  ? -9.894  -11.749 5.379   1.00 34.32 ? 59  SER A C   1 
ATOM   435  O  O   . SER A 1 62  ? -9.937  -10.687 4.788   1.00 33.74 ? 59  SER A O   1 
ATOM   436  C  CB  A SER A 1 62  ? -9.658  -11.659 7.843   0.50 34.93 ? 59  SER A CB  1 
ATOM   437  C  CB  B SER A 1 62  ? -9.587  -11.797 7.848   0.50 34.52 ? 59  SER A CB  1 
ATOM   438  O  OG  A SER A 1 62  ? -9.503  -12.683 8.805   0.50 34.74 ? 59  SER A OG  1 
ATOM   439  O  OG  B SER A 1 62  ? -10.307 -10.566 7.888   0.50 31.84 ? 59  SER A OG  1 
ATOM   440  N  N   . ARG A 1 63  ? -10.728 -12.745 5.109   1.00 35.75 ? 60  ARG A N   1 
ATOM   441  C  CA  . ARG A 1 63  ? -11.906 -12.556 4.240   1.00 36.62 ? 60  ARG A CA  1 
ATOM   442  C  C   . ARG A 1 63  ? -12.816 -11.393 4.652   1.00 36.50 ? 60  ARG A C   1 
ATOM   443  O  O   . ARG A 1 63  ? -13.326 -10.660 3.796   1.00 36.82 ? 60  ARG A O   1 
ATOM   444  C  CB  . ARG A 1 63  ? -12.747 -13.816 4.228   1.00 37.23 ? 60  ARG A CB  1 
ATOM   445  C  CG  . ARG A 1 63  ? -12.189 -14.868 3.342   1.00 38.79 ? 60  ARG A CG  1 
ATOM   446  C  CD  . ARG A 1 63  ? -13.189 -15.948 3.145   1.00 40.20 ? 60  ARG A CD  1 
ATOM   447  N  NE  . ARG A 1 63  ? -14.297 -15.511 2.292   1.00 41.47 ? 60  ARG A NE  1 
ATOM   448  C  CZ  . ARG A 1 63  ? -15.179 -16.335 1.742   1.00 42.08 ? 60  ARG A CZ  1 
ATOM   449  N  NH1 . ARG A 1 63  ? -15.092 -17.641 1.948   1.00 43.37 ? 60  ARG A NH1 1 
ATOM   450  N  NH2 . ARG A 1 63  ? -16.159 -15.854 0.985   1.00 44.05 ? 60  ARG A NH2 1 
ATOM   451  N  N   . ALA A 1 64  ? -13.023 -11.217 5.956   1.00 36.87 ? 61  ALA A N   1 
ATOM   452  C  CA  . ALA A 1 64  ? -13.839 -10.078 6.464   1.00 36.31 ? 61  ALA A CA  1 
ATOM   453  C  C   . ALA A 1 64  ? -13.176 -8.741  6.122   1.00 36.59 ? 61  ALA A C   1 
ATOM   454  O  O   . ALA A 1 64  ? -13.861 -7.777  5.753   1.00 36.73 ? 61  ALA A O   1 
ATOM   455  C  CB  . ALA A 1 64  ? -14.056 -10.186 7.946   1.00 36.61 ? 61  ALA A CB  1 
ATOM   456  N  N   . ASP A 1 65  ? -11.845 -8.686  6.218   1.00 35.46 ? 62  ASP A N   1 
ATOM   457  C  CA  . ASP A 1 65  ? -11.119 -7.496  5.872   1.00 35.64 ? 62  ASP A CA  1 
ATOM   458  C  C   . ASP A 1 65  ? -11.397 -7.128  4.412   1.00 34.83 ? 62  ASP A C   1 
ATOM   459  O  O   . ASP A 1 65  ? -11.511 -5.940  4.062   1.00 35.10 ? 62  ASP A O   1 
ATOM   460  C  CB  . ASP A 1 65  ? -9.616  -7.720  6.082   1.00 36.39 ? 62  ASP A CB  1 
ATOM   461  C  CG  . ASP A 1 65  ? -8.864  -6.445  6.322   1.00 39.25 ? 62  ASP A CG  1 
ATOM   462  O  OD1 . ASP A 1 65  ? -9.451  -5.471  6.855   1.00 40.62 ? 62  ASP A OD1 1 
ATOM   463  O  OD2 . ASP A 1 65  ? -7.661  -6.415  6.000   1.00 38.77 ? 62  ASP A OD2 1 
ATOM   464  N  N   . PHE A 1 66  ? -11.487 -8.152  3.559   1.00 32.94 ? 63  PHE A N   1 
ATOM   465  C  CA  . PHE A 1 66  ? -11.689 -7.965  2.113   1.00 32.11 ? 63  PHE A CA  1 
ATOM   466  C  C   . PHE A 1 66  ? -13.140 -7.534  1.876   1.00 32.58 ? 63  PHE A C   1 
ATOM   467  O  O   . PHE A 1 66  ? -13.414 -6.631  1.087   1.00 33.27 ? 63  PHE A O   1 
ATOM   468  C  CB  . PHE A 1 66  ? -11.317 -9.266  1.343   1.00 31.56 ? 63  PHE A CB  1 
ATOM   469  C  CG  . PHE A 1 66  ? -11.843 -9.325  -0.045  1.00 28.81 ? 63  PHE A CG  1 
ATOM   470  C  CD1 . PHE A 1 66  ? -11.422 -8.427  -0.986  1.00 28.17 ? 63  PHE A CD1 1 
ATOM   471  C  CD2 . PHE A 1 66  ? -12.755 -10.300 -0.412  1.00 30.00 ? 63  PHE A CD2 1 
ATOM   472  C  CE1 . PHE A 1 66  ? -11.949 -8.467  -2.289  1.00 28.32 ? 63  PHE A CE1 1 
ATOM   473  C  CE2 . PHE A 1 66  ? -13.241 -10.364 -1.707  1.00 30.25 ? 63  PHE A CE2 1 
ATOM   474  C  CZ  . PHE A 1 66  ? -12.827 -9.439  -2.644  1.00 27.83 ? 63  PHE A CZ  1 
ATOM   475  N  N   . GLN A 1 67  ? -14.053 -8.173  2.585   1.00 32.42 ? 64  GLN A N   1 
ATOM   476  C  CA  . GLN A 1 67  ? -15.464 -7.838  2.499   1.00 33.60 ? 64  GLN A CA  1 
ATOM   477  C  C   . GLN A 1 67  ? -15.747 -6.350  2.807   1.00 34.10 ? 64  GLN A C   1 
ATOM   478  O  O   . GLN A 1 67  ? -16.576 -5.717  2.148   1.00 34.13 ? 64  GLN A O   1 
ATOM   479  C  CB  . GLN A 1 67  ? -16.265 -8.800  3.393   1.00 33.32 ? 64  GLN A CB  1 
ATOM   480  C  CG  . GLN A 1 67  ? -16.183 -10.272 2.886   1.00 34.10 ? 64  GLN A CG  1 
ATOM   481  C  CD  . GLN A 1 67  ? -16.456 -11.344 3.970   1.00 36.83 ? 64  GLN A CD  1 
ATOM   482  O  OE1 . GLN A 1 67  ? -16.928 -11.033 5.069   1.00 36.11 ? 64  GLN A OE1 1 
ATOM   483  N  NE2 . GLN A 1 67  ? -16.199 -12.613 3.631   1.00 35.53 ? 64  GLN A NE2 1 
ATOM   484  N  N   . ALA A 1 68  ? -15.029 -5.800  3.777   1.00 34.84 ? 65  ALA A N   1 
ATOM   485  C  CA  . ALA A 1 68  ? -15.110 -4.379  4.138   1.00 35.88 ? 65  ALA A CA  1 
ATOM   486  C  C   . ALA A 1 68  ? -14.510 -3.385  3.102   1.00 36.86 ? 65  ALA A C   1 
ATOM   487  O  O   . ALA A 1 68  ? -14.842 -2.208  3.127   1.00 37.09 ? 65  ALA A O   1 
ATOM   488  C  CB  . ALA A 1 68  ? -14.446 -4.165  5.504   1.00 36.04 ? 65  ALA A CB  1 
ATOM   489  N  N   . ASP A 1 69  ? -13.635 -3.839  2.207   1.00 37.60 ? 66  ASP A N   1 
ATOM   490  C  CA  . ASP A 1 69  ? -13.042 -2.959  1.166   1.00 38.20 ? 66  ASP A CA  1 
ATOM   491  C  C   . ASP A 1 69  ? -13.871 -3.028  -0.164  1.00 38.27 ? 66  ASP A C   1 
ATOM   492  O  O   . ASP A 1 69  ? -13.293 -3.057  -1.270  1.00 38.55 ? 66  ASP A O   1 
ATOM   493  C  CB  . ASP A 1 69  ? -11.591 -3.397  0.908   1.00 38.37 ? 66  ASP A CB  1 
ATOM   494  C  CG  . ASP A 1 69  ? -10.570 -2.224  0.837   1.00 40.27 ? 66  ASP A CG  1 
ATOM   495  O  OD1 . ASP A 1 69  ? -10.887 -1.037  1.103   1.00 38.46 ? 66  ASP A OD1 1 
ATOM   496  O  OD2 . ASP A 1 69  ? -9.389  -2.532  0.538   1.00 42.28 ? 66  ASP A OD2 1 
ATOM   497  N  N   . ALA A 1 70  ? -15.197 -3.042  -0.037  1.00 37.94 ? 67  ALA A N   1 
ATOM   498  C  CA  . ALA A 1 70  ? -16.142 -3.126  -1.184  1.00 38.18 ? 67  ALA A CA  1 
ATOM   499  C  C   . ALA A 1 70  ? -16.011 -2.005  -2.240  1.00 37.68 ? 67  ALA A C   1 
ATOM   500  O  O   . ALA A 1 70  ? -16.231 -2.239  -3.432  1.00 37.88 ? 67  ALA A O   1 
ATOM   501  C  CB  . ALA A 1 70  ? -17.581 -3.198  -0.680  1.00 37.97 ? 67  ALA A CB  1 
ATOM   502  N  N   . LYS A 1 71  ? -15.628 -0.806  -1.806  1.00 36.84 ? 68  LYS A N   1 
ATOM   503  C  CA  . LYS A 1 71  ? -15.428 0.333   -2.718  1.00 35.73 ? 68  LYS A CA  1 
ATOM   504  C  C   . LYS A 1 71  ? -13.980 0.419   -3.269  1.00 34.00 ? 68  LYS A C   1 
ATOM   505  O  O   . LYS A 1 71  ? -13.556 1.498   -3.676  1.00 33.51 ? 68  LYS A O   1 
ATOM   506  C  CB  . LYS A 1 71  ? -15.796 1.667   -2.024  1.00 36.00 ? 68  LYS A CB  1 
ATOM   507  C  CG  . LYS A 1 71  ? -17.152 1.694   -1.303  1.00 36.85 ? 68  LYS A CG  1 
ATOM   508  C  CD  . LYS A 1 71  ? -18.354 1.491   -2.254  1.00 38.26 ? 68  LYS A CD  1 
ATOM   509  C  CE  . LYS A 1 71  ? -19.681 1.609   -1.505  1.00 39.01 ? 68  LYS A CE  1 
ATOM   510  N  NZ  . LYS A 1 71  ? -20.820 2.148   -2.326  1.00 39.85 ? 68  LYS A NZ  1 
ATOM   511  N  N   . TRP A 1 72  ? -13.266 -0.717  -3.315  1.00 31.74 ? 69  TRP A N   1 
ATOM   512  C  CA  . TRP A 1 72  ? -11.857 -0.773  -3.728  1.00 30.62 ? 69  TRP A CA  1 
ATOM   513  C  C   . TRP A 1 72  ? -11.634 -0.222  -5.133  1.00 29.24 ? 69  TRP A C   1 
ATOM   514  O  O   . TRP A 1 72  ? -10.547 0.255   -5.440  1.00 28.58 ? 69  TRP A O   1 
ATOM   515  C  CB  . TRP A 1 72  ? -11.289 -2.224  -3.658  1.00 30.33 ? 69  TRP A CB  1 
ATOM   516  C  CG  . TRP A 1 72  ? -11.919 -3.151  -4.647  1.00 29.23 ? 69  TRP A CG  1 
ATOM   517  C  CD1 . TRP A 1 72  ? -13.063 -3.885  -4.481  1.00 29.94 ? 69  TRP A CD1 1 
ATOM   518  C  CD2 . TRP A 1 72  ? -11.464 -3.419  -5.982  1.00 28.17 ? 69  TRP A CD2 1 
ATOM   519  N  NE1 . TRP A 1 72  ? -13.362 -4.574  -5.641  1.00 27.93 ? 69  TRP A NE1 1 
ATOM   520  C  CE2 . TRP A 1 72  ? -12.398 -4.307  -6.577  1.00 29.02 ? 69  TRP A CE2 1 
ATOM   521  C  CE3 . TRP A 1 72  ? -10.388 -2.964  -6.744  1.00 30.65 ? 69  TRP A CE3 1 
ATOM   522  C  CZ2 . TRP A 1 72  ? -12.275 -4.759  -7.899  1.00 28.93 ? 69  TRP A CZ2 1 
ATOM   523  C  CZ3 . TRP A 1 72  ? -10.257 -3.422  -8.058  1.00 31.23 ? 69  TRP A CZ3 1 
ATOM   524  C  CH2 . TRP A 1 72  ? -11.188 -4.319  -8.617  1.00 29.10 ? 69  TRP A CH2 1 
ATOM   525  N  N   . GLN A 1 73  ? -12.626 -0.342  -6.006  1.00 28.41 ? 70  GLN A N   1 
ATOM   526  C  CA  . GLN A 1 73  ? -12.468 0.231   -7.343  1.00 28.68 ? 70  GLN A CA  1 
ATOM   527  C  C   . GLN A 1 73  ? -12.180 1.750   -7.292  1.00 27.89 ? 70  GLN A C   1 
ATOM   528  O  O   . GLN A 1 73  ? -11.575 2.274   -8.215  1.00 27.19 ? 70  GLN A O   1 
ATOM   529  C  CB  . GLN A 1 73  ? -13.636 -0.094  -8.243  1.00 29.10 ? 70  GLN A CB  1 
ATOM   530  C  CG  . GLN A 1 73  ? -13.434 -1.449  -8.912  1.00 32.33 ? 70  GLN A CG  1 
ATOM   531  C  CD  . GLN A 1 73  ? -14.715 -2.101  -9.298  1.00 36.45 ? 70  GLN A CD  1 
ATOM   532  O  OE1 . GLN A 1 73  ? -14.999 -2.286  -10.480 1.00 39.10 ? 70  GLN A OE1 1 
ATOM   533  N  NE2 . GLN A 1 73  ? -15.519 -2.459  -8.298  1.00 40.07 ? 70  GLN A NE2 1 
ATOM   534  N  N   . GLY A 1 74  ? -12.562 2.410   -6.193  1.00 27.12 ? 71  GLY A N   1 
ATOM   535  C  CA  . GLY A 1 74  ? -12.246 3.824   -5.969  1.00 27.41 ? 71  GLY A CA  1 
ATOM   536  C  C   . GLY A 1 74  ? -10.782 4.140   -5.773  1.00 27.35 ? 71  GLY A C   1 
ATOM   537  O  O   . GLY A 1 74  ? -10.369 5.308   -5.932  1.00 27.03 ? 71  GLY A O   1 
ATOM   538  N  N   . TYR A 1 75  ? -9.987  3.130   -5.421  1.00 26.61 ? 72  TYR A N   1 
ATOM   539  C  CA  . TYR A 1 75  ? -8.550  3.312   -5.343  1.00 26.99 ? 72  TYR A CA  1 
ATOM   540  C  C   . TYR A 1 75  ? -7.871  3.406   -6.709  1.00 27.21 ? 72  TYR A C   1 
ATOM   541  O  O   . TYR A 1 75  ? -6.773  3.933   -6.816  1.00 26.79 ? 72  TYR A O   1 
ATOM   542  C  CB  . TYR A 1 75  ? -7.868  2.191   -4.575  1.00 27.27 ? 72  TYR A CB  1 
ATOM   543  C  CG  . TYR A 1 75  ? -8.287  1.992   -3.147  1.00 27.75 ? 72  TYR A CG  1 
ATOM   544  C  CD1 . TYR A 1 75  ? -8.795  0.764   -2.729  1.00 28.90 ? 72  TYR A CD1 1 
ATOM   545  C  CD2 . TYR A 1 75  ? -8.138  3.000   -2.193  1.00 30.26 ? 72  TYR A CD2 1 
ATOM   546  C  CE1 . TYR A 1 75  ? -9.153  0.536   -1.411  1.00 29.21 ? 72  TYR A CE1 1 
ATOM   547  C  CE2 . TYR A 1 75  ? -8.509  2.780   -0.847  1.00 29.26 ? 72  TYR A CE2 1 
ATOM   548  C  CZ  . TYR A 1 75  ? -9.020  1.550   -0.473  1.00 31.18 ? 72  TYR A CZ  1 
ATOM   549  O  OH  . TYR A 1 75  ? -9.395  1.282   0.824   1.00 29.57 ? 72  TYR A OH  1 
ATOM   550  N  N   . LEU A 1 76  ? -8.512  2.887   -7.746  1.00 27.33 ? 73  LEU A N   1 
ATOM   551  C  CA  . LEU A 1 76  ? -7.882  2.786   -9.066  1.00 27.22 ? 73  LEU A CA  1 
ATOM   552  C  C   . LEU A 1 76  ? -7.385  4.109   -9.671  1.00 26.79 ? 73  LEU A C   1 
ATOM   553  O  O   . LEU A 1 76  ? -6.304  4.166   -10.281 1.00 26.50 ? 73  LEU A O   1 
ATOM   554  C  CB  . LEU A 1 76  ? -8.848  2.066   -10.025 1.00 27.40 ? 73  LEU A CB  1 
ATOM   555  C  CG  . LEU A 1 76  ? -9.133  0.591   -9.649  1.00 26.60 ? 73  LEU A CG  1 
ATOM   556  C  CD1 . LEU A 1 76  ? -9.893  -0.151  -10.761 1.00 25.98 ? 73  LEU A CD1 1 
ATOM   557  C  CD2 . LEU A 1 76  ? -7.827  -0.139  -9.300  1.00 25.85 ? 73  LEU A CD2 1 
ATOM   558  N  N   . GLU A 1 77  ? -8.186  5.161   -9.515  1.00 26.70 ? 74  GLU A N   1 
ATOM   559  C  CA  . GLU A 1 77  ? -7.860  6.462   -10.043 1.00 27.00 ? 74  GLU A CA  1 
ATOM   560  C  C   . GLU A 1 77  ? -6.700  7.142   -9.318  1.00 27.17 ? 74  GLU A C   1 
ATOM   561  O  O   . GLU A 1 77  ? -6.268  8.219   -9.719  1.00 26.94 ? 74  GLU A O   1 
ATOM   562  C  CB  . GLU A 1 77  ? -9.102  7.375   -10.024 1.00 27.76 ? 74  GLU A CB  1 
ATOM   563  C  CG  . GLU A 1 77  ? -9.690  7.723   -8.640  1.00 27.43 ? 74  GLU A CG  1 
ATOM   564  C  CD  . GLU A 1 77  ? -10.633 8.914   -8.724  1.00 30.96 ? 74  GLU A CD  1 
ATOM   565  O  OE1 . GLU A 1 77  ? -10.425 9.758   -9.632  1.00 29.86 ? 74  GLU A OE1 1 
ATOM   566  O  OE2 . GLU A 1 77  ? -11.570 9.018   -7.897  1.00 31.00 ? 74  GLU A OE2 1 
ATOM   567  N  N   . TRP A 1 78  ? -6.203  6.530   -8.251  1.00 27.84 ? 75  TRP A N   1 
ATOM   568  C  CA  . TRP A 1 78  ? -5.124  7.118   -7.461  1.00 28.52 ? 75  TRP A CA  1 
ATOM   569  C  C   . TRP A 1 78  ? -3.805  6.376   -7.601  1.00 29.51 ? 75  TRP A C   1 
ATOM   570  O  O   . TRP A 1 78  ? -2.910  6.602   -6.791  1.00 29.23 ? 75  TRP A O   1 
ATOM   571  C  CB  . TRP A 1 78  ? -5.534  7.169   -5.989  1.00 28.34 ? 75  TRP A CB  1 
ATOM   572  C  CG  . TRP A 1 78  ? -6.735  7.999   -5.788  1.00 27.70 ? 75  TRP A CG  1 
ATOM   573  C  CD1 . TRP A 1 78  ? -7.987  7.562   -5.484  1.00 28.32 ? 75  TRP A CD1 1 
ATOM   574  C  CD2 . TRP A 1 78  ? -6.825  9.428   -5.923  1.00 28.02 ? 75  TRP A CD2 1 
ATOM   575  N  NE1 . TRP A 1 78  ? -8.856  8.635   -5.408  1.00 26.63 ? 75  TRP A NE1 1 
ATOM   576  C  CE2 . TRP A 1 78  ? -8.168  9.788   -5.674  1.00 26.73 ? 75  TRP A CE2 1 
ATOM   577  C  CE3 . TRP A 1 78  ? -5.899  10.437  -6.234  1.00 26.37 ? 75  TRP A CE3 1 
ATOM   578  C  CZ2 . TRP A 1 78  ? -8.601  11.100  -5.706  1.00 28.27 ? 75  TRP A CZ2 1 
ATOM   579  C  CZ3 . TRP A 1 78  ? -6.322  11.735  -6.260  1.00 27.45 ? 75  TRP A CZ3 1 
ATOM   580  C  CH2 . TRP A 1 78  ? -7.672  12.064  -6.007  1.00 28.83 ? 75  TRP A CH2 1 
ATOM   581  N  N   . CYS A 1 79  ? -3.693  5.499   -8.611  1.00 30.37 ? 76  CYS A N   1 
ATOM   582  C  CA  . CYS A 1 79  ? -2.479  4.712   -8.824  1.00 30.52 ? 76  CYS A CA  1 
ATOM   583  C  C   . CYS A 1 79  ? -2.287  4.300   -10.278 1.00 30.62 ? 76  CYS A C   1 
ATOM   584  O  O   . CYS A 1 79  ? -3.192  4.407   -11.082 1.00 30.35 ? 76  CYS A O   1 
ATOM   585  C  CB  . CYS A 1 79  ? -2.470  3.472   -7.917  1.00 29.95 ? 76  CYS A CB  1 
ATOM   586  S  SG  . CYS A 1 79  ? -3.794  2.278   -8.182  1.00 33.52 ? 76  CYS A SG  1 
ATOM   587  N  N   . ASP A 1 80  ? -1.061  3.925   -10.616 1.00 30.59 ? 77  ASP A N   1 
ATOM   588  C  CA  . ASP A 1 80  ? -0.754  3.322   -11.893 1.00 30.05 ? 77  ASP A CA  1 
ATOM   589  C  C   . ASP A 1 80  ? -1.099  1.833   -11.858 1.00 30.40 ? 77  ASP A C   1 
ATOM   590  O  O   . ASP A 1 80  ? -1.592  1.313   -12.843 1.00 30.16 ? 77  ASP A O   1 
ATOM   591  C  CB  . ASP A 1 80  ? 0.720   3.480   -12.232 1.00 30.00 ? 77  ASP A CB  1 
ATOM   592  C  CG  . ASP A 1 80  ? 1.133   4.904   -12.365 1.00 29.91 ? 77  ASP A CG  1 
ATOM   593  O  OD1 . ASP A 1 80  ? 0.473   5.676   -13.106 1.00 29.20 ? 77  ASP A OD1 1 
ATOM   594  O  OD2 . ASP A 1 80  ? 2.135   5.256   -11.761 1.00 28.27 ? 77  ASP A OD2 1 
ATOM   595  N  N   . ARG A 1 81  ? -0.850  1.171   -10.725 1.00 29.42 ? 78  ARG A N   1 
ATOM   596  C  CA  . ARG A 1 81  ? -1.125  -0.253  -10.543 1.00 30.31 ? 78  ARG A CA  1 
ATOM   597  C  C   . ARG A 1 81  ? -1.703  -0.475  -9.146  1.00 30.99 ? 78  ARG A C   1 
ATOM   598  O  O   . ARG A 1 81  ? -1.247  0.121   -8.187  1.00 30.71 ? 78  ARG A O   1 
ATOM   599  C  CB  . ARG A 1 81  ? 0.132   -1.091  -10.714 1.00 28.64 ? 78  ARG A CB  1 
ATOM   600  C  CG  . ARG A 1 81  ? 0.767   -0.989  -12.093 1.00 30.72 ? 78  ARG A CG  1 
ATOM   601  C  CD  . ARG A 1 81  ? 1.823   -2.046  -12.275 1.00 30.48 ? 78  ARG A CD  1 
ATOM   602  N  NE  . ARG A 1 81  ? 2.763   -1.724  -13.340 1.00 32.15 ? 78  ARG A NE  1 
ATOM   603  C  CZ  . ARG A 1 81  ? 2.866   -2.348  -14.511 1.00 32.66 ? 78  ARG A CZ  1 
ATOM   604  N  NH1 . ARG A 1 81  ? 3.772   -1.946  -15.385 1.00 32.79 ? 78  ARG A NH1 1 
ATOM   605  N  NH2 . ARG A 1 81  ? 2.120   -3.382  -14.807 1.00 32.58 ? 78  ARG A NH2 1 
ATOM   606  N  N   . TYR A 1 82  ? -2.741  -1.286  -9.085  1.00 31.70 ? 79  TYR A N   1 
ATOM   607  C  CA  . TYR A 1 82  ? -3.451  -1.680  -7.861  1.00 31.79 ? 79  TYR A CA  1 
ATOM   608  C  C   . TYR A 1 82  ? -3.302  -3.174  -7.582  1.00 32.08 ? 79  TYR A C   1 
ATOM   609  O  O   . TYR A 1 82  ? -3.524  -4.038  -8.478  1.00 31.39 ? 79  TYR A O   1 
ATOM   610  C  CB  . TYR A 1 82  ? -4.949  -1.351  -7.991  1.00 32.61 ? 79  TYR A CB  1 
ATOM   611  C  CG  . TYR A 1 82  ? -5.721  -1.794  -6.795  1.00 31.46 ? 79  TYR A CG  1 
ATOM   612  C  CD1 . TYR A 1 82  ? -5.802  -0.997  -5.675  1.00 35.19 ? 79  TYR A CD1 1 
ATOM   613  C  CD2 . TYR A 1 82  ? -6.385  -3.032  -6.783  1.00 34.21 ? 79  TYR A CD2 1 
ATOM   614  C  CE1 . TYR A 1 82  ? -6.491  -1.414  -4.544  1.00 34.13 ? 79  TYR A CE1 1 
ATOM   615  C  CE2 . TYR A 1 82  ? -7.057  -3.464  -5.661  1.00 34.41 ? 79  TYR A CE2 1 
ATOM   616  C  CZ  . TYR A 1 82  ? -7.136  -2.624  -4.559  1.00 35.70 ? 79  TYR A CZ  1 
ATOM   617  O  OH  . TYR A 1 82  ? -7.814  -3.015  -3.439  1.00 36.52 ? 79  TYR A OH  1 
ATOM   618  N  N   . PHE A 1 83  ? -2.902  -3.486  -6.343  1.00 32.04 ? 80  PHE A N   1 
ATOM   619  C  CA  . PHE A 1 83  ? -2.622  -4.854  -5.878  1.00 31.79 ? 80  PHE A CA  1 
ATOM   620  C  C   . PHE A 1 83  ? -3.338  -5.136  -4.578  1.00 32.70 ? 80  PHE A C   1 
ATOM   621  O  O   . PHE A 1 83  ? -3.524  -4.229  -3.725  1.00 30.72 ? 80  PHE A O   1 
ATOM   622  C  CB  . PHE A 1 83  ? -1.156  -5.112  -5.533  1.00 31.81 ? 80  PHE A CB  1 
ATOM   623  C  CG  . PHE A 1 83  ? -0.186  -4.873  -6.659  1.00 30.72 ? 80  PHE A CG  1 
ATOM   624  C  CD1 . PHE A 1 83  ? 0.415   -5.920  -7.322  1.00 31.33 ? 80  PHE A CD1 1 
ATOM   625  C  CD2 . PHE A 1 83  ? 0.151   -3.570  -7.017  1.00 31.26 ? 80  PHE A CD2 1 
ATOM   626  C  CE1 . PHE A 1 83  ? 1.338   -5.684  -8.345  1.00 31.56 ? 80  PHE A CE1 1 
ATOM   627  C  CE2 . PHE A 1 83  ? 1.067   -3.328  -8.019  1.00 28.69 ? 80  PHE A CE2 1 
ATOM   628  C  CZ  . PHE A 1 83  ? 1.647   -4.382  -8.699  1.00 31.86 ? 80  PHE A CZ  1 
ATOM   629  N  N   . TRP A 1 84  ? -3.703  -6.416  -4.427  1.00 31.67 ? 81  TRP A N   1 
ATOM   630  C  CA  . TRP A 1 84  ? -4.007  -6.998  -3.128  1.00 32.90 ? 81  TRP A CA  1 
ATOM   631  C  C   . TRP A 1 84  ? -2.761  -7.650  -2.560  1.00 32.20 ? 81  TRP A C   1 
ATOM   632  O  O   . TRP A 1 84  ? -1.920  -8.100  -3.319  1.00 32.23 ? 81  TRP A O   1 
ATOM   633  C  CB  . TRP A 1 84  ? -5.109  -8.029  -3.234  1.00 34.68 ? 81  TRP A CB  1 
ATOM   634  C  CG  . TRP A 1 84  ? -6.357  -7.524  -3.862  1.00 34.01 ? 81  TRP A CG  1 
ATOM   635  C  CD1 . TRP A 1 84  ? -6.692  -7.623  -5.165  1.00 36.49 ? 81  TRP A CD1 1 
ATOM   636  C  CD2 . TRP A 1 84  ? -7.440  -6.842  -3.208  1.00 34.58 ? 81  TRP A CD2 1 
ATOM   637  N  NE1 . TRP A 1 84  ? -7.934  -7.051  -5.377  1.00 37.61 ? 81  TRP A NE1 1 
ATOM   638  C  CE2 . TRP A 1 84  ? -8.388  -6.542  -4.186  1.00 35.18 ? 81  TRP A CE2 1 
ATOM   639  C  CE3 . TRP A 1 84  ? -7.683  -6.452  -1.884  1.00 36.93 ? 81  TRP A CE3 1 
ATOM   640  C  CZ2 . TRP A 1 84  ? -9.581  -5.893  -3.885  1.00 37.41 ? 81  TRP A CZ2 1 
ATOM   641  C  CZ3 . TRP A 1 84  ? -8.852  -5.792  -1.590  1.00 37.27 ? 81  TRP A CZ3 1 
ATOM   642  C  CH2 . TRP A 1 84  ? -9.776  -5.510  -2.576  1.00 36.57 ? 81  TRP A CH2 1 
ATOM   643  N  N   . ALA A 1 85  ? -2.631  -7.653  -1.239  1.00 31.59 ? 82  ALA A N   1 
ATOM   644  C  CA  . ALA A 1 85  ? -1.589  -8.425  -0.529  1.00 31.92 ? 82  ALA A CA  1 
ATOM   645  C  C   . ALA A 1 85  ? -2.304  -9.237  0.567   1.00 30.84 ? 82  ALA A C   1 
ATOM   646  O  O   . ALA A 1 85  ? -3.025  -8.683  1.377   1.00 30.63 ? 82  ALA A O   1 
ATOM   647  C  CB  . ALA A 1 85  ? -0.498  -7.516  0.067   1.00 31.84 ? 82  ALA A CB  1 
ATOM   648  N  N   . VAL A 1 86  ? -2.114  -10.550 0.532   1.00 31.32 ? 83  VAL A N   1 
ATOM   649  C  CA  . VAL A 1 86  ? -2.735  -11.500 1.450   1.00 30.64 ? 83  VAL A CA  1 
ATOM   650  C  C   . VAL A 1 86  ? -1.719  -12.552 1.846   1.00 31.95 ? 83  VAL A C   1 
ATOM   651  O  O   . VAL A 1 86  ? -0.669  -12.712 1.183   1.00 31.88 ? 83  VAL A O   1 
ATOM   652  C  CB  . VAL A 1 86  ? -3.969  -12.182 0.805   1.00 31.36 ? 83  VAL A CB  1 
ATOM   653  C  CG1 . VAL A 1 86  ? -5.021  -11.124 0.400   1.00 30.90 ? 83  VAL A CG1 1 
ATOM   654  C  CG2 . VAL A 1 86  ? -3.592  -13.073 -0.393  1.00 26.79 ? 83  VAL A CG2 1 
ATOM   655  N  N   . ASP A 1 87  ? -2.015  -13.295 2.904   1.00 31.62 ? 84  ASP A N   1 
ATOM   656  C  CA  . ASP A 1 87  ? -1.139  -14.365 3.275   1.00 31.95 ? 84  ASP A CA  1 
ATOM   657  C  C   . ASP A 1 87  ? -1.572  -15.671 2.580   1.00 31.17 ? 84  ASP A C   1 
ATOM   658  O  O   . ASP A 1 87  ? -2.599  -15.729 1.904   1.00 29.18 ? 84  ASP A O   1 
ATOM   659  C  CB  . ASP A 1 87  ? -1.043  -14.478 4.798   1.00 32.92 ? 84  ASP A CB  1 
ATOM   660  C  CG  . ASP A 1 87  ? -2.299  -15.010 5.467   1.00 34.47 ? 84  ASP A CG  1 
ATOM   661  O  OD1 . ASP A 1 87  ? -3.211  -15.656 4.850   1.00 34.31 ? 84  ASP A OD1 1 
ATOM   662  O  OD2 . ASP A 1 87  ? -2.341  -14.804 6.705   1.00 41.19 ? 84  ASP A OD2 1 
HETATM 663  N  N   . MSE A 1 88  ? -0.815  -16.718 2.834   1.00 32.20 ? 85  MSE A N   1 
HETATM 664  C  CA  A MSE A 1 88  ? -1.032  -18.017 2.190   0.60 33.07 ? 85  MSE A CA  1 
HETATM 665  C  CA  B MSE A 1 88  ? -1.042  -18.017 2.184   0.40 32.69 ? 85  MSE A CA  1 
HETATM 666  C  C   . MSE A 1 88  ? -2.281  -18.757 2.677   1.00 33.77 ? 85  MSE A C   1 
HETATM 667  O  O   . MSE A 1 88  ? -2.661  -19.794 2.085   1.00 33.86 ? 85  MSE A O   1 
HETATM 668  C  CB  A MSE A 1 88  ? 0.222   -18.903 2.338   0.60 33.52 ? 85  MSE A CB  1 
HETATM 669  C  CB  B MSE A 1 88  ? 0.189   -18.936 2.322   0.40 32.75 ? 85  MSE A CB  1 
HETATM 670  C  CG  A MSE A 1 88  ? 0.577   -19.350 3.771   0.60 34.27 ? 85  MSE A CG  1 
HETATM 671  C  CG  B MSE A 1 88  ? 1.114   -18.985 1.094   0.40 31.75 ? 85  MSE A CG  1 
HETATM 672  SE SE  A MSE A 1 88  ? 2.405   -20.126 4.005   0.39 34.96 ? 85  MSE A SE  1 
HETATM 673  SE SE  B MSE A 1 88  ? 0.149   -18.815 -0.589  0.27 30.19 ? 85  MSE A SE  1 
HETATM 674  C  CE  A MSE A 1 88  ? 2.201   -20.523 5.924   0.60 39.15 ? 85  MSE A CE  1 
HETATM 675  C  CE  B MSE A 1 88  ? -0.843  -20.497 -0.546  0.40 26.76 ? 85  MSE A CE  1 
ATOM   676  N  N   . GLU A 1 89  ? -2.913  -18.271 3.758   1.00 34.54 ? 86  GLU A N   1 
ATOM   677  C  CA  A GLU A 1 89  ? -4.172  -18.859 4.276   0.50 34.80 ? 86  GLU A CA  1 
ATOM   678  C  CA  B GLU A 1 89  ? -4.164  -18.889 4.237   0.50 34.90 ? 86  GLU A CA  1 
ATOM   679  C  C   . GLU A 1 89  ? -5.405  -18.232 3.619   1.00 34.52 ? 86  GLU A C   1 
ATOM   680  O  O   . GLU A 1 89  ? -6.496  -18.773 3.712   1.00 33.91 ? 86  GLU A O   1 
ATOM   681  C  CB  A GLU A 1 89  ? -4.310  -18.655 5.787   0.50 35.25 ? 86  GLU A CB  1 
ATOM   682  C  CB  B GLU A 1 89  ? -4.255  -18.839 5.761   0.50 35.41 ? 86  GLU A CB  1 
ATOM   683  C  CG  A GLU A 1 89  ? -3.549  -19.623 6.673   0.50 37.34 ? 86  GLU A CG  1 
ATOM   684  C  CG  B GLU A 1 89  ? -3.385  -19.867 6.483   0.50 38.09 ? 86  GLU A CG  1 
ATOM   685  C  CD  A GLU A 1 89  ? -4.169  -19.718 8.067   0.50 39.05 ? 86  GLU A CD  1 
ATOM   686  C  CD  B GLU A 1 89  ? -1.889  -19.599 6.390   0.50 40.84 ? 86  GLU A CD  1 
ATOM   687  O  OE1 A GLU A 1 89  ? -4.021  -18.766 8.865   0.50 40.29 ? 86  GLU A OE1 1 
ATOM   688  O  OE1 B GLU A 1 89  ? -1.486  -18.491 5.938   0.50 42.97 ? 86  GLU A OE1 1 
ATOM   689  O  OE2 A GLU A 1 89  ? -4.831  -20.737 8.347   0.50 41.01 ? 86  GLU A OE2 1 
ATOM   690  O  OE2 B GLU A 1 89  ? -1.115  -20.514 6.780   0.50 42.69 ? 86  GLU A OE2 1 
ATOM   691  N  N   . PHE A 1 90  ? -5.225  -17.085 2.967   1.00 33.43 ? 87  PHE A N   1 
ATOM   692  C  CA  . PHE A 1 90  ? -6.316  -16.375 2.281   1.00 32.14 ? 87  PHE A CA  1 
ATOM   693  C  C   . PHE A 1 90  ? -6.800  -17.115 1.003   1.00 33.28 ? 87  PHE A C   1 
ATOM   694  O  O   . PHE A 1 90  ? -5.983  -17.635 0.233   1.00 32.13 ? 87  PHE A O   1 
ATOM   695  C  CB  . PHE A 1 90  ? -5.881  -14.940 1.958   1.00 32.08 ? 87  PHE A CB  1 
ATOM   696  C  CG  . PHE A 1 90  ? -7.005  -14.043 1.508   1.00 31.34 ? 87  PHE A CG  1 
ATOM   697  C  CD1 . PHE A 1 90  ? -7.601  -13.153 2.399   1.00 33.19 ? 87  PHE A CD1 1 
ATOM   698  C  CD2 . PHE A 1 90  ? -7.487  -14.102 0.213   1.00 29.19 ? 87  PHE A CD2 1 
ATOM   699  C  CE1 . PHE A 1 90  ? -8.656  -12.321 1.992   1.00 32.29 ? 87  PHE A CE1 1 
ATOM   700  C  CE2 . PHE A 1 90  ? -8.562  -13.283 -0.210  1.00 30.70 ? 87  PHE A CE2 1 
ATOM   701  C  CZ  . PHE A 1 90  ? -9.142  -12.390 0.696   1.00 33.57 ? 87  PHE A CZ  1 
ATOM   702  N  N   . PRO A 1 91  ? -8.137  -17.166 0.763   1.00 32.74 ? 88  PRO A N   1 
ATOM   703  C  CA  . PRO A 1 91  ? -8.682  -17.761 -0.482  1.00 32.84 ? 88  PRO A CA  1 
ATOM   704  C  C   . PRO A 1 91  ? -8.497  -16.780 -1.659  1.00 32.72 ? 88  PRO A C   1 
ATOM   705  O  O   . PRO A 1 91  ? -9.436  -16.082 -2.082  1.00 32.91 ? 88  PRO A O   1 
ATOM   706  C  CB  . PRO A 1 91  ? -10.182 -17.990 -0.129  1.00 33.17 ? 88  PRO A CB  1 
ATOM   707  C  CG  . PRO A 1 91  ? -10.455 -16.876 0.757   1.00 33.49 ? 88  PRO A CG  1 
ATOM   708  C  CD  . PRO A 1 91  ? -9.228  -16.667 1.619   1.00 33.24 ? 88  PRO A CD  1 
ATOM   709  N  N   . ALA A 1 92  ? -7.261  -16.722 -2.165  1.00 31.13 ? 89  ALA A N   1 
ATOM   710  C  CA  . ALA A 1 92  ? -6.858  -15.781 -3.189  1.00 30.72 ? 89  ALA A CA  1 
ATOM   711  C  C   . ALA A 1 92  ? -7.701  -15.774 -4.478  1.00 30.38 ? 89  ALA A C   1 
ATOM   712  O  O   . ALA A 1 92  ? -7.798  -14.737 -5.139  1.00 31.56 ? 89  ALA A O   1 
ATOM   713  C  CB  . ALA A 1 92  ? -5.320  -16.015 -3.545  1.00 30.19 ? 89  ALA A CB  1 
ATOM   714  N  N   . GLU A 1 93  ? -8.318  -16.897 -4.826  1.00 30.99 ? 90  GLU A N   1 
ATOM   715  C  CA  . GLU A 1 93  ? -9.168  -17.010 -6.024  1.00 31.12 ? 90  GLU A CA  1 
ATOM   716  C  C   . GLU A 1 93  ? -10.404 -16.132 -5.992  1.00 32.02 ? 90  GLU A C   1 
ATOM   717  O  O   . GLU A 1 93  ? -10.990 -15.836 -7.025  1.00 33.10 ? 90  GLU A O   1 
ATOM   718  C  CB  . GLU A 1 93  ? -9.598  -18.462 -6.252  1.00 31.81 ? 90  GLU A CB  1 
ATOM   719  C  CG  . GLU A 1 93  ? -8.484  -19.350 -6.862  1.00 29.73 ? 90  GLU A CG  1 
ATOM   720  C  CD  . GLU A 1 93  ? -8.830  -20.777 -7.103  1.00 33.74 ? 90  GLU A CD  1 
ATOM   721  O  OE1 . GLU A 1 93  ? -10.017 -21.249 -6.945  1.00 34.20 ? 90  GLU A OE1 1 
ATOM   722  O  OE2 . GLU A 1 93  ? -7.884  -21.510 -7.485  1.00 31.05 ? 90  GLU A OE2 1 
ATOM   723  N  N   . LEU A 1 94  ? -10.808 -15.754 -4.796  1.00 32.63 ? 91  LEU A N   1 
ATOM   724  C  CA  . LEU A 1 94  ? -11.968 -14.872 -4.583  1.00 34.26 ? 91  LEU A CA  1 
ATOM   725  C  C   . LEU A 1 94  ? -11.660 -13.419 -4.857  1.00 34.34 ? 91  LEU A C   1 
ATOM   726  O  O   . LEU A 1 94  ? -12.575 -12.630 -4.977  1.00 34.35 ? 91  LEU A O   1 
ATOM   727  C  CB  . LEU A 1 94  ? -12.502 -15.032 -3.155  1.00 34.39 ? 91  LEU A CB  1 
ATOM   728  C  CG  . LEU A 1 94  ? -12.996 -16.459 -2.826  1.00 36.53 ? 91  LEU A CG  1 
ATOM   729  C  CD1 . LEU A 1 94  ? -13.795 -16.436 -1.516  1.00 38.24 ? 91  LEU A CD1 1 
ATOM   730  C  CD2 . LEU A 1 94  ? -13.822 -17.158 -3.943  1.00 39.11 ? 91  LEU A CD2 1 
ATOM   731  N  N   . LEU A 1 95  ? -10.374 -13.050 -4.949  1.00 34.27 ? 92  LEU A N   1 
ATOM   732  C  CA  . LEU A 1 95  ? -10.034 -11.654 -5.235  1.00 34.20 ? 92  LEU A CA  1 
ATOM   733  C  C   . LEU A 1 95  ? -10.333 -11.343 -6.732  1.00 35.17 ? 92  LEU A C   1 
ATOM   734  O  O   . LEU A 1 95  ? -10.266 -12.237 -7.596  1.00 33.79 ? 92  LEU A O   1 
ATOM   735  C  CB  . LEU A 1 95  ? -8.595  -11.336 -4.891  1.00 32.57 ? 92  LEU A CB  1 
ATOM   736  C  CG  . LEU A 1 95  ? -8.172  -11.552 -3.452  1.00 33.16 ? 92  LEU A CG  1 
ATOM   737  C  CD1 . LEU A 1 95  ? -6.575  -11.614 -3.244  1.00 32.52 ? 92  LEU A CD1 1 
ATOM   738  C  CD2 . LEU A 1 95  ? -8.802  -10.461 -2.607  1.00 32.37 ? 92  LEU A CD2 1 
ATOM   739  N  N   . PRO A 1 96  ? -10.672 -10.075 -7.028  1.00 35.81 ? 93  PRO A N   1 
ATOM   740  C  CA  . PRO A 1 96  ? -10.933 -9.647  -8.418  1.00 37.22 ? 93  PRO A CA  1 
ATOM   741  C  C   . PRO A 1 96  ? -9.794  -10.067 -9.385  1.00 38.57 ? 93  PRO A C   1 
ATOM   742  O  O   . PRO A 1 96  ? -8.605  -9.813  -9.109  1.00 37.83 ? 93  PRO A O   1 
ATOM   743  C  CB  . PRO A 1 96  ? -10.986 -8.136  -8.318  1.00 37.53 ? 93  PRO A CB  1 
ATOM   744  C  CG  . PRO A 1 96  ? -11.325 -7.832  -6.897  1.00 37.95 ? 93  PRO A CG  1 
ATOM   745  C  CD  . PRO A 1 96  ? -10.842 -8.990  -6.058  1.00 37.38 ? 93  PRO A CD  1 
ATOM   746  N  N   . ALA A 1 97  ? -10.175 -10.670 -10.502 1.00 39.21 ? 94  ALA A N   1 
ATOM   747  C  CA  . ALA A 1 97  ? -9.236  -11.198 -11.473 1.00 40.64 ? 94  ALA A CA  1 
ATOM   748  C  C   . ALA A 1 97  ? -8.324  -10.139 -12.075 1.00 41.69 ? 94  ALA A C   1 
ATOM   749  O  O   . ALA A 1 97  ? -7.187  -10.439 -12.430 1.00 43.45 ? 94  ALA A O   1 
ATOM   750  C  CB  . ALA A 1 97  ? -10.008 -11.870 -12.577 1.00 40.53 ? 94  ALA A CB  1 
ATOM   751  N  N   . GLU A 1 98  ? -8.839  -8.919  -12.185 1.00 42.61 ? 95  GLU A N   1 
ATOM   752  C  CA  A GLU A 1 98  ? -8.173  -7.781  -12.848 0.50 43.01 ? 95  GLU A CA  1 
ATOM   753  C  CA  B GLU A 1 98  ? -8.107  -7.832  -12.875 0.50 43.05 ? 95  GLU A CA  1 
ATOM   754  C  C   . GLU A 1 98  ? -7.074  -7.139  -12.002 1.00 42.97 ? 95  GLU A C   1 
ATOM   755  O  O   . GLU A 1 98  ? -6.243  -6.393  -12.517 1.00 45.71 ? 95  GLU A O   1 
ATOM   756  C  CB  A GLU A 1 98  ? -9.210  -6.715  -13.261 0.50 42.81 ? 95  GLU A CB  1 
ATOM   757  C  CB  B GLU A 1 98  ? -9.058  -6.801  -13.508 0.50 42.88 ? 95  GLU A CB  1 
ATOM   758  C  CG  A GLU A 1 98  ? -10.397 -6.487  -12.274 0.50 43.53 ? 95  GLU A CG  1 
ATOM   759  C  CG  B GLU A 1 98  ? -9.670  -7.236  -14.847 0.50 43.50 ? 95  GLU A CG  1 
ATOM   760  C  CD  A GLU A 1 98  ? -11.407 -7.657  -12.234 0.50 42.38 ? 95  GLU A CD  1 
ATOM   761  C  CD  B GLU A 1 98  ? -8.655  -7.921  -15.764 0.50 45.08 ? 95  GLU A CD  1 
ATOM   762  O  OE1 A GLU A 1 98  ? -11.466 -8.446  -13.191 0.50 44.03 ? 95  GLU A OE1 1 
ATOM   763  O  OE1 B GLU A 1 98  ? -7.598  -7.295  -16.054 0.50 43.67 ? 95  GLU A OE1 1 
ATOM   764  O  OE2 A GLU A 1 98  ? -12.120 -7.804  -11.231 0.50 42.48 ? 95  GLU A OE2 1 
ATOM   765  O  OE2 B GLU A 1 98  ? -8.914  -9.088  -16.167 0.50 44.28 ? 95  GLU A OE2 1 
ATOM   766  N  N   . SER A 1 99  ? -7.090  -7.410  -10.702 1.00 41.41 ? 96  SER A N   1 
ATOM   767  C  CA  . SER A 1 99  ? -6.129  -6.871  -9.765  1.00 40.17 ? 96  SER A CA  1 
ATOM   768  C  C   . SER A 1 99  ? -4.789  -7.597  -9.759  1.00 37.08 ? 96  SER A C   1 
ATOM   769  O  O   . SER A 1 99  ? -4.679  -8.764  -10.112 1.00 35.17 ? 96  SER A O   1 
ATOM   770  C  CB  . SER A 1 99  ? -6.733  -6.956  -8.373  1.00 40.72 ? 96  SER A CB  1 
ATOM   771  O  OG  . SER A 1 99  ? -7.943  -6.199  -8.360  1.00 45.53 ? 96  SER A OG  1 
ATOM   772  N  N   . GLY A 1 100 ? -3.755  -6.879  -9.369  1.00 34.07 ? 97  GLY A N   1 
ATOM   773  C  CA  . GLY A 1 100 ? -2.491  -7.492  -9.024  1.00 32.64 ? 97  GLY A CA  1 
ATOM   774  C  C   . GLY A 1 100 ? -2.574  -8.215  -7.686  1.00 31.97 ? 97  GLY A C   1 
ATOM   775  O  O   . GLY A 1 100 ? -3.518  -8.013  -6.926  1.00 29.99 ? 97  GLY A O   1 
ATOM   776  N  N   . LEU A 1 101 ? -1.598  -9.100  -7.426  1.00 31.37 ? 98  LEU A N   1 
ATOM   777  C  CA  . LEU A 1 101 ? -1.634  -9.897  -6.221  1.00 31.04 ? 98  LEU A CA  1 
ATOM   778  C  C   . LEU A 1 101 ? -0.256  -10.203 -5.704  1.00 30.64 ? 98  LEU A C   1 
ATOM   779  O  O   . LEU A 1 101 ? 0.606   -10.734 -6.437  1.00 30.06 ? 98  LEU A O   1 
ATOM   780  C  CB  . LEU A 1 101 ? -2.409  -11.225 -6.472  1.00 30.97 ? 98  LEU A CB  1 
ATOM   781  C  CG  . LEU A 1 101 ? -2.570  -12.208 -5.281  1.00 32.31 ? 98  LEU A CG  1 
ATOM   782  C  CD1 . LEU A 1 101 ? -3.368  -11.604 -4.115  1.00 31.26 ? 98  LEU A CD1 1 
ATOM   783  C  CD2 . LEU A 1 101 ? -3.273  -13.552 -5.730  1.00 30.70 ? 98  LEU A CD2 1 
ATOM   784  N  N   . LEU A 1 102 ? -0.070  -9.945  -4.408  1.00 30.07 ? 99  LEU A N   1 
ATOM   785  C  CA  . LEU A 1 102 ? 1.107   -10.387 -3.698  1.00 30.81 ? 99  LEU A CA  1 
ATOM   786  C  C   . LEU A 1 102 ? 0.692   -11.355 -2.629  1.00 30.99 ? 99  LEU A C   1 
ATOM   787  O  O   . LEU A 1 102 ? -0.357  -11.186 -2.003  1.00 30.71 ? 99  LEU A O   1 
ATOM   788  C  CB  . LEU A 1 102 ? 1.869   -9.227  -2.998  1.00 32.25 ? 99  LEU A CB  1 
ATOM   789  C  CG  . LEU A 1 102 ? 2.599   -8.196  -3.857  1.00 32.98 ? 99  LEU A CG  1 
ATOM   790  C  CD1 . LEU A 1 102 ? 1.616   -7.180  -4.353  1.00 36.62 ? 99  LEU A CD1 1 
ATOM   791  C  CD2 . LEU A 1 102 ? 3.656   -7.515  -3.062  1.00 33.97 ? 99  LEU A CD2 1 
ATOM   792  N  N   . ILE A 1 103 ? 1.520   -12.360 -2.418  1.00 30.41 ? 100 ILE A N   1 
ATOM   793  C  CA  . ILE A 1 103 ? 1.425   -13.176 -1.217  1.00 31.12 ? 100 ILE A CA  1 
ATOM   794  C  C   . ILE A 1 103 ? 2.521   -12.728 -0.251  1.00 30.61 ? 100 ILE A C   1 
ATOM   795  O  O   . ILE A 1 103 ? 3.689   -12.658 -0.634  1.00 30.06 ? 100 ILE A O   1 
ATOM   796  C  CB  . ILE A 1 103 ? 1.578   -14.687 -1.526  1.00 31.37 ? 100 ILE A CB  1 
ATOM   797  C  CG1 . ILE A 1 103 ? 0.640   -15.156 -2.656  1.00 32.21 ? 100 ILE A CG1 1 
ATOM   798  C  CG2 . ILE A 1 103 ? 1.414   -15.491 -0.254  1.00 30.76 ? 100 ILE A CG2 1 
ATOM   799  C  CD1 . ILE A 1 103 ? -0.799  -15.102 -2.310  1.00 32.10 ? 100 ILE A CD1 1 
ATOM   800  N  N   . ALA A 1 104 ? 2.137   -12.400 0.983   1.00 31.06 ? 101 ALA A N   1 
ATOM   801  C  CA  . ALA A 1 104 ? 3.011   -11.724 1.926   1.00 31.30 ? 101 ALA A CA  1 
ATOM   802  C  C   . ALA A 1 104 ? 2.878   -12.331 3.325   1.00 32.07 ? 101 ALA A C   1 
ATOM   803  O  O   . ALA A 1 104 ? 1.915   -13.073 3.622   1.00 29.94 ? 101 ALA A O   1 
ATOM   804  C  CB  . ALA A 1 104 ? 2.675   -10.209 1.970   1.00 30.94 ? 101 ALA A CB  1 
ATOM   805  N  N   . ASP A 1 105 ? 3.888   -12.045 4.145   1.00 31.99 ? 102 ASP A N   1 
ATOM   806  C  CA  . ASP A 1 105 ? 3.828   -12.223 5.606   1.00 32.72 ? 102 ASP A CA  1 
ATOM   807  C  C   . ASP A 1 105 ? 4.668   -11.121 6.237   1.00 31.93 ? 102 ASP A C   1 
ATOM   808  O  O   . ASP A 1 105 ? 5.015   -10.192 5.544   1.00 31.12 ? 102 ASP A O   1 
ATOM   809  C  CB  . ASP A 1 105 ? 4.251   -13.638 6.061   1.00 33.33 ? 102 ASP A CB  1 
ATOM   810  C  CG  . ASP A 1 105 ? 5.711   -14.000 5.726   1.00 34.59 ? 102 ASP A CG  1 
ATOM   811  O  OD1 . ASP A 1 105 ? 6.565   -13.150 5.399   1.00 33.45 ? 102 ASP A OD1 1 
ATOM   812  O  OD2 . ASP A 1 105 ? 6.027   -15.198 5.812   1.00 37.52 ? 102 ASP A OD2 1 
ATOM   813  N  N   . ALA A 1 106 ? 5.009   -11.220 7.527   1.00 31.51 ? 103 ALA A N   1 
ATOM   814  C  CA  . ALA A 1 106 ? 5.732   -10.132 8.180   1.00 31.02 ? 103 ALA A CA  1 
ATOM   815  C  C   . ALA A 1 106 ? 7.146   -10.006 7.668   1.00 30.32 ? 103 ALA A C   1 
ATOM   816  O  O   . ALA A 1 106 ? 7.753   -8.993  7.922   1.00 30.88 ? 103 ALA A O   1 
ATOM   817  C  CB  . ALA A 1 106 ? 5.746   -10.287 9.723   1.00 32.43 ? 103 ALA A CB  1 
ATOM   818  N  N   . TYR A 1 107 ? 7.661   -10.997 6.928   1.00 28.87 ? 104 TYR A N   1 
ATOM   819  C  CA  . TYR A 1 107 ? 9.070   -11.045 6.650   1.00 28.34 ? 104 TYR A CA  1 
ATOM   820  C  C   . TYR A 1 107 ? 9.461   -10.841 5.201   1.00 28.54 ? 104 TYR A C   1 
ATOM   821  O  O   . TYR A 1 107 ? 10.632  -10.562 4.912   1.00 27.28 ? 104 TYR A O   1 
ATOM   822  C  CB  . TYR A 1 107 ? 9.620   -12.384 7.104   1.00 29.91 ? 104 TYR A CB  1 
ATOM   823  C  CG  . TYR A 1 107 ? 9.250   -12.655 8.542   1.00 31.41 ? 104 TYR A CG  1 
ATOM   824  C  CD1 . TYR A 1 107 ? 9.874   -11.965 9.553   1.00 34.46 ? 104 TYR A CD1 1 
ATOM   825  C  CD2 . TYR A 1 107 ? 8.214   -13.536 8.871   1.00 31.16 ? 104 TYR A CD2 1 
ATOM   826  C  CE1 . TYR A 1 107 ? 9.566   -12.197 10.889  1.00 36.23 ? 104 TYR A CE1 1 
ATOM   827  C  CE2 . TYR A 1 107 ? 7.871   -13.759 10.201  1.00 33.40 ? 104 TYR A CE2 1 
ATOM   828  C  CZ  . TYR A 1 107 ? 8.560   -13.086 11.204  1.00 35.57 ? 104 TYR A CZ  1 
ATOM   829  O  OH  . TYR A 1 107 ? 8.263   -13.263 12.533  1.00 36.02 ? 104 TYR A OH  1 
ATOM   830  N  N   . ASP A 1 108 ? 8.503   -10.993 4.304   1.00 28.70 ? 105 ASP A N   1 
ATOM   831  C  CA  . ASP A 1 108 ? 8.766   -10.905 2.856   1.00 30.60 ? 105 ASP A CA  1 
ATOM   832  C  C   . ASP A 1 108 ? 7.458   -10.936 2.089   1.00 29.56 ? 105 ASP A C   1 
ATOM   833  O  O   . ASP A 1 108 ? 6.390   -11.042 2.681   1.00 29.98 ? 105 ASP A O   1 
ATOM   834  C  CB  . ASP A 1 108 ? 9.662   -12.038 2.417   1.00 31.52 ? 105 ASP A CB  1 
ATOM   835  C  CG  . ASP A 1 108 ? 10.491  -11.721 1.142   1.00 35.65 ? 105 ASP A CG  1 
ATOM   836  O  OD1 . ASP A 1 108 ? 10.320  -10.679 0.460   1.00 38.92 ? 105 ASP A OD1 1 
ATOM   837  O  OD2 . ASP A 1 108 ? 11.323  -12.566 0.845   1.00 38.82 ? 105 ASP A OD2 1 
ATOM   838  N  N   . ALA A 1 109 ? 7.544   -10.811 0.765   1.00 29.26 ? 106 ALA A N   1 
ATOM   839  C  CA  . ALA A 1 109 ? 6.407   -10.893 -0.111  1.00 28.38 ? 106 ALA A CA  1 
ATOM   840  C  C   . ALA A 1 109 ? 6.835   -11.273 -1.518  1.00 29.35 ? 106 ALA A C   1 
ATOM   841  O  O   . ALA A 1 109 ? 8.016   -11.195 -1.872  1.00 28.75 ? 106 ALA A O   1 
ATOM   842  C  CB  . ALA A 1 109 ? 5.630   -9.588  -0.129  1.00 28.01 ? 106 ALA A CB  1 
ATOM   843  N  N   . GLU A 1 110 ? 5.891   -11.757 -2.324  1.00 29.53 ? 107 GLU A N   1 
ATOM   844  C  CA  . GLU A 1 110 ? 6.158   -11.991 -3.758  1.00 29.12 ? 107 GLU A CA  1 
ATOM   845  C  C   . GLU A 1 110 ? 4.969   -11.586 -4.599  1.00 28.84 ? 107 GLU A C   1 
ATOM   846  O  O   . GLU A 1 110 ? 3.840   -11.788 -4.214  1.00 30.23 ? 107 GLU A O   1 
ATOM   847  C  CB  . GLU A 1 110 ? 6.535   -13.449 -4.029  1.00 31.03 ? 107 GLU A CB  1 
ATOM   848  C  CG  . GLU A 1 110 ? 5.455   -14.459 -3.651  1.00 31.48 ? 107 GLU A CG  1 
ATOM   849  C  CD  . GLU A 1 110 ? 5.863   -15.920 -3.807  1.00 36.07 ? 107 GLU A CD  1 
ATOM   850  O  OE1 . GLU A 1 110 ? 7.006   -16.215 -4.186  1.00 29.32 ? 107 GLU A OE1 1 
ATOM   851  O  OE2 . GLU A 1 110 ? 5.014   -16.810 -3.519  1.00 32.19 ? 107 GLU A OE2 1 
ATOM   852  N  N   . ILE A 1 111 ? 5.202   -11.039 -5.766  1.00 28.49 ? 108 ILE A N   1 
ATOM   853  C  CA  . ILE A 1 111 ? 4.113   -10.703 -6.675  1.00 29.19 ? 108 ILE A CA  1 
ATOM   854  C  C   . ILE A 1 111 ? 3.826   -12.014 -7.431  1.00 29.79 ? 108 ILE A C   1 
ATOM   855  O  O   . ILE A 1 111 ? 4.731   -12.611 -8.019  1.00 31.57 ? 108 ILE A O   1 
ATOM   856  C  CB  . ILE A 1 111 ? 4.514   -9.633  -7.669  1.00 30.58 ? 108 ILE A CB  1 
ATOM   857  C  CG1 . ILE A 1 111 ? 4.890   -8.323  -6.942  1.00 31.34 ? 108 ILE A CG1 1 
ATOM   858  C  CG2 . ILE A 1 111 ? 3.412   -9.430  -8.722  1.00 29.43 ? 108 ILE A CG2 1 
ATOM   859  C  CD1 . ILE A 1 111 ? 5.374   -7.264  -7.852  1.00 30.62 ? 108 ILE A CD1 1 
ATOM   860  N  N   . VAL A 1 112 ? 2.612   -12.493 -7.344  1.00 29.31 ? 109 VAL A N   1 
ATOM   861  C  CA  . VAL A 1 112 ? 2.247   -13.706 -8.085  1.00 29.33 ? 109 VAL A CA  1 
ATOM   862  C  C   . VAL A 1 112 ? 1.429   -13.351 -9.336  1.00 30.06 ? 109 VAL A C   1 
ATOM   863  O  O   . VAL A 1 112 ? 1.295   -14.174 -10.239 1.00 29.09 ? 109 VAL A O   1 
ATOM   864  C  CB  . VAL A 1 112 ? 1.553   -14.747 -7.191  1.00 28.67 ? 109 VAL A CB  1 
ATOM   865  C  CG1 . VAL A 1 112 ? 2.599   -15.352 -6.185  1.00 28.48 ? 109 VAL A CG1 1 
ATOM   866  C  CG2 . VAL A 1 112 ? 0.357   -14.181 -6.476  1.00 27.23 ? 109 VAL A CG2 1 
ATOM   867  N  N   . ARG A 1 113 ? 0.884   -12.137 -9.351  1.00 30.48 ? 110 ARG A N   1 
ATOM   868  C  CA  . ARG A 1 113 ? 0.139   -11.596 -10.469 1.00 31.76 ? 110 ARG A CA  1 
ATOM   869  C  C   . ARG A 1 113 ? 0.358   -10.086 -10.570 1.00 31.92 ? 110 ARG A C   1 
ATOM   870  O  O   . ARG A 1 113 ? 0.011   -9.327  -9.657  1.00 30.40 ? 110 ARG A O   1 
ATOM   871  C  CB  . ARG A 1 113 ? -1.356  -11.920 -10.275 1.00 33.34 ? 110 ARG A CB  1 
ATOM   872  C  CG  . ARG A 1 113 ? -2.211  -11.576 -11.443 1.00 32.47 ? 110 ARG A CG  1 
ATOM   873  C  CD  . ARG A 1 113 ? -3.569  -12.243 -11.292 1.00 34.55 ? 110 ARG A CD  1 
ATOM   874  N  NE  . ARG A 1 113 ? -4.449  -11.549 -10.395 1.00 33.13 ? 110 ARG A NE  1 
ATOM   875  C  CZ  . ARG A 1 113 ? -5.264  -12.130 -9.505  1.00 38.01 ? 110 ARG A CZ  1 
ATOM   876  N  NH1 . ARG A 1 113 ? -6.056  -11.374 -8.757  1.00 38.34 ? 110 ARG A NH1 1 
ATOM   877  N  NH2 . ARG A 1 113 ? -5.314  -13.450 -9.368  1.00 38.93 ? 110 ARG A NH2 1 
HETATM 878  N  N   . MSE A 1 114 ? 0.939   -9.655  -11.689 1.00 32.39 ? 111 MSE A N   1 
HETATM 879  C  CA  . MSE A 1 114 ? 1.315   -8.259  -11.875 1.00 32.61 ? 111 MSE A CA  1 
HETATM 880  C  C   . MSE A 1 114 ? 0.046   -7.505  -12.190 1.00 32.80 ? 111 MSE A C   1 
HETATM 881  O  O   . MSE A 1 114 ? -0.776  -7.994  -12.970 1.00 34.31 ? 111 MSE A O   1 
HETATM 882  C  CB  . MSE A 1 114 ? 2.361   -8.151  -12.995 1.00 32.09 ? 111 MSE A CB  1 
HETATM 883  C  CG  . MSE A 1 114 ? 2.771   -6.780  -13.346 1.00 32.99 ? 111 MSE A CG  1 
HETATM 884  SE SE  . MSE A 1 114 ? 3.474   -5.762  -11.852 0.65 32.64 ? 111 MSE A SE  1 
HETATM 885  C  CE  . MSE A 1 114 ? 5.054   -6.791  -11.401 1.00 29.40 ? 111 MSE A CE  1 
ATOM   886  N  N   . ALA A 1 115 ? -0.160  -6.348  -11.563 1.00 31.88 ? 112 ALA A N   1 
ATOM   887  C  CA  . ALA A 1 115 ? -1.336  -5.579  -11.846 1.00 32.18 ? 112 ALA A CA  1 
ATOM   888  C  C   . ALA A 1 115 ? -1.276  -4.986  -13.261 1.00 31.82 ? 112 ALA A C   1 
ATOM   889  O  O   . ALA A 1 115 ? -0.198  -4.661  -13.777 1.00 31.28 ? 112 ALA A O   1 
ATOM   890  C  CB  . ALA A 1 115 ? -1.518  -4.530  -10.800 1.00 32.74 ? 112 ALA A CB  1 
ATOM   891  N  N   . PRO A 1 116 ? -2.442  -4.843  -13.918 1.00 32.37 ? 113 PRO A N   1 
ATOM   892  C  CA  . PRO A 1 116 ? -2.452  -4.107  -15.186 1.00 32.98 ? 113 PRO A CA  1 
ATOM   893  C  C   . PRO A 1 116 ? -2.117  -2.605  -14.959 1.00 34.37 ? 113 PRO A C   1 
ATOM   894  O  O   . PRO A 1 116 ? -2.400  -2.082  -13.883 1.00 33.27 ? 113 PRO A O   1 
ATOM   895  C  CB  . PRO A 1 116 ? -3.886  -4.288  -15.688 1.00 33.32 ? 113 PRO A CB  1 
ATOM   896  C  CG  . PRO A 1 116 ? -4.699  -4.540  -14.504 1.00 33.19 ? 113 PRO A CG  1 
ATOM   897  C  CD  . PRO A 1 116 ? -3.793  -5.300  -13.535 1.00 32.47 ? 113 PRO A CD  1 
ATOM   898  N  N   . GLU A 1 117 ? -1.499  -1.955  -15.951 1.00 36.51 ? 114 GLU A N   1 
ATOM   899  C  CA  . GLU A 1 117 ? -1.128  -0.528  -15.853 1.00 38.56 ? 114 GLU A CA  1 
ATOM   900  C  C   . GLU A 1 117 ? -2.269  0.385   -16.327 1.00 39.40 ? 114 GLU A C   1 
ATOM   901  O  O   . GLU A 1 117 ? -2.745  0.254   -17.445 1.00 39.23 ? 114 GLU A O   1 
ATOM   902  C  CB  . GLU A 1 117 ? 0.163   -0.219  -16.635 1.00 38.96 ? 114 GLU A CB  1 
ATOM   903  C  CG  . GLU A 1 117 ? 0.548   1.277   -16.571 1.00 42.79 ? 114 GLU A CG  1 
ATOM   904  C  CD  . GLU A 1 117 ? 1.999   1.536   -16.190 1.00 47.89 ? 114 GLU A CD  1 
ATOM   905  O  OE1 . GLU A 1 117 ? 2.817   0.610   -16.337 1.00 53.14 ? 114 GLU A OE1 1 
ATOM   906  O  OE2 . GLU A 1 117 ? 2.329   2.666   -15.746 1.00 48.25 ? 114 GLU A OE2 1 
ATOM   907  N  N   . GLN A 1 118 ? -2.700  1.281   -15.441 1.00 40.80 ? 115 GLN A N   1 
ATOM   908  C  CA  A GLN A 1 118 ? -3.705  2.299   -15.727 0.50 41.99 ? 115 GLN A CA  1 
ATOM   909  C  CA  B GLN A 1 118 ? -3.687  2.321   -15.773 0.50 41.67 ? 115 GLN A CA  1 
ATOM   910  C  C   . GLN A 1 118 ? -3.095  3.664   -15.379 1.00 42.34 ? 115 GLN A C   1 
ATOM   911  O  O   . GLN A 1 118 ? -3.501  4.296   -14.398 1.00 42.61 ? 115 GLN A O   1 
ATOM   912  C  CB  A GLN A 1 118 ? -4.982  2.038   -14.896 0.50 42.46 ? 115 GLN A CB  1 
ATOM   913  C  CB  B GLN A 1 118 ? -5.064  2.081   -15.112 0.50 41.92 ? 115 GLN A CB  1 
ATOM   914  C  CG  A GLN A 1 118 ? -5.060  0.636   -14.233 0.50 44.17 ? 115 GLN A CG  1 
ATOM   915  C  CG  B GLN A 1 118 ? -5.081  1.233   -13.815 0.50 42.25 ? 115 GLN A CG  1 
ATOM   916  C  CD  A GLN A 1 118 ? -6.449  0.022   -14.283 0.50 45.73 ? 115 GLN A CD  1 
ATOM   917  C  CD  B GLN A 1 118 ? -4.956  2.021   -12.520 0.50 42.44 ? 115 GLN A CD  1 
ATOM   918  O  OE1 A GLN A 1 118 ? -6.597  -1.140  -14.653 0.50 47.54 ? 115 GLN A OE1 1 
ATOM   919  O  OE1 B GLN A 1 118 ? -4.838  1.419   -11.456 0.50 43.29 ? 115 GLN A OE1 1 
ATOM   920  N  NE2 A GLN A 1 118 ? -7.469  0.799   -13.920 0.50 47.44 ? 115 GLN A NE2 1 
ATOM   921  N  NE2 B GLN A 1 118 ? -4.993  3.355   -12.596 0.50 41.95 ? 115 GLN A NE2 1 
ATOM   922  N  N   . LYS A 1 119 ? -2.110  4.092   -16.162 1.00 42.86 ? 116 LYS A N   1 
ATOM   923  C  CA  . LYS A 1 119 ? -1.322  5.287   -15.840 1.00 43.55 ? 116 LYS A CA  1 
ATOM   924  C  C   . LYS A 1 119 ? -2.107  6.545   -15.396 1.00 43.30 ? 116 LYS A C   1 
ATOM   925  O  O   . LYS A 1 119 ? -3.183  6.872   -15.898 1.00 42.24 ? 116 LYS A O   1 
ATOM   926  C  CB  . LYS A 1 119 ? -0.410  5.673   -17.010 1.00 44.43 ? 116 LYS A CB  1 
ATOM   927  C  CG  . LYS A 1 119 ? 0.927   4.926   -17.090 1.00 46.12 ? 116 LYS A CG  1 
ATOM   928  C  CD  . LYS A 1 119 ? 1.928   5.750   -17.971 1.00 48.81 ? 116 LYS A CD  1 
ATOM   929  C  CE  . LYS A 1 119 ? 2.571   4.920   -19.106 1.00 50.12 ? 116 LYS A CE  1 
ATOM   930  N  NZ  . LYS A 1 119 ? 3.462   3.827   -18.602 1.00 51.16 ? 116 LYS A NZ  1 
ATOM   931  N  N   . LEU A 1 120 ? -1.498  7.241   -14.449 1.00 43.26 ? 117 LEU A N   1 
ATOM   932  C  CA  . LEU A 1 120 ? -2.035  8.438   -13.832 1.00 43.52 ? 117 LEU A CA  1 
ATOM   933  C  C   . LEU A 1 120 ? -1.688  9.636   -14.750 1.00 43.97 ? 117 LEU A C   1 
ATOM   934  O  O   . LEU A 1 120 ? -0.669  9.621   -15.446 1.00 43.20 ? 117 LEU A O   1 
ATOM   935  C  CB  . LEU A 1 120 ? -1.366  8.578   -12.451 1.00 43.32 ? 117 LEU A CB  1 
ATOM   936  C  CG  . LEU A 1 120 ? -2.051  8.688   -11.078 1.00 42.50 ? 117 LEU A CG  1 
ATOM   937  C  CD1 . LEU A 1 120 ? -3.376  8.077   -10.944 1.00 38.84 ? 117 LEU A CD1 1 
ATOM   938  C  CD2 . LEU A 1 120 ? -1.097  8.084   -10.031 1.00 41.84 ? 117 LEU A CD2 1 
ATOM   939  N  N   . ALA A 1 121 ? -2.527  10.668  -14.759 1.00 45.49 ? 118 ALA A N   1 
ATOM   940  C  CA  . ALA A 1 121 ? -2.201  11.928  -15.449 1.00 46.60 ? 118 ALA A CA  1 
ATOM   941  C  C   . ALA A 1 121 ? -1.049  12.671  -14.719 1.00 47.17 ? 118 ALA A C   1 
ATOM   942  O  O   . ALA A 1 121 ? -0.924  12.521  -13.506 1.00 46.34 ? 118 ALA A O   1 
ATOM   943  C  CB  . ALA A 1 121 ? -3.455  12.802  -15.551 1.00 47.88 ? 118 ALA A CB  1 
ATOM   944  N  N   . PRO A 1 122 ? -0.167  13.410  -15.460 1.00 47.51 ? 119 PRO A N   1 
ATOM   945  C  CA  . PRO A 1 122 ? 1.004   14.133  -14.920 1.00 47.59 ? 119 PRO A CA  1 
ATOM   946  C  C   . PRO A 1 122 ? 0.744   15.022  -13.696 1.00 47.35 ? 119 PRO A C   1 
ATOM   947  O  O   . PRO A 1 122 ? 1.578   15.061  -12.772 1.00 46.86 ? 119 PRO A O   1 
ATOM   948  C  CB  . PRO A 1 122 ? 1.472   15.021  -16.096 1.00 47.81 ? 119 PRO A CB  1 
ATOM   949  C  CG  . PRO A 1 122 ? 1.009   14.312  -17.326 1.00 48.09 ? 119 PRO A CG  1 
ATOM   950  C  CD  . PRO A 1 122 ? -0.212  13.476  -16.936 1.00 48.21 ? 119 PRO A CD  1 
ATOM   951  N  N   . ALA A 1 123 ? -0.389  15.734  -13.712 1.00 46.56 ? 120 ALA A N   1 
ATOM   952  C  CA  . ALA A 1 123 ? -0.714  16.660  -12.630 1.00 46.24 ? 120 ALA A CA  1 
ATOM   953  C  C   . ALA A 1 123 ? -1.047  15.900  -11.355 1.00 44.99 ? 120 ALA A C   1 
ATOM   954  O  O   . ALA A 1 123 ? -0.706  16.318  -10.257 1.00 43.76 ? 120 ALA A O   1 
ATOM   955  C  CB  . ALA A 1 123 ? -1.879  17.568  -13.023 1.00 46.49 ? 120 ALA A CB  1 
ATOM   956  N  N   . ARG A 1 124 ? -1.732  14.786  -11.508 1.00 44.79 ? 121 ARG A N   1 
ATOM   957  C  CA  . ARG A 1 124 ? -2.103  13.963  -10.367 1.00 44.89 ? 121 ARG A CA  1 
ATOM   958  C  C   . ARG A 1 124 ? -0.920  13.207  -9.787  1.00 43.80 ? 121 ARG A C   1 
ATOM   959  O  O   . ARG A 1 124 ? -0.815  13.066  -8.575  1.00 43.62 ? 121 ARG A O   1 
ATOM   960  C  CB  . ARG A 1 124 ? -3.104  12.936  -10.805 1.00 45.15 ? 121 ARG A CB  1 
ATOM   961  C  CG  . ARG A 1 124 ? -3.806  12.222  -9.675  1.00 47.67 ? 121 ARG A CG  1 
ATOM   962  C  CD  . ARG A 1 124 ? -5.223  12.759  -9.606  1.00 48.71 ? 121 ARG A CD  1 
ATOM   963  N  NE  . ARG A 1 124 ? -6.124  11.753  -9.197  1.00 47.08 ? 121 ARG A NE  1 
ATOM   964  C  CZ  . ARG A 1 124 ? -7.450  11.809  -9.316  1.00 45.97 ? 121 ARG A CZ  1 
ATOM   965  N  NH1 . ARG A 1 124 ? -8.141  10.782  -8.898  1.00 42.19 ? 121 ARG A NH1 1 
ATOM   966  N  NH2 . ARG A 1 124 ? -8.093  12.864  -9.807  1.00 42.92 ? 121 ARG A NH2 1 
ATOM   967  N  N   . ARG A 1 125 ? -0.073  12.669  -10.659 1.00 42.61 ? 122 ARG A N   1 
ATOM   968  C  CA  . ARG A 1 125 ? 1.172   12.064  -10.229 1.00 42.30 ? 122 ARG A CA  1 
ATOM   969  C  C   . ARG A 1 125 ? 1.964   13.046  -9.343  1.00 42.47 ? 122 ARG A C   1 
ATOM   970  O  O   . ARG A 1 125 ? 2.535   12.670  -8.323  1.00 41.94 ? 122 ARG A O   1 
ATOM   971  C  CB  . ARG A 1 125 ? 2.007   11.691  -11.436 1.00 41.69 ? 122 ARG A CB  1 
ATOM   972  C  CG  . ARG A 1 125 ? 3.267   10.918  -11.101 1.00 41.56 ? 122 ARG A CG  1 
ATOM   973  C  CD  . ARG A 1 125 ? 4.032   10.547  -12.352 1.00 41.36 ? 122 ARG A CD  1 
ATOM   974  N  NE  . ARG A 1 125 ? 3.130   9.893   -13.288 1.00 40.48 ? 122 ARG A NE  1 
ATOM   975  C  CZ  . ARG A 1 125 ? 2.671   8.660   -13.140 1.00 43.83 ? 122 ARG A CZ  1 
ATOM   976  N  NH1 . ARG A 1 125 ? 3.050   7.921   -12.099 1.00 45.33 ? 122 ARG A NH1 1 
ATOM   977  N  NH2 . ARG A 1 125 ? 1.801   8.168   -14.033 1.00 40.81 ? 122 ARG A NH2 1 
ATOM   978  N  N   . LYS A 1 126 ? 2.021   14.297  -9.751  1.00 42.91 ? 123 LYS A N   1 
ATOM   979  C  CA  . LYS A 1 126 ? 2.746   15.336  -8.979  1.00 43.36 ? 123 LYS A CA  1 
ATOM   980  C  C   . LYS A 1 126 ? 2.189   15.519  -7.587  1.00 42.40 ? 123 LYS A C   1 
ATOM   981  O  O   . LYS A 1 126 ? 2.941   15.568  -6.609  1.00 42.17 ? 123 LYS A O   1 
ATOM   982  C  CB  . LYS A 1 126 ? 2.636   16.696  -9.652  1.00 45.04 ? 123 LYS A CB  1 
ATOM   983  C  CG  . LYS A 1 126 ? 3.682   16.964  -10.674 1.00 49.40 ? 123 LYS A CG  1 
ATOM   984  C  CD  . LYS A 1 126 ? 3.942   18.455  -10.828 1.00 54.56 ? 123 LYS A CD  1 
ATOM   985  C  CE  . LYS A 1 126 ? 4.143   18.846  -12.310 1.00 57.35 ? 123 LYS A CE  1 
ATOM   986  N  NZ  . LYS A 1 126 ? 4.026   17.673  -13.282 1.00 57.21 ? 123 LYS A NZ  1 
ATOM   987  N  N   . VAL A 1 127 ? 0.873   15.660  -7.500  1.00 41.11 ? 124 VAL A N   1 
ATOM   988  C  CA  . VAL A 1 127 ? 0.210   15.870  -6.216  1.00 40.38 ? 124 VAL A CA  1 
ATOM   989  C  C   . VAL A 1 127 ? 0.489   14.716  -5.271  1.00 39.67 ? 124 VAL A C   1 
ATOM   990  O  O   . VAL A 1 127 ? 0.812   14.922  -4.093  1.00 38.37 ? 124 VAL A O   1 
ATOM   991  C  CB  . VAL A 1 127 ? -1.316  16.057  -6.386  1.00 40.77 ? 124 VAL A CB  1 
ATOM   992  C  CG1 . VAL A 1 127 ? -2.021  16.051  -5.030  1.00 42.42 ? 124 VAL A CG1 1 
ATOM   993  C  CG2 . VAL A 1 127 ? -1.598  17.342  -7.065  1.00 40.80 ? 124 VAL A CG2 1 
ATOM   994  N  N   . LEU A 1 128 ? 0.380   13.483  -5.784  1.00 38.13 ? 125 LEU A N   1 
ATOM   995  C  CA  . LEU A 1 128 ? 0.543   12.329  -4.958  1.00 37.40 ? 125 LEU A CA  1 
ATOM   996  C  C   . LEU A 1 128 ? 1.991   12.120  -4.507  1.00 36.22 ? 125 LEU A C   1 
ATOM   997  O  O   . LEU A 1 128 ? 2.218   11.679  -3.412  1.00 36.07 ? 125 LEU A O   1 
ATOM   998  C  CB  . LEU A 1 128 ? 0.065   11.083  -5.709  1.00 37.35 ? 125 LEU A CB  1 
ATOM   999  C  CG  . LEU A 1 128 ? -1.434  11.019  -5.978  1.00 38.53 ? 125 LEU A CG  1 
ATOM   1000 C  CD1 . LEU A 1 128 ? -1.694  9.853   -6.937  1.00 36.55 ? 125 LEU A CD1 1 
ATOM   1001 C  CD2 . LEU A 1 128 ? -2.203  10.829  -4.647  1.00 36.32 ? 125 LEU A CD2 1 
ATOM   1002 N  N   . ILE A 1 129 ? 2.953   12.384  -5.373  1.00 36.14 ? 126 ILE A N   1 
ATOM   1003 C  CA  . ILE A 1 129 ? 4.372   12.317  -4.989  1.00 35.99 ? 126 ILE A CA  1 
ATOM   1004 C  C   . ILE A 1 129 ? 4.730   13.336  -3.895  1.00 35.57 ? 126 ILE A C   1 
ATOM   1005 O  O   . ILE A 1 129 ? 5.486   13.024  -2.951  1.00 35.09 ? 126 ILE A O   1 
ATOM   1006 C  CB  . ILE A 1 129 ? 5.315   12.389  -6.227  1.00 35.88 ? 126 ILE A CB  1 
ATOM   1007 C  CG1 . ILE A 1 129 ? 5.040   11.164  -7.119  1.00 36.66 ? 126 ILE A CG1 1 
ATOM   1008 C  CG2 . ILE A 1 129 ? 6.844   12.514  -5.776  1.00 35.04 ? 126 ILE A CG2 1 
ATOM   1009 C  CD1 . ILE A 1 129 ? 5.938   11.023  -8.303  1.00 37.14 ? 126 ILE A CD1 1 
ATOM   1010 N  N   . GLN A 1 130 ? 4.132   14.510  -3.976  1.00 35.49 ? 127 GLN A N   1 
ATOM   1011 C  CA  . GLN A 1 130 ? 4.325   15.560  -2.981  1.00 35.94 ? 127 GLN A CA  1 
ATOM   1012 C  C   . GLN A 1 130 ? 3.779   15.100  -1.627  1.00 36.10 ? 127 GLN A C   1 
ATOM   1013 O  O   . GLN A 1 130 ? 4.411   15.325  -0.564  1.00 34.83 ? 127 GLN A O   1 
ATOM   1014 C  CB  . GLN A 1 130 ? 3.656   16.872  -3.426  1.00 37.03 ? 127 GLN A CB  1 
ATOM   1015 C  CG  . GLN A 1 130 ? 3.555   17.951  -2.363  1.00 37.55 ? 127 GLN A CG  1 
ATOM   1016 C  CD  . GLN A 1 130 ? 4.835   18.661  -2.166  1.00 40.37 ? 127 GLN A CD  1 
ATOM   1017 O  OE1 . GLN A 1 130 ? 5.534   18.948  -3.133  1.00 42.14 ? 127 GLN A OE1 1 
ATOM   1018 N  NE2 . GLN A 1 130 ? 5.140   19.016  -0.915  1.00 41.30 ? 127 GLN A NE2 1 
ATOM   1019 N  N   . LYS A 1 131 ? 2.623   14.436  -1.676  1.00 35.63 ? 128 LYS A N   1 
ATOM   1020 C  CA  . LYS A 1 131 ? 1.959   13.946  -0.470  1.00 34.77 ? 128 LYS A CA  1 
ATOM   1021 C  C   . LYS A 1 131 ? 2.754   12.820  0.154   1.00 34.02 ? 128 LYS A C   1 
ATOM   1022 O  O   . LYS A 1 131 ? 2.881   12.754  1.364   1.00 33.41 ? 128 LYS A O   1 
ATOM   1023 C  CB  . LYS A 1 131 ? 0.545   13.466  -0.784  1.00 34.60 ? 128 LYS A CB  1 
ATOM   1024 C  CG  . LYS A 1 131 ? -0.451  14.576  -0.886  1.00 39.61 ? 128 LYS A CG  1 
ATOM   1025 C  CD  . LYS A 1 131 ? -1.829  14.086  -1.329  1.00 41.93 ? 128 LYS A CD  1 
ATOM   1026 C  CE  . LYS A 1 131 ? -2.652  15.299  -1.780  1.00 46.04 ? 128 LYS A CE  1 
ATOM   1027 N  NZ  . LYS A 1 131 ? -4.045  15.246  -1.218  1.00 46.57 ? 128 LYS A NZ  1 
ATOM   1028 N  N   . PHE A 1 132 ? 3.252   11.926  -0.690  1.00 32.95 ? 129 PHE A N   1 
ATOM   1029 C  CA  . PHE A 1 132 ? 4.069   10.814  -0.259  1.00 33.01 ? 129 PHE A CA  1 
ATOM   1030 C  C   . PHE A 1 132 ? 5.343   11.319  0.437   1.00 33.38 ? 129 PHE A C   1 
ATOM   1031 O  O   . PHE A 1 132 ? 5.661   10.885  1.560   1.00 33.16 ? 129 PHE A O   1 
ATOM   1032 C  CB  . PHE A 1 132 ? 4.389   9.968   -1.475  1.00 32.46 ? 129 PHE A CB  1 
ATOM   1033 C  CG  . PHE A 1 132 ? 5.229   8.774   -1.199  1.00 31.79 ? 129 PHE A CG  1 
ATOM   1034 C  CD1 . PHE A 1 132 ? 4.655   7.511   -1.149  1.00 32.57 ? 129 PHE A CD1 1 
ATOM   1035 C  CD2 . PHE A 1 132 ? 6.596   8.872   -1.047  1.00 31.11 ? 129 PHE A CD2 1 
ATOM   1036 C  CE1 . PHE A 1 132 ? 5.443   6.393   -0.933  1.00 30.91 ? 129 PHE A CE1 1 
ATOM   1037 C  CE2 . PHE A 1 132 ? 7.383   7.764   -0.832  1.00 32.46 ? 129 PHE A CE2 1 
ATOM   1038 C  CZ  . PHE A 1 132 ? 6.816   6.517   -0.749  1.00 31.79 ? 129 PHE A CZ  1 
ATOM   1039 N  N   . ALA A 1 133 ? 6.044   12.230  -0.237  1.00 33.33 ? 130 ALA A N   1 
ATOM   1040 C  CA  . ALA A 1 133 ? 7.251   12.919  0.319   1.00 33.63 ? 130 ALA A CA  1 
ATOM   1041 C  C   . ALA A 1 133 ? 6.980   13.504  1.702   1.00 32.83 ? 130 ALA A C   1 
ATOM   1042 O  O   . ALA A 1 133 ? 7.696   13.269  2.677   1.00 31.42 ? 130 ALA A O   1 
ATOM   1043 C  CB  . ALA A 1 133 ? 7.705   14.034  -0.621  1.00 32.72 ? 130 ALA A CB  1 
ATOM   1044 N  N   . THR A 1 134 ? 5.896   14.228  1.781   1.00 32.85 ? 131 THR A N   1 
ATOM   1045 C  CA  . THR A 1 134 ? 5.512   14.855  3.012   1.00 33.64 ? 131 THR A CA  1 
ATOM   1046 C  C   . THR A 1 134 ? 5.226   13.861  4.110   1.00 32.48 ? 131 THR A C   1 
ATOM   1047 O  O   . THR A 1 134 ? 5.646   14.057  5.238   1.00 31.61 ? 131 THR A O   1 
ATOM   1048 C  CB  . THR A 1 134 ? 4.319   15.754  2.780   1.00 34.24 ? 131 THR A CB  1 
ATOM   1049 O  OG1 . THR A 1 134 ? 4.710   16.732  1.814   1.00 34.28 ? 131 THR A OG1 1 
ATOM   1050 C  CG2 . THR A 1 134 ? 3.926   16.437  4.075   1.00 36.35 ? 131 THR A CG2 1 
ATOM   1051 N  N   . HIS A 1 135 ? 4.523   12.785  3.761   1.00 33.22 ? 132 HIS A N   1 
ATOM   1052 C  CA  . HIS A 1 135 ? 4.156   11.742  4.715   1.00 32.97 ? 132 HIS A CA  1 
ATOM   1053 C  C   . HIS A 1 135 ? 5.415   11.082  5.253   1.00 32.06 ? 132 HIS A C   1 
ATOM   1054 O  O   . HIS A 1 135 ? 5.631   10.944  6.472   1.00 30.93 ? 132 HIS A O   1 
ATOM   1055 C  CB  . HIS A 1 135 ? 3.247   10.732  3.981   1.00 33.23 ? 132 HIS A CB  1 
ATOM   1056 C  CG  . HIS A 1 135 ? 2.824   9.554   4.794   1.00 33.85 ? 132 HIS A CG  1 
ATOM   1057 N  ND1 . HIS A 1 135 ? 1.494   9.220   4.963   1.00 33.95 ? 132 HIS A ND1 1 
ATOM   1058 C  CD2 . HIS A 1 135 ? 3.537   8.574   5.407   1.00 33.16 ? 132 HIS A CD2 1 
ATOM   1059 C  CE1 . HIS A 1 135 ? 1.410   8.107   5.674   1.00 32.64 ? 132 HIS A CE1 1 
ATOM   1060 N  NE2 . HIS A 1 135 ? 2.634   7.693   5.954   1.00 30.46 ? 132 HIS A NE2 1 
ATOM   1061 N  N   . ALA A 1 136 ? 6.253   10.646  4.322   1.00 31.75 ? 133 ALA A N   1 
ATOM   1062 C  CA  . ALA A 1 136 ? 7.477   9.972   4.680   1.00 30.24 ? 133 ALA A CA  1 
ATOM   1063 C  C   . ALA A 1 136 ? 8.363   10.812  5.578   1.00 29.49 ? 133 ALA A C   1 
ATOM   1064 O  O   . ALA A 1 136 ? 8.906   10.315  6.583   1.00 30.73 ? 133 ALA A O   1 
ATOM   1065 C  CB  . ALA A 1 136 ? 8.212   9.604   3.417   1.00 29.31 ? 133 ALA A CB  1 
ATOM   1066 N  N   . ALA A 1 137 ? 8.575   12.067  5.194   1.00 28.49 ? 134 ALA A N   1 
ATOM   1067 C  CA  . ALA A 1 137 ? 9.517   12.921  5.906   1.00 27.28 ? 134 ALA A CA  1 
ATOM   1068 C  C   . ALA A 1 137 ? 8.998   13.303  7.302   1.00 28.08 ? 134 ALA A C   1 
ATOM   1069 O  O   . ALA A 1 137 ? 9.782   13.341  8.239   1.00 26.06 ? 134 ALA A O   1 
ATOM   1070 C  CB  . ALA A 1 137 ? 9.920   14.145  5.084   1.00 28.12 ? 134 ALA A CB  1 
ATOM   1071 N  N   . ARG A 1 138 ? 7.687   13.505  7.451   1.00 29.15 ? 135 ARG A N   1 
ATOM   1072 C  CA  . ARG A 1 138 ? 7.106   13.769  8.770   1.00 29.60 ? 135 ARG A CA  1 
ATOM   1073 C  C   . ARG A 1 138 ? 7.339   12.605  9.705   1.00 30.00 ? 135 ARG A C   1 
ATOM   1074 O  O   . ARG A 1 138 ? 7.802   12.786  10.823  1.00 30.62 ? 135 ARG A O   1 
ATOM   1075 C  CB  . ARG A 1 138 ? 5.590   14.043  8.711   1.00 29.23 ? 135 ARG A CB  1 
ATOM   1076 C  CG  . ARG A 1 138 ? 5.261   15.461  8.478   1.00 34.62 ? 135 ARG A CG  1 
ATOM   1077 C  CD  . ARG A 1 138 ? 3.717   15.726  8.555   1.00 38.89 ? 135 ARG A CD  1 
ATOM   1078 N  NE  . ARG A 1 138 ? 3.488   17.133  8.201   1.00 47.15 ? 135 ARG A NE  1 
ATOM   1079 C  CZ  . ARG A 1 138 ? 2.594   17.584  7.307   1.00 50.14 ? 135 ARG A CZ  1 
ATOM   1080 N  NH1 . ARG A 1 138 ? 1.757   16.752  6.668   1.00 50.63 ? 135 ARG A NH1 1 
ATOM   1081 N  NH2 . ARG A 1 138 ? 2.518   18.895  7.070   1.00 49.80 ? 135 ARG A NH2 1 
ATOM   1082 N  N   . ARG A 1 139 ? 6.954   11.394  9.257   1.00 30.67 ? 136 ARG A N   1 
ATOM   1083 C  CA  . ARG A 1 139 ? 7.101   10.207  10.094  1.00 30.83 ? 136 ARG A CA  1 
ATOM   1084 C  C   . ARG A 1 139 ? 8.537   9.958   10.469  1.00 29.56 ? 136 ARG A C   1 
ATOM   1085 O  O   . ARG A 1 139 ? 8.820   9.524   11.568  1.00 29.65 ? 136 ARG A O   1 
ATOM   1086 C  CB  . ARG A 1 139 ? 6.559   8.952   9.371   1.00 31.76 ? 136 ARG A CB  1 
ATOM   1087 C  CG  . ARG A 1 139 ? 5.149   9.066   8.904   1.00 36.83 ? 136 ARG A CG  1 
ATOM   1088 C  CD  . ARG A 1 139 ? 4.174   9.030   9.980   1.00 42.45 ? 136 ARG A CD  1 
ATOM   1089 N  NE  . ARG A 1 139 ? 2.823   8.847   9.426   1.00 48.18 ? 136 ARG A NE  1 
ATOM   1090 C  CZ  . ARG A 1 139 ? 2.032   9.826   8.954   1.00 51.11 ? 136 ARG A CZ  1 
ATOM   1091 N  NH1 . ARG A 1 139 ? 2.432   11.102  8.925   1.00 52.60 ? 136 ARG A NH1 1 
ATOM   1092 N  NH2 . ARG A 1 139 ? 0.822   9.521   8.502   1.00 52.86 ? 136 ARG A NH2 1 
ATOM   1093 N  N   . LEU A 1 140 ? 9.440   10.145  9.520   1.00 29.38 ? 137 LEU A N   1 
ATOM   1094 C  CA  . LEU A 1 140 ? 10.869  10.000  9.773   1.00 28.94 ? 137 LEU A CA  1 
ATOM   1095 C  C   . LEU A 1 140 ? 11.352  10.956  10.856  1.00 29.34 ? 137 LEU A C   1 
ATOM   1096 O  O   . LEU A 1 140 ? 12.002  10.547  11.837  1.00 30.12 ? 137 LEU A O   1 
ATOM   1097 C  CB  . LEU A 1 140 ? 11.634  10.240  8.492   1.00 28.19 ? 137 LEU A CB  1 
ATOM   1098 C  CG  . LEU A 1 140 ? 13.164  10.252  8.517   1.00 28.63 ? 137 LEU A CG  1 
ATOM   1099 C  CD1 . LEU A 1 140 ? 13.718  9.018   9.178   1.00 28.56 ? 137 LEU A CD1 1 
ATOM   1100 C  CD2 . LEU A 1 140 ? 13.643  10.407  7.085   1.00 27.13 ? 137 LEU A CD2 1 
ATOM   1101 N  N   . GLN A 1 141 ? 11.003  12.236  10.711  1.00 28.89 ? 138 GLN A N   1 
ATOM   1102 C  CA  . GLN A 1 141 ? 11.422  13.229  11.698  1.00 27.63 ? 138 GLN A CA  1 
ATOM   1103 C  C   . GLN A 1 141 ? 10.886  12.898  13.108  1.00 28.06 ? 138 GLN A C   1 
ATOM   1104 O  O   . GLN A 1 141 ? 11.590  13.064  14.083  1.00 28.10 ? 138 GLN A O   1 
ATOM   1105 C  CB  . GLN A 1 141 ? 11.072  14.659  11.251  1.00 27.43 ? 138 GLN A CB  1 
ATOM   1106 C  CG  . GLN A 1 141 ? 11.735  15.781  12.107  1.00 25.72 ? 138 GLN A CG  1 
ATOM   1107 C  CD  . GLN A 1 141 ? 10.843  16.213  13.258  1.00 28.91 ? 138 GLN A CD  1 
ATOM   1108 O  OE1 . GLN A 1 141 ? 9.711   15.700  13.393  1.00 30.24 ? 138 GLN A OE1 1 
ATOM   1109 N  NE2 . GLN A 1 141 ? 11.334  17.130  14.106  1.00 24.05 ? 138 GLN A NE2 1 
ATOM   1110 N  N   . ALA A 1 142 ? 9.652   12.431  13.190  1.00 29.36 ? 139 ALA A N   1 
ATOM   1111 C  CA  . ALA A 1 142 ? 9.049   12.080  14.444  1.00 30.23 ? 139 ALA A CA  1 
ATOM   1112 C  C   . ALA A 1 142 ? 9.731   10.864  15.131  1.00 32.15 ? 139 ALA A C   1 
ATOM   1113 O  O   . ALA A 1 142 ? 9.760   10.788  16.366  1.00 33.40 ? 139 ALA A O   1 
ATOM   1114 C  CB  . ALA A 1 142 ? 7.575   11.849  14.246  1.00 29.95 ? 139 ALA A CB  1 
ATOM   1115 N  N   . LEU A 1 143 ? 10.242  9.912   14.358  1.00 32.96 ? 140 LEU A N   1 
ATOM   1116 C  CA  . LEU A 1 143 ? 10.969  8.767   14.916  1.00 34.03 ? 140 LEU A CA  1 
ATOM   1117 C  C   . LEU A 1 143 ? 12.331  9.182   15.381  1.00 35.42 ? 140 LEU A C   1 
ATOM   1118 O  O   . LEU A 1 143 ? 12.759  8.805   16.466  1.00 35.86 ? 140 LEU A O   1 
ATOM   1119 C  CB  . LEU A 1 143 ? 11.094  7.634   13.887  1.00 33.87 ? 140 LEU A CB  1 
ATOM   1120 C  CG  . LEU A 1 143 ? 9.902   6.724   13.714  1.00 35.13 ? 140 LEU A CG  1 
ATOM   1121 C  CD1 . LEU A 1 143 ? 10.258  5.572   12.708  1.00 32.30 ? 140 LEU A CD1 1 
ATOM   1122 C  CD2 . LEU A 1 143 ? 9.409   6.170   15.071  1.00 35.34 ? 140 LEU A CD2 1 
ATOM   1123 N  N   . ARG A 1 144 ? 12.990  10.050  14.613  1.00 36.64 ? 141 ARG A N   1 
ATOM   1124 C  CA  . ARG A 1 144 ? 14.316  10.558  15.000  1.00 37.91 ? 141 ARG A CA  1 
ATOM   1125 C  C   . ARG A 1 144 ? 14.344  11.567  16.119  1.00 37.87 ? 141 ARG A C   1 
ATOM   1126 O  O   . ARG A 1 144 ? 15.349  11.695  16.814  1.00 37.13 ? 141 ARG A O   1 
ATOM   1127 C  CB  . ARG A 1 144 ? 15.023  11.129  13.780  1.00 38.46 ? 141 ARG A CB  1 
ATOM   1128 C  CG  . ARG A 1 144 ? 15.057  10.144  12.666  1.00 41.46 ? 141 ARG A CG  1 
ATOM   1129 C  CD  . ARG A 1 144 ? 16.333  10.112  11.881  1.00 47.70 ? 141 ARG A CD  1 
ATOM   1130 N  NE  . ARG A 1 144 ? 16.729  11.408  11.402  1.00 52.73 ? 141 ARG A NE  1 
ATOM   1131 C  CZ  . ARG A 1 144 ? 17.838  12.066  11.768  1.00 57.69 ? 141 ARG A CZ  1 
ATOM   1132 N  NH1 . ARG A 1 144 ? 18.064  13.258  11.257  1.00 57.08 ? 141 ARG A NH1 1 
ATOM   1133 N  NH2 . ARG A 1 144 ? 18.734  11.561  12.628  1.00 60.85 ? 141 ARG A NH2 1 
ATOM   1134 N  N   . ASP A 1 145 ? 13.224  12.275  16.317  1.00 36.79 ? 142 ASP A N   1 
ATOM   1135 C  CA  . ASP A 1 145 ? 13.144  13.359  17.277  1.00 35.37 ? 142 ASP A CA  1 
ATOM   1136 C  C   . ASP A 1 145 ? 11.709  13.369  17.809  1.00 35.29 ? 142 ASP A C   1 
ATOM   1137 O  O   . ASP A 1 145 ? 10.941  14.224  17.443  1.00 33.42 ? 142 ASP A O   1 
ATOM   1138 C  CB  . ASP A 1 145 ? 13.498  14.671  16.558  1.00 35.26 ? 142 ASP A CB  1 
ATOM   1139 C  CG  . ASP A 1 145 ? 13.522  15.888  17.462  1.00 34.73 ? 142 ASP A CG  1 
ATOM   1140 O  OD1 . ASP A 1 145 ? 13.382  15.781  18.715  1.00 36.25 ? 142 ASP A OD1 1 
ATOM   1141 O  OD2 . ASP A 1 145 ? 13.659  16.999  16.896  1.00 29.26 ? 142 ASP A OD2 1 
ATOM   1142 N  N   . PRO A 1 146 ? 11.368  12.403  18.686  1.00 36.28 ? 143 PRO A N   1 
ATOM   1143 C  CA  . PRO A 1 146 ? 10.005  12.205  19.182  1.00 35.81 ? 143 PRO A CA  1 
ATOM   1144 C  C   . PRO A 1 146 ? 9.335   13.457  19.756  1.00 35.40 ? 143 PRO A C   1 
ATOM   1145 O  O   . PRO A 1 146 ? 8.122   13.647  19.553  1.00 34.44 ? 143 PRO A O   1 
ATOM   1146 C  CB  . PRO A 1 146 ? 10.164  11.135  20.257  1.00 36.12 ? 143 PRO A CB  1 
ATOM   1147 C  CG  . PRO A 1 146 ? 11.466  10.466  19.987  1.00 37.43 ? 143 PRO A CG  1 
ATOM   1148 C  CD  . PRO A 1 146 ? 12.303  11.364  19.173  1.00 37.57 ? 143 PRO A CD  1 
ATOM   1149 N  N   . GLU A 1 147 ? 10.111  14.298  20.453  1.00 34.92 ? 144 GLU A N   1 
ATOM   1150 C  CA  . GLU A 1 147 ? 9.553   15.492  21.131  1.00 35.23 ? 144 GLU A CA  1 
ATOM   1151 C  C   . GLU A 1 147 ? 9.482   16.693  20.181  1.00 33.11 ? 144 GLU A C   1 
ATOM   1152 O  O   . GLU A 1 147 ? 8.827   17.687  20.477  1.00 33.59 ? 144 GLU A O   1 
ATOM   1153 C  CB  . GLU A 1 147 ? 10.416  15.873  22.358  1.00 36.36 ? 144 GLU A CB  1 
ATOM   1154 C  CG  . GLU A 1 147 ? 10.188  15.133  23.722  1.00 42.38 ? 144 GLU A CG  1 
ATOM   1155 C  CD  . GLU A 1 147 ? 9.130   14.014  23.757  1.00 49.50 ? 144 GLU A CD  1 
ATOM   1156 O  OE1 . GLU A 1 147 ? 7.924   14.322  23.572  1.00 52.22 ? 144 GLU A OE1 1 
ATOM   1157 O  OE2 . GLU A 1 147 ? 9.494   12.829  24.043  1.00 53.99 ? 144 GLU A OE2 1 
ATOM   1158 N  N   . GLY A 1 148 ? 10.124  16.591  19.032  1.00 30.74 ? 145 GLY A N   1 
ATOM   1159 C  CA  . GLY A 1 148 ? 10.360  17.722  18.165  1.00 29.41 ? 145 GLY A CA  1 
ATOM   1160 C  C   . GLY A 1 148 ? 9.256   18.190  17.222  1.00 28.13 ? 145 GLY A C   1 
ATOM   1161 O  O   . GLY A 1 148 ? 9.546   18.590  16.051  1.00 26.63 ? 145 GLY A O   1 
ATOM   1162 N  N   . HIS A 1 149 ? 8.012   18.154  17.728  1.00 26.04 ? 146 HIS A N   1 
ATOM   1163 C  CA  . HIS A 1 149 ? 6.880   18.796  17.042  1.00 25.45 ? 146 HIS A CA  1 
ATOM   1164 C  C   . HIS A 1 149 ? 5.765   19.146  18.041  1.00 24.23 ? 146 HIS A C   1 
ATOM   1165 O  O   . HIS A 1 149 ? 5.791   18.719  19.169  1.00 23.88 ? 146 HIS A O   1 
ATOM   1166 C  CB  . HIS A 1 149 ? 6.350   17.915  15.906  1.00 26.37 ? 146 HIS A CB  1 
ATOM   1167 C  CG  . HIS A 1 149 ? 5.723   16.635  16.360  1.00 25.29 ? 146 HIS A CG  1 
ATOM   1168 N  ND1 . HIS A 1 149 ? 6.450   15.469  16.542  1.00 27.14 ? 146 HIS A ND1 1 
ATOM   1169 C  CD2 . HIS A 1 149 ? 4.437   16.333  16.657  1.00 27.32 ? 146 HIS A CD2 1 
ATOM   1170 C  CE1 . HIS A 1 149 ? 5.626   14.499  16.912  1.00 28.45 ? 146 HIS A CE1 1 
ATOM   1171 N  NE2 . HIS A 1 149 ? 4.399   15.002  16.993  1.00 24.94 ? 146 HIS A NE2 1 
ATOM   1172 N  N   . GLY A 1 150 ? 4.829   19.973  17.627  1.00 23.56 ? 147 GLY A N   1 
ATOM   1173 C  CA  . GLY A 1 150 ? 3.722   20.336  18.470  1.00 22.62 ? 147 GLY A CA  1 
ATOM   1174 C  C   . GLY A 1 150 ? 2.432   19.631  18.091  1.00 22.41 ? 147 GLY A C   1 
ATOM   1175 O  O   . GLY A 1 150 ? 2.317   18.974  17.037  1.00 21.78 ? 147 GLY A O   1 
ATOM   1176 N  N   . ILE A 1 151 ? 1.444   19.768  18.965  1.00 21.45 ? 148 ILE A N   1 
ATOM   1177 C  CA  . ILE A 1 151 ? 0.165   19.130  18.757  1.00 20.85 ? 148 ILE A CA  1 
ATOM   1178 C  C   . ILE A 1 151 ? -0.675  19.805  17.653  1.00 20.57 ? 148 ILE A C   1 
ATOM   1179 O  O   . ILE A 1 151 ? -1.702  19.249  17.239  1.00 19.95 ? 148 ILE A O   1 
ATOM   1180 C  CB  . ILE A 1 151 ? -0.643  19.037  20.095  1.00 21.26 ? 148 ILE A CB  1 
ATOM   1181 C  CG1 . ILE A 1 151 ? -1.100  20.423  20.615  1.00 20.13 ? 148 ILE A CG1 1 
ATOM   1182 C  CG2 . ILE A 1 151 ? 0.218   18.268  21.124  1.00 23.58 ? 148 ILE A CG2 1 
ATOM   1183 C  CD1 . ILE A 1 151 ? -2.185  20.334  21.707  1.00 18.97 ? 148 ILE A CD1 1 
ATOM   1184 N  N   . PHE A 1 152 ? -0.269  21.006  17.231  1.00 19.86 ? 149 PHE A N   1 
ATOM   1185 C  CA  . PHE A 1 152 ? -1.018  21.793  16.250  1.00 20.57 ? 149 PHE A CA  1 
ATOM   1186 C  C   . PHE A 1 152 ? -0.151  21.905  15.025  1.00 22.30 ? 149 PHE A C   1 
ATOM   1187 O  O   . PHE A 1 152 ? 0.802   22.672  14.996  1.00 21.73 ? 149 PHE A O   1 
ATOM   1188 C  CB  . PHE A 1 152 ? -1.358  23.196  16.781  1.00 19.19 ? 149 PHE A CB  1 
ATOM   1189 C  CG  . PHE A 1 152 ? -2.227  24.049  15.846  1.00 17.19 ? 149 PHE A CG  1 
ATOM   1190 C  CD1 . PHE A 1 152 ? -2.956  23.508  14.790  1.00 14.95 ? 149 PHE A CD1 1 
ATOM   1191 C  CD2 . PHE A 1 152 ? -2.330  25.410  16.070  1.00 15.59 ? 149 PHE A CD2 1 
ATOM   1192 C  CE1 . PHE A 1 152 ? -3.721  24.320  13.967  1.00 13.98 ? 149 PHE A CE1 1 
ATOM   1193 C  CE2 . PHE A 1 152 ? -3.129  26.209  15.284  1.00 14.83 ? 149 PHE A CE2 1 
ATOM   1194 C  CZ  . PHE A 1 152 ? -3.836  25.658  14.230  1.00 15.16 ? 149 PHE A CZ  1 
ATOM   1195 N  N   . GLU A 1 153 ? -0.467  21.097  14.029  1.00 24.75 ? 150 GLU A N   1 
ATOM   1196 C  CA  . GLU A 1 153 ? 0.208   21.186  12.755  1.00 26.63 ? 150 GLU A CA  1 
ATOM   1197 C  C   . GLU A 1 153 ? -0.836  21.295  11.676  1.00 27.54 ? 150 GLU A C   1 
ATOM   1198 O  O   . GLU A 1 153 ? -2.055  21.170  11.883  1.00 29.32 ? 150 GLU A O   1 
ATOM   1199 C  CB  . GLU A 1 153 ? 1.105   19.966  12.509  1.00 26.96 ? 150 GLU A CB  1 
ATOM   1200 C  CG  . GLU A 1 153 ? 2.236   19.884  13.464  1.00 27.98 ? 150 GLU A CG  1 
ATOM   1201 C  CD  . GLU A 1 153 ? 3.245   18.803  13.097  1.00 28.40 ? 150 GLU A CD  1 
ATOM   1202 O  OE1 . GLU A 1 153 ? 2.851   17.680  12.696  1.00 26.12 ? 150 GLU A OE1 1 
ATOM   1203 O  OE2 . GLU A 1 153 ? 4.441   19.111  13.208  1.00 28.52 ? 150 GLU A OE2 1 
ATOM   1204 O  OXT . GLU A 1 153 ? -0.435  21.547  10.558  1.00 29.05 ? 150 GLU A OXT 1 
HETATM 1205 NA NA  . NA  B 2 .   ? 4.616   5.252   6.985   1.00 23.43 ? 201 NA  A NA  1 
HETATM 1206 NA NA  . NA  C 2 .   ? -6.252  -4.466  6.219   1.00 55.23 ? 202 NA  A NA  1 
HETATM 1207 O  O   . HOH D 3 .   ? -3.583  -17.081 -0.586  1.00 26.66 ? 203 HOH A O   1 
HETATM 1208 O  O   . HOH D 3 .   ? -0.830  -0.353  6.493   1.00 28.47 ? 204 HOH A O   1 
HETATM 1209 O  O   . HOH D 3 .   ? 10.830  2.563   1.625   1.00 23.75 ? 205 HOH A O   1 
HETATM 1210 O  O   . HOH D 3 .   ? 5.934   1.251   3.922   1.00 24.87 ? 206 HOH A O   1 
HETATM 1211 O  O   . HOH D 3 .   ? 18.175  3.671   4.556   1.00 19.85 ? 207 HOH A O   1 
HETATM 1212 O  O   . HOH D 3 .   ? 8.876   4.119   4.646   1.00 27.17 ? 208 HOH A O   1 
HETATM 1213 O  O   . HOH D 3 .   ? 4.226   -2.525  9.362   1.00 33.52 ? 209 HOH A O   1 
HETATM 1214 O  O   . HOH D 3 .   ? 14.236  17.578  14.391  1.00 22.76 ? 210 HOH A O   1 
HETATM 1215 O  O   . HOH D 3 .   ? 14.677  -11.798 7.544   1.00 21.36 ? 211 HOH A O   1 
HETATM 1216 O  O   . HOH D 3 .   ? -8.002  -16.231 5.954   1.00 37.85 ? 212 HOH A O   1 
HETATM 1217 O  O   . HOH D 3 .   ? -7.960  -13.640 -7.905  1.00 29.03 ? 213 HOH A O   1 
HETATM 1218 O  O   . HOH D 3 .   ? 2.522   -11.923 -14.277 1.00 39.07 ? 214 HOH A O   1 
HETATM 1219 O  O   . HOH D 3 .   ? -6.545  -3.225  -11.718 1.00 47.97 ? 215 HOH A O   1 
HETATM 1220 O  O   . HOH D 3 .   ? -5.755  -14.934 5.813   1.00 35.33 ? 216 HOH A O   1 
HETATM 1221 O  O   . HOH D 3 .   ? 15.679  15.772  13.011  1.00 30.74 ? 217 HOH A O   1 
HETATM 1222 O  O   . HOH D 3 .   ? -0.267  18.987  -10.116 1.00 40.21 ? 218 HOH A O   1 
HETATM 1223 O  O   . HOH D 3 .   ? -1.030  -11.164 8.733   1.00 35.27 ? 219 HOH A O   1 
HETATM 1224 O  O   . HOH D 3 .   ? 14.249  -4.809  1.484   1.00 23.87 ? 220 HOH A O   1 
HETATM 1225 O  O   . HOH D 3 .   ? 9.577   -0.052  1.322   1.00 28.58 ? 221 HOH A O   1 
HETATM 1226 O  O   . HOH D 3 .   ? 16.729  -4.556  0.210   1.00 26.80 ? 222 HOH A O   1 
HETATM 1227 O  O   . HOH D 3 .   ? 5.338   -1.098  5.715   1.00 30.99 ? 223 HOH A O   1 
HETATM 1228 O  O   . HOH D 3 .   ? -4.344  -12.675 4.337   1.00 28.88 ? 224 HOH A O   1 
HETATM 1229 O  O   . HOH D 3 .   ? -1.871  -2.793  6.195   1.00 30.93 ? 225 HOH A O   1 
HETATM 1230 O  O   . HOH D 3 .   ? -4.008  -1.844  -11.827 1.00 31.30 ? 226 HOH A O   1 
HETATM 1231 O  O   . HOH D 3 .   ? 17.606  14.654  14.690  1.00 31.27 ? 227 HOH A O   1 
HETATM 1232 O  O   . HOH D 3 .   ? 0.889   13.848  2.877   1.00 39.37 ? 228 HOH A O   1 
HETATM 1233 O  O   . HOH D 3 .   ? 3.683   -13.174 9.674   1.00 28.60 ? 229 HOH A O   1 
HETATM 1234 O  O   . HOH D 3 .   ? -4.895  10.610  -13.679 1.00 44.83 ? 230 HOH A O   1 
HETATM 1235 O  O   . HOH D 3 .   ? 4.088   14.519  -13.225 1.00 53.26 ? 231 HOH A O   1 
HETATM 1236 O  O   . HOH D 3 .   ? 6.972   3.154   6.276   1.00 36.05 ? 232 HOH A O   1 
HETATM 1237 O  O   . HOH D 3 .   ? -1.484  12.808  2.211   1.00 45.90 ? 233 HOH A O   1 
HETATM 1238 O  O   . HOH D 3 .   ? 1.442   13.721  6.610   1.00 41.14 ? 234 HOH A O   1 
HETATM 1239 O  O   . HOH D 3 .   ? 10.034  -12.798 -2.789  1.00 48.10 ? 235 HOH A O   1 
HETATM 1240 O  O   . HOH D 3 .   ? 2.022   -15.860 3.855   1.00 31.68 ? 236 HOH A O   1 
HETATM 1241 O  O   . HOH D 3 .   ? 5.712   13.993  -10.841 1.00 38.97 ? 237 HOH A O   1 
HETATM 1242 O  O   . HOH D 3 .   ? 4.393   0.578   -12.868 1.00 40.94 ? 238 HOH A O   1 
HETATM 1243 O  O   . HOH D 3 .   ? -0.890  10.587  4.119   1.00 26.39 ? 239 HOH A O   1 
HETATM 1244 O  O   . HOH D 3 .   ? 12.972  14.332  21.085  1.00 36.44 ? 240 HOH A O   1 
HETATM 1245 O  O   . HOH D 3 .   ? 5.884   -14.598 0.945   1.00 44.42 ? 241 HOH A O   1 
HETATM 1246 O  O   . HOH D 3 .   ? -12.307 -20.078 -7.970  1.00 31.26 ? 242 HOH A O   1 
HETATM 1247 O  O   . HOH D 3 .   ? -5.342  -5.790  10.911  1.00 48.85 ? 243 HOH A O   1 
HETATM 1248 O  O   . HOH D 3 .   ? -7.020  -3.064  4.520   1.00 42.04 ? 244 HOH A O   1 
HETATM 1249 O  O   . HOH D 3 .   ? 8.885   -3.481  11.904  1.00 42.06 ? 245 HOH A O   1 
HETATM 1250 O  O   . HOH D 3 .   ? 6.755   15.801  -8.866  0.50 48.31 ? 246 HOH A O   1 
HETATM 1251 O  O   . HOH D 3 .   ? 6.844   8.324   13.070  1.00 32.52 ? 247 HOH A O   1 
HETATM 1252 O  O   . HOH D 3 .   ? -8.661  -19.656 -3.253  1.00 31.71 ? 248 HOH A O   1 
HETATM 1253 O  O   . HOH D 3 .   ? -7.373  0.462   3.334   1.00 40.73 ? 249 HOH A O   1 
HETATM 1254 O  O   . HOH D 3 .   ? -12.823 -13.122 7.905   1.00 46.68 ? 250 HOH A O   1 
HETATM 1255 O  O   . HOH D 3 .   ? 12.074  -9.633  11.495  1.00 31.34 ? 251 HOH A O   1 
HETATM 1256 O  O   . HOH D 3 .   ? 14.400  1.353   -2.567  1.00 31.31 ? 252 HOH A O   1 
HETATM 1257 O  O   . HOH D 3 .   ? 11.610  4.294   -5.688  1.00 30.93 ? 253 HOH A O   1 
HETATM 1258 O  O   . HOH D 3 .   ? -16.444 -15.061 4.856   1.00 43.58 ? 254 HOH A O   1 
HETATM 1259 O  O   . HOH D 3 .   ? 9.022   15.301  15.916  1.00 25.74 ? 255 HOH A O   1 
HETATM 1260 O  O   . HOH D 3 .   ? 6.116   17.433  21.080  1.00 27.21 ? 256 HOH A O   1 
HETATM 1261 O  O   . HOH D 3 .   ? 3.802   17.815  21.212  1.00 31.39 ? 257 HOH A O   1 
HETATM 1262 O  O   . HOH D 3 .   ? -17.477 -8.861  6.669   1.00 47.44 ? 258 HOH A O   1 
HETATM 1263 O  O   . HOH D 3 .   ? -2.969  -12.340 7.604   1.00 41.59 ? 259 HOH A O   1 
HETATM 1264 O  O   . HOH D 3 .   ? 2.065   -16.726 6.291   1.00 40.86 ? 260 HOH A O   1 
HETATM 1265 O  O   . HOH D 3 .   ? 4.580   -16.226 2.287   1.00 52.13 ? 261 HOH A O   1 
HETATM 1266 O  O   . HOH D 3 .   ? 7.690   -15.023 -0.563  1.00 42.51 ? 262 HOH A O   1 
HETATM 1267 O  O   . HOH D 3 .   ? -5.323  -20.454 0.607   1.00 34.01 ? 263 HOH A O   1 
HETATM 1268 O  O   . HOH D 3 .   ? 12.006  -9.567  -1.254  1.00 34.64 ? 264 HOH A O   1 
HETATM 1269 O  O   . HOH D 3 .   ? 14.053  -8.233  4.189   1.00 36.73 ? 265 HOH A O   1 
HETATM 1270 O  O   . HOH D 3 .   ? 5.514   16.463  -6.691  1.00 39.14 ? 266 HOH A O   1 
HETATM 1271 O  O   . HOH D 3 .   ? 6.051   5.692   12.228  1.00 32.29 ? 267 HOH A O   1 
HETATM 1272 O  O   . HOH D 3 .   ? 7.100   11.967  23.290  1.00 53.67 ? 268 HOH A O   1 
HETATM 1273 O  O   . HOH D 3 .   ? 17.390  -3.011  -5.399  1.00 50.70 ? 269 HOH A O   1 
HETATM 1274 O  O   . HOH D 3 .   ? 11.845  7.219   18.168  1.00 42.48 ? 270 HOH A O   1 
HETATM 1275 O  O   . HOH D 3 .   ? -10.262 4.108   1.989   1.00 41.16 ? 271 HOH A O   1 
HETATM 1276 O  O   . HOH D 3 .   ? -8.595  9.318   4.805   1.00 44.59 ? 272 HOH A O   1 
HETATM 1277 O  O   . HOH D 3 .   ? 15.958  -7.717  -5.781  0.50 44.15 ? 273 HOH A O   1 
HETATM 1278 O  O   . HOH D 3 .   ? 7.920   9.440   17.612  1.00 49.35 ? 274 HOH A O   1 
HETATM 1279 O  O   . HOH D 3 .   ? 11.312  -4.690  13.583  1.00 47.28 ? 275 HOH A O   1 
HETATM 1280 O  O   . HOH D 3 .   ? -5.239  1.831   5.353   1.00 49.55 ? 276 HOH A O   1 
HETATM 1281 O  O   . HOH D 3 .   ? -15.211 -1.633  -5.868  1.00 43.50 ? 277 HOH A O   1 
HETATM 1282 O  O   . HOH D 3 .   ? 1.980   11.004  -15.944 1.00 37.97 ? 278 HOH A O   1 
HETATM 1283 O  O   . HOH D 3 .   ? -12.484 3.101   -0.094  1.00 44.43 ? 279 HOH A O   1 
HETATM 1284 O  O   . HOH D 3 .   ? -1.788  16.308  -16.519 1.00 45.27 ? 280 HOH A O   1 
HETATM 1285 O  O   . HOH D 3 .   ? 9.966   7.949   22.112  1.00 49.17 ? 281 HOH A O   1 
HETATM 1286 O  O   . HOH D 3 .   ? -13.452 -10.566 -10.761 1.00 39.86 ? 282 HOH A O   1 
HETATM 1287 O  O   . HOH D 3 .   ? 0.449   15.402  18.175  1.00 51.56 ? 283 HOH A O   1 
HETATM 1288 O  O   . HOH D 3 .   ? -8.093  -4.067  -10.161 1.00 45.37 ? 284 HOH A O   1 
HETATM 1289 O  O   . HOH D 3 .   ? -2.707  -9.267  -14.477 1.00 51.48 ? 285 HOH A O   1 
HETATM 1290 O  O   . HOH D 3 .   ? 4.119   -9.742  -15.900 1.00 37.10 ? 286 HOH A O   1 
HETATM 1291 O  O   . HOH D 3 .   ? 0.706   -11.390 -14.091 1.00 38.54 ? 287 HOH A O   1 
HETATM 1292 O  O   . HOH D 3 .   ? -4.119  19.766  13.663  1.00 55.98 ? 288 HOH A O   1 
HETATM 1293 O  O   . HOH D 3 .   ? 0.880   16.804  15.781  1.00 49.31 ? 289 HOH A O   1 
HETATM 1294 O  O   . HOH D 3 .   ? -2.782  21.551  9.169   1.00 45.56 ? 290 HOH A O   1 
HETATM 1295 O  O   . HOH D 3 .   ? -3.932  16.493  15.539  1.00 51.07 ? 291 HOH A O   1 
HETATM 1296 O  O   . HOH D 3 .   ? 16.225  -3.077  -7.895  0.50 47.60 ? 292 HOH A O   1 
HETATM 1297 O  O   . HOH D 3 .   ? -16.670 1.169   -6.334  1.00 50.16 ? 293 HOH A O   1 
HETATM 1298 O  O   . HOH D 3 .   ? 14.722  -7.507  1.846   1.00 53.17 ? 294 HOH A O   1 
HETATM 1299 O  O   . HOH D 3 .   ? 14.243  -10.117 9.991   1.00 39.28 ? 295 HOH A O   1 
HETATM 1300 O  O   . HOH D 3 .   ? 15.676  -9.107  6.275   1.00 45.32 ? 296 HOH A O   1 
HETATM 1301 O  O   . HOH D 3 .   ? -16.214 -7.450  -0.941  1.00 53.28 ? 297 HOH A O   1 
HETATM 1302 O  O   . HOH D 3 .   ? -14.099 -5.973  -1.579  1.00 38.95 ? 298 HOH A O   1 
HETATM 1303 O  O   . HOH D 3 .   ? -4.392  -3.396  6.839   1.00 40.37 ? 299 HOH A O   1 
HETATM 1304 O  O   . HOH D 3 .   ? 6.531   3.310   14.035  1.00 39.87 ? 300 HOH A O   1 
HETATM 1305 O  O   . HOH D 3 .   ? -1.757  10.808  6.383   1.00 47.65 ? 301 HOH A O   1 
HETATM 1306 O  O   . HOH D 3 .   ? 1.879   3.127   10.182  1.00 44.15 ? 302 HOH A O   1 
HETATM 1307 O  O   . HOH D 3 .   ? -3.690  16.412  -15.322 1.00 51.37 ? 303 HOH A O   1 
HETATM 1308 O  O   . HOH D 3 .   ? -5.247  15.379  -8.378  1.00 53.10 ? 304 HOH A O   1 
HETATM 1309 O  O   . HOH D 3 .   ? 1.512   -12.439 8.353   1.00 42.89 ? 305 HOH A O   1 
HETATM 1310 O  O   . HOH D 3 .   ? -7.939  -3.624  7.579   1.00 46.64 ? 306 HOH A O   1 
HETATM 1311 O  O   . HOH D 3 .   ? -9.137  2.235   2.777   1.00 46.20 ? 307 HOH A O   1 
HETATM 1312 O  O   . HOH D 3 .   ? 3.994   4.831   -14.324 1.00 53.61 ? 308 HOH A O   1 
HETATM 1313 O  O   . HOH D 3 .   ? -3.471  -3.389  10.739  1.00 48.24 ? 309 HOH A O   1 
HETATM 1314 O  O   . HOH D 3 .   ? 6.276   15.448  19.725  1.00 45.16 ? 310 HOH A O   1 
HETATM 1315 O  O   . HOH D 3 .   ? 9.258   7.212   18.761  1.00 49.08 ? 311 HOH A O   1 
HETATM 1316 O  O   . HOH D 3 .   ? 17.894  -6.322  -1.109  1.00 38.92 ? 312 HOH A O   1 
HETATM 1317 O  O   . HOH D 3 .   ? 16.963  -8.307  -1.005  1.00 49.36 ? 313 HOH A O   1 
HETATM 1318 O  O   . HOH D 3 .   ? -19.063 -6.579  1.436   1.00 47.40 ? 314 HOH A O   1 
HETATM 1319 O  O   . HOH D 3 .   ? -5.960  15.444  -6.298  1.00 43.98 ? 315 HOH A O   1 
HETATM 1320 O  O   . HOH D 3 .   ? -7.082  -10.912 10.942  1.00 49.86 ? 316 HOH A O   1 
HETATM 1321 O  O   . HOH D 3 .   ? 12.825  -10.046 3.072   1.00 43.20 ? 317 HOH A O   1 
HETATM 1322 O  O   . HOH D 3 .   ? -16.988 -12.812 6.854   1.00 43.76 ? 318 HOH A O   1 
HETATM 1323 O  O   . HOH D 3 .   ? -11.412 -22.157 -4.483  1.00 49.21 ? 319 HOH A O   1 
HETATM 1324 O  O   . HOH D 3 .   ? -2.110  6.878   -3.946  1.00 42.54 ? 320 HOH A O   1 
HETATM 1325 O  O   . HOH D 3 .   ? 4.915   19.273  -5.530  1.00 41.77 ? 321 HOH A O   1 
HETATM 1326 O  O   . HOH D 3 .   ? -0.041  17.715  -2.337  1.00 53.26 ? 322 HOH A O   1 
HETATM 1327 O  O   . HOH D 3 .   ? 1.379   17.582  0.031   1.00 52.52 ? 323 HOH A O   1 
# 
